data_2LV8
#
_entry.id   2LV8
#
_entity_poly.entity_id   1
_entity_poly.type   'polypeptide(L)'
_entity_poly.pdbx_seq_one_letter_code
;MLLYVLIISNDKKLIEEARKMAEKANLELRTVKTEDELKKYLEEFRKESQNIKVLILVSNDEELDKAKELAQKMEIDVRT
RKVTSPDEAKRWIKEFSEEGGSLEHHHHHH
;
_entity_poly.pdbx_strand_id   A
#
# COMPACT_ATOMS: atom_id res chain seq x y z
N MET A 1 -11.50 0.19 10.71
CA MET A 1 -10.95 0.16 9.33
C MET A 1 -9.56 -0.50 9.35
N LEU A 2 -9.33 -1.45 8.43
CA LEU A 2 -8.06 -2.20 8.31
C LEU A 2 -7.18 -1.51 7.26
N LEU A 3 -6.07 -0.89 7.70
CA LEU A 3 -5.14 -0.15 6.83
C LEU A 3 -3.84 -0.95 6.65
N TYR A 4 -3.62 -1.40 5.42
CA TYR A 4 -2.43 -2.17 5.03
C TYR A 4 -1.61 -1.35 4.05
N VAL A 5 -0.29 -1.49 4.16
CA VAL A 5 0.68 -0.88 3.26
C VAL A 5 1.55 -1.99 2.64
N LEU A 6 1.62 -2.04 1.31
CA LEU A 6 2.57 -2.91 0.59
C LEU A 6 3.64 -2.02 -0.02
N ILE A 7 4.88 -2.51 -0.12
CA ILE A 7 5.98 -1.72 -0.71
C ILE A 7 6.81 -2.59 -1.67
N ILE A 8 6.78 -2.22 -2.97
CA ILE A 8 7.60 -2.86 -3.99
C ILE A 8 8.84 -1.99 -4.22
N SER A 9 9.98 -2.42 -3.66
CA SER A 9 11.26 -1.71 -3.77
C SER A 9 12.41 -2.69 -3.49
N ASN A 10 13.55 -2.46 -4.13
CA ASN A 10 14.79 -3.23 -3.90
C ASN A 10 15.71 -2.47 -2.93
N ASP A 11 15.57 -1.12 -2.89
CA ASP A 11 16.39 -0.26 -2.02
C ASP A 11 16.03 -0.51 -0.55
N LYS A 12 16.94 -1.20 0.17
CA LYS A 12 16.77 -1.53 1.60
C LYS A 12 16.47 -0.28 2.43
N LYS A 13 17.16 0.82 2.11
CA LYS A 13 17.06 2.09 2.86
C LYS A 13 15.67 2.71 2.70
N LEU A 14 15.11 2.66 1.47
CA LEU A 14 13.76 3.17 1.16
C LEU A 14 12.70 2.31 1.90
N ILE A 15 12.91 0.97 1.88
CA ILE A 15 12.01 -0.02 2.54
C ILE A 15 11.96 0.22 4.05
N GLU A 16 13.15 0.34 4.66
CA GLU A 16 13.31 0.50 6.12
C GLU A 16 12.67 1.80 6.59
N GLU A 17 12.98 2.92 5.89
CA GLU A 17 12.43 4.26 6.19
C GLU A 17 10.89 4.26 6.21
N ALA A 18 10.29 3.62 5.19
CA ALA A 18 8.84 3.47 5.07
C ALA A 18 8.27 2.59 6.20
N ARG A 19 8.94 1.45 6.47
CA ARG A 19 8.48 0.44 7.44
C ARG A 19 8.51 0.98 8.88
N LYS A 20 9.49 1.85 9.16
CA LYS A 20 9.61 2.55 10.45
C LYS A 20 8.35 3.38 10.68
N MET A 21 7.97 4.18 9.66
CA MET A 21 6.78 5.06 9.71
C MET A 21 5.51 4.26 9.92
N ALA A 22 5.44 3.08 9.28
CA ALA A 22 4.30 2.17 9.40
C ALA A 22 4.14 1.68 10.85
N GLU A 23 5.24 1.23 11.48
CA GLU A 23 5.22 0.71 12.87
C GLU A 23 4.88 1.84 13.86
N LYS A 24 5.43 3.03 13.60
CA LYS A 24 5.18 4.26 14.38
C LYS A 24 3.70 4.73 14.24
N ALA A 25 3.11 4.47 13.06
CA ALA A 25 1.69 4.82 12.76
C ALA A 25 0.74 3.63 13.07
N ASN A 26 1.34 2.46 13.38
CA ASN A 26 0.61 1.18 13.62
C ASN A 26 -0.26 0.81 12.40
N LEU A 27 0.44 0.65 11.26
CA LEU A 27 -0.11 0.19 9.98
C LEU A 27 0.67 -1.08 9.59
N GLU A 28 -0.04 -2.10 9.07
CA GLU A 28 0.57 -3.38 8.69
C GLU A 28 1.28 -3.23 7.34
N LEU A 29 2.60 -3.00 7.37
CA LEU A 29 3.42 -2.88 6.16
C LEU A 29 4.06 -4.23 5.86
N ARG A 30 3.97 -4.65 4.60
CA ARG A 30 4.49 -5.92 4.11
C ARG A 30 5.33 -5.66 2.85
N THR A 31 6.57 -6.18 2.86
CA THR A 31 7.55 -5.94 1.82
C THR A 31 7.31 -6.92 0.66
N VAL A 32 7.00 -6.35 -0.52
CA VAL A 32 6.70 -7.11 -1.74
C VAL A 32 7.89 -7.06 -2.70
N LYS A 33 8.21 -8.24 -3.29
CA LYS A 33 9.22 -8.37 -4.33
C LYS A 33 8.56 -8.32 -5.72
N THR A 34 7.87 -9.41 -6.07
CA THR A 34 7.40 -9.68 -7.45
C THR A 34 5.86 -9.60 -7.54
N GLU A 35 5.33 -9.88 -8.76
CA GLU A 35 3.88 -10.01 -9.02
C GLU A 35 3.32 -11.17 -8.20
N ASP A 36 4.12 -12.26 -8.06
CA ASP A 36 3.77 -13.43 -7.25
C ASP A 36 3.42 -13.00 -5.82
N GLU A 37 4.29 -12.15 -5.24
CA GLU A 37 4.17 -11.67 -3.86
C GLU A 37 3.08 -10.62 -3.69
N LEU A 38 2.90 -9.77 -4.71
CA LEU A 38 1.88 -8.70 -4.68
C LEU A 38 0.49 -9.36 -4.66
N LYS A 39 0.31 -10.36 -5.55
CA LYS A 39 -0.92 -11.15 -5.63
C LYS A 39 -1.10 -11.98 -4.36
N LYS A 40 0.01 -12.53 -3.84
CA LYS A 40 0.04 -13.43 -2.65
C LYS A 40 -0.48 -12.70 -1.39
N TYR A 41 -0.13 -11.41 -1.27
CA TYR A 41 -0.63 -10.54 -0.19
C TYR A 41 -2.08 -10.13 -0.46
N LEU A 42 -2.45 -9.86 -1.73
CA LEU A 42 -3.85 -9.54 -2.11
C LEU A 42 -4.79 -10.72 -1.77
N GLU A 43 -4.31 -11.97 -2.00
CA GLU A 43 -5.01 -13.22 -1.64
C GLU A 43 -5.35 -13.21 -0.14
N GLU A 44 -4.34 -12.82 0.65
CA GLU A 44 -4.41 -12.80 2.12
C GLU A 44 -5.51 -11.84 2.60
N PHE A 45 -5.57 -10.64 1.97
CA PHE A 45 -6.47 -9.54 2.39
C PHE A 45 -7.95 -9.78 1.97
N ARG A 46 -8.20 -10.79 1.09
CA ARG A 46 -9.57 -11.10 0.60
C ARG A 46 -10.46 -11.64 1.74
N LYS A 47 -9.87 -12.48 2.62
CA LYS A 47 -10.60 -13.17 3.71
C LYS A 47 -11.20 -12.17 4.72
N GLU A 48 -10.61 -10.96 4.77
CA GLU A 48 -10.99 -9.90 5.71
C GLU A 48 -11.23 -8.58 4.95
N SER A 49 -11.77 -8.71 3.71
CA SER A 49 -12.17 -7.54 2.90
C SER A 49 -13.47 -6.91 3.48
N GLN A 50 -13.28 -6.15 4.56
CA GLN A 50 -14.34 -5.48 5.31
C GLN A 50 -13.80 -4.15 5.83
N ASN A 51 -14.10 -3.06 5.08
CA ASN A 51 -13.58 -1.69 5.38
C ASN A 51 -12.04 -1.70 5.37
N ILE A 52 -11.46 -2.37 4.35
CA ILE A 52 -10.01 -2.54 4.21
C ILE A 52 -9.51 -1.67 3.06
N LYS A 53 -8.32 -1.07 3.24
CA LYS A 53 -7.66 -0.23 2.25
C LYS A 53 -6.17 -0.58 2.25
N VAL A 54 -5.59 -0.74 1.05
CA VAL A 54 -4.16 -1.03 0.87
C VAL A 54 -3.48 0.16 0.17
N LEU A 55 -2.25 0.47 0.57
CA LEU A 55 -1.40 1.49 -0.05
C LEU A 55 -0.11 0.84 -0.57
N ILE A 56 0.06 0.77 -1.90
CA ILE A 56 1.24 0.14 -2.53
C ILE A 56 2.23 1.23 -2.99
N LEU A 57 3.42 1.28 -2.35
CA LEU A 57 4.50 2.21 -2.71
C LEU A 57 5.48 1.46 -3.62
N VAL A 58 5.57 1.87 -4.87
CA VAL A 58 6.44 1.24 -5.87
C VAL A 58 7.64 2.14 -6.16
N SER A 59 8.62 1.60 -6.88
CA SER A 59 9.85 2.35 -7.23
C SER A 59 9.70 3.00 -8.61
N ASN A 60 9.25 2.19 -9.59
CA ASN A 60 9.17 2.59 -11.01
C ASN A 60 7.70 2.63 -11.47
N ASP A 61 7.49 3.30 -12.63
CA ASP A 61 6.17 3.35 -13.30
C ASP A 61 5.75 1.97 -13.81
N GLU A 62 6.75 1.09 -14.01
CA GLU A 62 6.55 -0.32 -14.37
C GLU A 62 5.72 -1.06 -13.30
N GLU A 63 6.18 -0.97 -12.03
CA GLU A 63 5.49 -1.59 -10.88
C GLU A 63 4.20 -0.81 -10.54
N LEU A 64 4.21 0.51 -10.82
CA LEU A 64 3.04 1.39 -10.61
C LEU A 64 1.83 0.86 -11.37
N ASP A 65 2.00 0.70 -12.69
CA ASP A 65 0.92 0.24 -13.59
C ASP A 65 0.58 -1.23 -13.30
N LYS A 66 1.62 -2.01 -12.96
CA LYS A 66 1.51 -3.45 -12.65
C LYS A 66 0.59 -3.67 -11.44
N ALA A 67 0.87 -2.95 -10.34
CA ALA A 67 0.18 -3.10 -9.05
C ALA A 67 -1.22 -2.51 -9.09
N LYS A 68 -1.44 -1.47 -9.94
CA LYS A 68 -2.80 -0.94 -10.20
C LYS A 68 -3.67 -2.03 -10.85
N GLU A 69 -3.12 -2.69 -11.89
CA GLU A 69 -3.84 -3.75 -12.64
C GLU A 69 -4.22 -4.91 -11.73
N LEU A 70 -3.25 -5.34 -10.92
CA LEU A 70 -3.43 -6.46 -9.97
C LEU A 70 -4.51 -6.13 -8.92
N ALA A 71 -4.46 -4.90 -8.39
CA ALA A 71 -5.44 -4.40 -7.39
C ALA A 71 -6.87 -4.37 -7.95
N GLN A 72 -7.02 -3.92 -9.22
CA GLN A 72 -8.33 -3.77 -9.89
C GLN A 72 -8.93 -5.14 -10.25
N LYS A 73 -8.06 -6.09 -10.67
CA LYS A 73 -8.45 -7.49 -10.96
C LYS A 73 -8.99 -8.19 -9.69
N MET A 74 -8.38 -7.87 -8.54
CA MET A 74 -8.81 -8.35 -7.22
C MET A 74 -9.96 -7.48 -6.67
N GLU A 75 -10.21 -6.32 -7.31
CA GLU A 75 -11.23 -5.32 -6.90
C GLU A 75 -11.09 -4.88 -5.42
N ILE A 76 -9.86 -5.00 -4.87
CA ILE A 76 -9.55 -4.56 -3.50
C ILE A 76 -9.29 -3.05 -3.51
N ASP A 77 -9.75 -2.35 -2.47
CA ASP A 77 -9.71 -0.88 -2.40
C ASP A 77 -8.27 -0.39 -2.11
N VAL A 78 -7.52 -0.10 -3.19
CA VAL A 78 -6.08 0.18 -3.13
C VAL A 78 -5.73 1.56 -3.74
N ARG A 79 -4.69 2.21 -3.18
CA ARG A 79 -4.01 3.38 -3.77
C ARG A 79 -2.60 2.95 -4.12
N THR A 80 -2.23 3.04 -5.39
CA THR A 80 -0.88 2.70 -5.85
C THR A 80 -0.14 4.02 -6.15
N ARG A 81 0.89 4.31 -5.33
CA ARG A 81 1.70 5.54 -5.43
C ARG A 81 3.13 5.17 -5.80
N LYS A 82 3.75 5.95 -6.69
CA LYS A 82 5.16 5.76 -7.05
C LYS A 82 6.03 6.71 -6.24
N VAL A 83 7.18 6.19 -5.76
CA VAL A 83 8.16 6.95 -4.99
C VAL A 83 9.56 6.68 -5.57
N THR A 84 10.32 7.76 -5.74
CA THR A 84 11.72 7.72 -6.20
C THR A 84 12.67 8.07 -5.05
N SER A 85 12.10 8.21 -3.83
CA SER A 85 12.79 8.69 -2.64
C SER A 85 12.02 8.24 -1.37
N PRO A 86 12.75 7.80 -0.28
CA PRO A 86 12.12 7.31 0.98
C PRO A 86 11.14 8.32 1.63
N ASP A 87 11.50 9.63 1.63
CA ASP A 87 10.67 10.69 2.29
C ASP A 87 9.26 10.77 1.68
N GLU A 88 9.16 10.49 0.37
CA GLU A 88 7.87 10.44 -0.34
C GLU A 88 7.04 9.24 0.13
N ALA A 89 7.70 8.06 0.27
CA ALA A 89 7.06 6.82 0.74
C ALA A 89 6.49 7.02 2.16
N LYS A 90 7.29 7.70 3.00
CA LYS A 90 6.96 8.00 4.39
C LYS A 90 5.77 8.98 4.48
N ARG A 91 5.72 9.96 3.54
CA ARG A 91 4.64 10.94 3.47
C ARG A 91 3.29 10.25 3.21
N TRP A 92 3.23 9.42 2.14
CA TRP A 92 1.99 8.71 1.76
C TRP A 92 1.46 7.82 2.90
N ILE A 93 2.37 7.22 3.68
CA ILE A 93 2.01 6.35 4.83
C ILE A 93 1.39 7.20 5.95
N LYS A 94 2.01 8.37 6.23
CA LYS A 94 1.48 9.34 7.20
C LYS A 94 0.04 9.77 6.82
N GLU A 95 -0.15 10.22 5.57
CA GLU A 95 -1.45 10.74 5.09
C GLU A 95 -2.51 9.63 5.06
N PHE A 96 -2.12 8.42 4.64
CA PHE A 96 -3.00 7.22 4.58
C PHE A 96 -3.48 6.83 5.99
N SER A 97 -2.63 7.11 6.99
CA SER A 97 -2.94 6.87 8.40
C SER A 97 -3.95 7.94 8.90
N GLU A 98 -3.64 9.23 8.66
CA GLU A 98 -4.42 10.38 9.19
C GLU A 98 -5.85 10.41 8.61
N GLU A 99 -5.94 10.25 7.28
CA GLU A 99 -7.22 10.24 6.55
C GLU A 99 -7.98 8.93 6.76
N GLY A 100 -7.24 7.87 7.15
CA GLY A 100 -7.75 6.50 7.13
C GLY A 100 -7.99 6.05 5.70
N GLY A 101 -7.14 6.55 4.78
CA GLY A 101 -7.38 6.48 3.34
C GLY A 101 -8.52 7.40 2.95
N SER A 102 -8.22 8.44 2.15
CA SER A 102 -9.23 9.33 1.59
C SER A 102 -9.95 8.60 0.42
N LEU A 103 -10.68 9.35 -0.41
CA LEU A 103 -11.33 8.80 -1.61
C LEU A 103 -10.25 8.25 -2.57
N GLU A 104 -9.49 9.17 -3.20
CA GLU A 104 -8.27 8.86 -4.00
C GLU A 104 -8.53 7.99 -5.24
N HIS A 105 -9.83 7.75 -5.57
CA HIS A 105 -10.24 6.94 -6.72
C HIS A 105 -10.55 7.90 -7.89
N HIS A 106 -9.48 8.55 -8.39
CA HIS A 106 -9.57 9.56 -9.46
C HIS A 106 -9.94 8.89 -10.79
N HIS A 107 -9.56 7.62 -10.94
CA HIS A 107 -9.84 6.82 -12.13
C HIS A 107 -10.14 5.37 -11.71
N HIS A 108 -11.39 4.94 -11.91
CA HIS A 108 -11.81 3.53 -11.72
C HIS A 108 -12.41 2.94 -13.02
N HIS A 109 -12.51 3.78 -14.07
CA HIS A 109 -13.04 3.37 -15.39
C HIS A 109 -11.97 2.53 -16.14
N HIS A 110 -11.99 1.23 -15.87
CA HIS A 110 -11.02 0.28 -16.43
C HIS A 110 -11.80 -0.87 -17.13
N MET A 1 -10.44 0.19 11.61
CA MET A 1 -10.47 -0.26 10.21
C MET A 1 -9.10 -0.82 9.81
N LEU A 2 -9.12 -1.88 8.99
CA LEU A 2 -7.89 -2.53 8.50
C LEU A 2 -7.18 -1.61 7.49
N LEU A 3 -6.05 -1.03 7.92
CA LEU A 3 -5.19 -0.21 7.06
C LEU A 3 -3.85 -0.95 6.88
N TYR A 4 -3.59 -1.40 5.65
CA TYR A 4 -2.38 -2.15 5.29
C TYR A 4 -1.60 -1.38 4.23
N VAL A 5 -0.27 -1.51 4.31
CA VAL A 5 0.67 -0.90 3.37
C VAL A 5 1.55 -2.01 2.77
N LEU A 6 1.68 -2.01 1.44
CA LEU A 6 2.64 -2.86 0.72
C LEU A 6 3.70 -1.95 0.11
N ILE A 7 4.94 -2.44 0.00
CA ILE A 7 6.02 -1.69 -0.67
C ILE A 7 6.74 -2.60 -1.69
N ILE A 8 6.75 -2.20 -2.97
CA ILE A 8 7.50 -2.89 -4.01
C ILE A 8 8.74 -2.05 -4.33
N SER A 9 9.89 -2.45 -3.79
CA SER A 9 11.17 -1.77 -3.96
C SER A 9 12.32 -2.74 -3.63
N ASN A 10 13.49 -2.53 -4.25
CA ASN A 10 14.72 -3.26 -3.91
C ASN A 10 15.57 -2.42 -2.94
N ASP A 11 15.33 -1.08 -2.94
CA ASP A 11 16.09 -0.11 -2.13
C ASP A 11 15.87 -0.38 -0.63
N LYS A 12 16.84 -1.05 0.00
CA LYS A 12 16.76 -1.58 1.38
C LYS A 12 16.50 -0.47 2.41
N LYS A 13 17.11 0.70 2.15
CA LYS A 13 17.00 1.88 3.02
C LYS A 13 15.60 2.52 2.87
N LEU A 14 15.06 2.54 1.63
CA LEU A 14 13.71 3.07 1.35
C LEU A 14 12.63 2.13 1.96
N ILE A 15 12.92 0.81 1.94
CA ILE A 15 12.08 -0.25 2.56
C ILE A 15 12.02 -0.04 4.10
N GLU A 16 13.21 0.20 4.69
CA GLU A 16 13.36 0.50 6.12
C GLU A 16 12.61 1.78 6.51
N GLU A 17 12.85 2.87 5.76
CA GLU A 17 12.23 4.19 6.01
C GLU A 17 10.69 4.12 6.01
N ALA A 18 10.15 3.37 5.05
CA ALA A 18 8.71 3.14 4.92
C ALA A 18 8.17 2.30 6.10
N ARG A 19 8.89 1.21 6.44
CA ARG A 19 8.49 0.26 7.49
C ARG A 19 8.45 0.93 8.88
N LYS A 20 9.46 1.78 9.15
CA LYS A 20 9.57 2.53 10.42
C LYS A 20 8.35 3.42 10.62
N MET A 21 8.03 4.18 9.56
CA MET A 21 6.90 5.12 9.54
C MET A 21 5.56 4.41 9.66
N ALA A 22 5.48 3.19 9.12
CA ALA A 22 4.29 2.36 9.23
C ALA A 22 4.07 1.89 10.68
N GLU A 23 5.17 1.53 11.35
CA GLU A 23 5.14 1.07 12.76
C GLU A 23 4.87 2.25 13.72
N LYS A 24 5.31 3.45 13.31
CA LYS A 24 5.00 4.72 14.02
C LYS A 24 3.50 5.06 13.84
N ALA A 25 3.00 4.88 12.62
CA ALA A 25 1.60 5.14 12.23
C ALA A 25 0.68 3.95 12.58
N ASN A 26 1.28 2.85 13.11
CA ASN A 26 0.57 1.63 13.59
C ASN A 26 -0.11 0.86 12.43
N LEU A 27 0.35 1.11 11.19
CA LEU A 27 -0.06 0.38 9.98
C LEU A 27 0.86 -0.83 9.77
N GLU A 28 0.32 -1.96 9.29
CA GLU A 28 1.12 -3.17 9.00
C GLU A 28 1.68 -3.07 7.58
N LEU A 29 3.01 -3.20 7.45
CA LEU A 29 3.71 -3.06 6.17
C LEU A 29 4.37 -4.39 5.80
N ARG A 30 4.16 -4.82 4.56
CA ARG A 30 4.70 -6.08 4.03
C ARG A 30 5.52 -5.79 2.77
N THR A 31 6.67 -6.44 2.66
CA THR A 31 7.64 -6.23 1.59
C THR A 31 7.33 -7.13 0.38
N VAL A 32 6.97 -6.47 -0.72
CA VAL A 32 6.76 -7.10 -2.03
C VAL A 32 8.06 -6.98 -2.82
N LYS A 33 8.67 -8.11 -3.17
CA LYS A 33 10.00 -8.16 -3.82
C LYS A 33 9.83 -8.54 -5.30
N THR A 34 8.78 -9.32 -5.59
CA THR A 34 8.36 -9.71 -6.95
C THR A 34 6.85 -9.45 -7.11
N GLU A 35 6.40 -9.22 -8.36
CA GLU A 35 5.00 -8.86 -8.70
C GLU A 35 3.99 -9.98 -8.32
N ASP A 36 4.46 -11.24 -8.32
CA ASP A 36 3.64 -12.41 -7.94
C ASP A 36 3.33 -12.43 -6.42
N GLU A 37 4.22 -11.80 -5.63
CA GLU A 37 4.02 -11.61 -4.17
C GLU A 37 2.94 -10.55 -3.89
N LEU A 38 2.84 -9.54 -4.77
CA LEU A 38 1.80 -8.50 -4.70
C LEU A 38 0.40 -9.18 -4.73
N LYS A 39 0.29 -10.19 -5.62
CA LYS A 39 -0.91 -11.02 -5.79
C LYS A 39 -1.28 -11.77 -4.48
N LYS A 40 -0.29 -12.47 -3.88
CA LYS A 40 -0.55 -13.36 -2.71
C LYS A 40 -0.98 -12.56 -1.47
N TYR A 41 -0.45 -11.32 -1.33
CA TYR A 41 -0.86 -10.40 -0.26
C TYR A 41 -2.32 -9.98 -0.45
N LEU A 42 -2.69 -9.66 -1.72
CA LEU A 42 -4.08 -9.34 -2.10
C LEU A 42 -5.04 -10.53 -1.84
N GLU A 43 -4.55 -11.77 -2.05
CA GLU A 43 -5.28 -13.03 -1.75
C GLU A 43 -5.69 -13.09 -0.27
N GLU A 44 -4.80 -12.62 0.62
CA GLU A 44 -5.08 -12.50 2.05
C GLU A 44 -6.09 -11.37 2.31
N PHE A 45 -5.95 -10.26 1.57
CA PHE A 45 -6.85 -9.09 1.71
C PHE A 45 -8.29 -9.39 1.21
N ARG A 46 -8.43 -10.44 0.38
CA ARG A 46 -9.75 -10.92 -0.11
C ARG A 46 -10.62 -11.46 1.04
N LYS A 47 -10.04 -12.40 1.82
CA LYS A 47 -10.74 -13.12 2.91
C LYS A 47 -11.05 -12.19 4.11
N GLU A 48 -10.49 -10.97 4.08
CA GLU A 48 -10.69 -9.95 5.14
C GLU A 48 -11.15 -8.61 4.53
N SER A 49 -11.83 -8.68 3.35
CA SER A 49 -12.47 -7.50 2.74
C SER A 49 -13.69 -7.08 3.60
N GLN A 50 -13.41 -6.27 4.64
CA GLN A 50 -14.40 -5.77 5.61
C GLN A 50 -13.81 -4.48 6.29
N ASN A 51 -14.04 -3.32 5.63
CA ASN A 51 -13.43 -2.04 6.00
C ASN A 51 -11.90 -2.15 5.97
N ILE A 52 -11.38 -2.50 4.78
CA ILE A 52 -9.95 -2.64 4.54
C ILE A 52 -9.55 -1.69 3.40
N LYS A 53 -8.36 -1.09 3.54
CA LYS A 53 -7.78 -0.18 2.53
C LYS A 53 -6.29 -0.47 2.47
N VAL A 54 -5.76 -0.61 1.24
CA VAL A 54 -4.35 -0.94 1.00
C VAL A 54 -3.66 0.25 0.30
N LEU A 55 -2.42 0.54 0.72
CA LEU A 55 -1.56 1.57 0.12
C LEU A 55 -0.27 0.90 -0.38
N ILE A 56 -0.06 0.86 -1.70
CA ILE A 56 1.12 0.23 -2.32
C ILE A 56 2.08 1.33 -2.79
N LEU A 57 3.31 1.36 -2.25
CA LEU A 57 4.38 2.30 -2.65
C LEU A 57 5.37 1.52 -3.50
N VAL A 58 5.45 1.87 -4.77
CA VAL A 58 6.29 1.16 -5.74
C VAL A 58 7.51 2.01 -6.10
N SER A 59 8.54 1.37 -6.66
CA SER A 59 9.77 2.06 -7.09
C SER A 59 9.60 2.64 -8.50
N ASN A 60 9.16 1.78 -9.43
CA ASN A 60 9.17 2.06 -10.88
C ASN A 60 7.75 2.12 -11.45
N ASP A 61 7.64 2.75 -12.65
CA ASP A 61 6.37 2.88 -13.41
C ASP A 61 5.78 1.52 -13.83
N GLU A 62 6.66 0.50 -13.99
CA GLU A 62 6.26 -0.88 -14.27
C GLU A 62 5.60 -1.53 -13.05
N GLU A 63 6.19 -1.32 -11.87
CA GLU A 63 5.61 -1.80 -10.60
C GLU A 63 4.31 -1.05 -10.28
N LEU A 64 4.24 0.22 -10.68
CA LEU A 64 3.03 1.06 -10.58
C LEU A 64 1.91 0.45 -11.43
N ASP A 65 2.27 0.11 -12.68
CA ASP A 65 1.37 -0.48 -13.68
C ASP A 65 0.85 -1.85 -13.21
N LYS A 66 1.77 -2.67 -12.69
CA LYS A 66 1.49 -4.05 -12.26
C LYS A 66 0.64 -4.07 -10.97
N ALA A 67 0.99 -3.21 -9.99
CA ALA A 67 0.28 -3.15 -8.70
C ALA A 67 -1.17 -2.67 -8.86
N LYS A 68 -1.37 -1.64 -9.72
CA LYS A 68 -2.72 -1.14 -10.04
C LYS A 68 -3.54 -2.21 -10.78
N GLU A 69 -2.90 -2.86 -11.78
CA GLU A 69 -3.52 -3.89 -12.62
C GLU A 69 -4.06 -5.02 -11.74
N LEU A 70 -3.16 -5.65 -10.98
CA LEU A 70 -3.46 -6.81 -10.13
C LEU A 70 -4.55 -6.47 -9.08
N ALA A 71 -4.40 -5.31 -8.40
CA ALA A 71 -5.33 -4.85 -7.34
C ALA A 71 -6.77 -4.60 -7.88
N GLN A 72 -6.86 -3.99 -9.07
CA GLN A 72 -8.16 -3.68 -9.71
C GLN A 72 -8.82 -4.95 -10.25
N LYS A 73 -8.01 -5.92 -10.70
CA LYS A 73 -8.49 -7.24 -11.16
C LYS A 73 -8.94 -8.11 -9.95
N MET A 74 -8.32 -7.87 -8.78
CA MET A 74 -8.78 -8.43 -7.49
C MET A 74 -10.03 -7.68 -6.99
N GLU A 75 -10.28 -6.49 -7.61
CA GLU A 75 -11.43 -5.60 -7.30
C GLU A 75 -11.41 -5.12 -5.83
N ILE A 76 -10.19 -5.03 -5.25
CA ILE A 76 -9.97 -4.57 -3.86
C ILE A 76 -9.69 -3.04 -3.84
N ASP A 77 -10.14 -2.34 -2.77
CA ASP A 77 -10.05 -0.87 -2.65
C ASP A 77 -8.61 -0.42 -2.28
N VAL A 78 -7.81 -0.03 -3.29
CA VAL A 78 -6.35 0.22 -3.13
C VAL A 78 -5.95 1.60 -3.72
N ARG A 79 -4.94 2.23 -3.06
CA ARG A 79 -4.23 3.42 -3.58
C ARG A 79 -2.80 2.98 -3.92
N THR A 80 -2.35 3.25 -5.14
CA THR A 80 -0.97 2.93 -5.57
C THR A 80 -0.24 4.22 -5.96
N ARG A 81 0.93 4.45 -5.37
CA ARG A 81 1.77 5.65 -5.57
C ARG A 81 3.18 5.21 -5.93
N LYS A 82 3.79 5.86 -6.94
CA LYS A 82 5.18 5.60 -7.33
C LYS A 82 6.10 6.57 -6.59
N VAL A 83 6.98 6.02 -5.75
CA VAL A 83 7.97 6.78 -5.00
C VAL A 83 9.39 6.49 -5.57
N THR A 84 10.17 7.57 -5.76
CA THR A 84 11.59 7.50 -6.17
C THR A 84 12.49 7.96 -5.02
N SER A 85 11.90 8.71 -4.07
CA SER A 85 12.58 9.25 -2.88
C SER A 85 11.92 8.64 -1.62
N PRO A 86 12.70 8.29 -0.54
CA PRO A 86 12.14 7.80 0.74
C PRO A 86 11.13 8.79 1.36
N ASP A 87 11.38 10.10 1.16
CA ASP A 87 10.51 11.21 1.63
C ASP A 87 9.04 11.03 1.21
N GLU A 88 8.87 10.64 -0.08
CA GLU A 88 7.55 10.40 -0.69
C GLU A 88 6.85 9.21 -0.02
N ALA A 89 7.60 8.10 0.13
CA ALA A 89 7.08 6.82 0.66
C ALA A 89 6.58 6.99 2.10
N LYS A 90 7.39 7.69 2.91
CA LYS A 90 7.10 7.95 4.32
C LYS A 90 5.90 8.88 4.49
N ARG A 91 5.82 9.92 3.61
CA ARG A 91 4.74 10.90 3.64
C ARG A 91 3.39 10.22 3.45
N TRP A 92 3.24 9.41 2.37
CA TRP A 92 1.97 8.73 2.04
C TRP A 92 1.45 7.83 3.18
N ILE A 93 2.37 7.27 3.99
CA ILE A 93 2.01 6.40 5.12
C ILE A 93 1.49 7.25 6.30
N LYS A 94 2.26 8.31 6.63
CA LYS A 94 1.86 9.39 7.59
C LYS A 94 0.46 9.94 7.26
N GLU A 95 0.21 10.18 5.97
CA GLU A 95 -1.08 10.67 5.48
C GLU A 95 -2.16 9.58 5.70
N PHE A 96 -1.92 8.38 5.11
CA PHE A 96 -2.89 7.26 5.02
C PHE A 96 -3.51 6.87 6.38
N SER A 97 -2.70 6.95 7.42
CA SER A 97 -3.13 6.67 8.81
C SER A 97 -4.03 7.81 9.35
N GLU A 98 -3.52 9.06 9.26
CA GLU A 98 -4.25 10.26 9.73
C GLU A 98 -5.55 10.49 8.91
N GLU A 99 -5.58 9.98 7.67
CA GLU A 99 -6.76 9.99 6.81
C GLU A 99 -7.75 8.94 7.34
N GLY A 100 -7.24 7.71 7.51
CA GLY A 100 -8.06 6.53 7.80
C GLY A 100 -8.99 6.24 6.62
N GLY A 101 -10.13 6.95 6.59
CA GLY A 101 -11.02 6.96 5.43
C GLY A 101 -12.32 6.22 5.66
N SER A 102 -13.10 6.71 6.64
CA SER A 102 -14.43 6.18 6.95
C SER A 102 -15.40 6.43 5.78
N LEU A 103 -15.38 7.66 5.24
CA LEU A 103 -16.27 8.05 4.12
C LEU A 103 -15.70 7.53 2.80
N GLU A 104 -14.38 7.68 2.60
CA GLU A 104 -13.69 7.21 1.39
C GLU A 104 -13.27 5.72 1.50
N HIS A 105 -14.17 4.84 1.04
CA HIS A 105 -13.92 3.40 0.88
C HIS A 105 -14.49 2.95 -0.47
N HIS A 106 -14.52 3.91 -1.42
CA HIS A 106 -15.19 3.78 -2.74
C HIS A 106 -14.49 2.70 -3.61
N HIS A 107 -14.85 1.43 -3.34
CA HIS A 107 -14.28 0.27 -4.03
C HIS A 107 -14.89 0.12 -5.43
N HIS A 108 -14.00 -0.01 -6.41
CA HIS A 108 -14.33 -0.16 -7.84
C HIS A 108 -13.97 -1.57 -8.29
N HIS A 109 -14.66 -2.05 -9.34
CA HIS A 109 -14.58 -3.46 -9.78
C HIS A 109 -14.70 -3.55 -11.30
N HIS A 110 -14.41 -4.75 -11.84
CA HIS A 110 -14.51 -5.04 -13.28
C HIS A 110 -15.90 -5.66 -13.58
N MET A 1 -11.38 0.58 9.89
CA MET A 1 -10.79 0.38 8.55
C MET A 1 -9.42 -0.29 8.68
N LEU A 2 -9.29 -1.52 8.13
CA LEU A 2 -8.03 -2.26 8.08
C LEU A 2 -7.05 -1.55 7.13
N LEU A 3 -5.95 -1.02 7.67
CA LEU A 3 -4.96 -0.24 6.89
C LEU A 3 -3.68 -1.06 6.71
N TYR A 4 -3.39 -1.46 5.47
CA TYR A 4 -2.21 -2.26 5.11
C TYR A 4 -1.39 -1.52 4.06
N VAL A 5 -0.07 -1.73 4.12
CA VAL A 5 0.91 -1.10 3.24
C VAL A 5 1.73 -2.21 2.55
N LEU A 6 1.73 -2.23 1.20
CA LEU A 6 2.52 -3.19 0.39
C LEU A 6 3.60 -2.41 -0.37
N ILE A 7 4.88 -2.58 0.00
CA ILE A 7 5.98 -1.80 -0.59
C ILE A 7 6.78 -2.67 -1.60
N ILE A 8 6.74 -2.29 -2.88
CA ILE A 8 7.57 -2.88 -3.93
C ILE A 8 8.75 -1.93 -4.21
N SER A 9 9.91 -2.25 -3.64
CA SER A 9 11.16 -1.48 -3.83
C SER A 9 12.36 -2.34 -3.46
N ASN A 10 13.54 -1.90 -3.91
CA ASN A 10 14.83 -2.58 -3.66
C ASN A 10 15.75 -1.65 -2.88
N ASP A 11 15.42 -0.34 -2.90
CA ASP A 11 16.18 0.70 -2.20
C ASP A 11 16.02 0.50 -0.69
N LYS A 12 17.06 -0.02 -0.04
CA LYS A 12 17.03 -0.48 1.36
C LYS A 12 16.75 0.67 2.35
N LYS A 13 17.18 1.91 1.99
CA LYS A 13 16.87 3.10 2.80
C LYS A 13 15.36 3.41 2.72
N LEU A 14 14.79 3.30 1.51
CA LEU A 14 13.36 3.56 1.25
C LEU A 14 12.48 2.54 2.00
N ILE A 15 12.88 1.25 1.93
CA ILE A 15 12.16 0.12 2.54
C ILE A 15 12.12 0.26 4.07
N GLU A 16 13.32 0.41 4.66
CA GLU A 16 13.47 0.45 6.12
C GLU A 16 12.82 1.69 6.74
N GLU A 17 13.09 2.89 6.18
CA GLU A 17 12.53 4.16 6.70
C GLU A 17 10.99 4.20 6.56
N ALA A 18 10.46 3.58 5.49
CA ALA A 18 9.01 3.44 5.30
C ALA A 18 8.42 2.46 6.34
N ARG A 19 9.13 1.34 6.57
CA ARG A 19 8.71 0.31 7.55
C ARG A 19 8.71 0.88 8.97
N LYS A 20 9.67 1.78 9.25
CA LYS A 20 9.76 2.47 10.54
C LYS A 20 8.52 3.36 10.72
N MET A 21 8.19 4.14 9.67
CA MET A 21 6.99 5.02 9.66
C MET A 21 5.69 4.23 9.82
N ALA A 22 5.65 3.03 9.23
CA ALA A 22 4.50 2.13 9.34
C ALA A 22 4.31 1.65 10.79
N GLU A 23 5.41 1.23 11.43
CA GLU A 23 5.40 0.72 12.82
C GLU A 23 5.15 1.85 13.85
N LYS A 24 5.57 3.08 13.48
CA LYS A 24 5.28 4.32 14.26
C LYS A 24 3.77 4.63 14.19
N ALA A 25 3.20 4.45 12.99
CA ALA A 25 1.77 4.68 12.71
C ALA A 25 0.91 3.45 13.04
N ASN A 26 1.58 2.34 13.48
CA ASN A 26 0.98 1.03 13.88
C ASN A 26 0.45 0.24 12.64
N LEU A 27 0.65 0.80 11.43
CA LEU A 27 0.23 0.17 10.16
C LEU A 27 1.13 -1.03 9.82
N GLU A 28 0.55 -2.06 9.18
CA GLU A 28 1.27 -3.28 8.77
C GLU A 28 1.89 -3.10 7.38
N LEU A 29 3.22 -3.22 7.30
CA LEU A 29 3.97 -3.09 6.04
C LEU A 29 4.53 -4.45 5.65
N ARG A 30 4.21 -4.89 4.41
CA ARG A 30 4.69 -6.14 3.83
C ARG A 30 5.64 -5.78 2.67
N THR A 31 6.86 -6.32 2.73
CA THR A 31 7.88 -6.11 1.70
C THR A 31 7.67 -7.12 0.55
N VAL A 32 7.42 -6.58 -0.66
CA VAL A 32 7.13 -7.36 -1.86
C VAL A 32 8.35 -7.32 -2.80
N LYS A 33 8.84 -8.51 -3.20
CA LYS A 33 10.00 -8.64 -4.11
C LYS A 33 9.51 -9.03 -5.52
N THR A 34 8.56 -9.98 -5.58
CA THR A 34 8.01 -10.51 -6.85
C THR A 34 6.49 -10.24 -6.93
N GLU A 35 5.95 -10.26 -8.16
CA GLU A 35 4.53 -9.98 -8.43
C GLU A 35 3.60 -10.99 -7.72
N ASP A 36 4.06 -12.25 -7.63
CA ASP A 36 3.27 -13.35 -7.04
C ASP A 36 3.02 -13.12 -5.54
N GLU A 37 3.99 -12.46 -4.87
CA GLU A 37 3.85 -12.07 -3.46
C GLU A 37 2.77 -10.99 -3.31
N LEU A 38 2.79 -9.99 -4.23
CA LEU A 38 1.82 -8.87 -4.24
C LEU A 38 0.39 -9.44 -4.36
N LYS A 39 0.24 -10.41 -5.28
CA LYS A 39 -1.03 -11.12 -5.51
C LYS A 39 -1.52 -11.87 -4.26
N LYS A 40 -0.61 -12.64 -3.61
CA LYS A 40 -0.99 -13.49 -2.45
C LYS A 40 -1.39 -12.64 -1.24
N TYR A 41 -0.78 -11.43 -1.10
CA TYR A 41 -1.14 -10.49 -0.03
C TYR A 41 -2.57 -9.98 -0.27
N LEU A 42 -2.85 -9.58 -1.53
CA LEU A 42 -4.17 -9.08 -1.94
C LEU A 42 -5.29 -10.12 -1.70
N GLU A 43 -5.02 -11.40 -2.07
CA GLU A 43 -5.98 -12.52 -1.90
C GLU A 43 -6.29 -12.78 -0.42
N GLU A 44 -5.24 -12.67 0.40
CA GLU A 44 -5.31 -12.83 1.86
C GLU A 44 -6.13 -11.66 2.47
N PHE A 45 -5.94 -10.46 1.90
CA PHE A 45 -6.67 -9.24 2.27
C PHE A 45 -8.14 -9.24 1.77
N ARG A 46 -8.44 -10.09 0.77
CA ARG A 46 -9.82 -10.26 0.24
C ARG A 46 -10.69 -11.04 1.24
N LYS A 47 -10.05 -11.98 1.97
CA LYS A 47 -10.70 -12.77 3.04
C LYS A 47 -11.22 -11.84 4.16
N GLU A 48 -10.54 -10.69 4.30
CA GLU A 48 -10.85 -9.66 5.30
C GLU A 48 -10.99 -8.30 4.60
N SER A 49 -11.62 -8.30 3.41
CA SER A 49 -11.92 -7.06 2.64
C SER A 49 -12.97 -6.17 3.34
N GLN A 50 -13.45 -6.62 4.52
CA GLN A 50 -14.36 -5.86 5.41
C GLN A 50 -13.79 -4.47 5.79
N ASN A 51 -14.10 -3.47 4.93
CA ASN A 51 -13.66 -2.07 5.08
C ASN A 51 -12.12 -1.98 5.12
N ILE A 52 -11.48 -2.29 3.98
CA ILE A 52 -10.01 -2.39 3.90
C ILE A 52 -9.45 -1.34 2.91
N LYS A 53 -8.22 -0.90 3.20
CA LYS A 53 -7.41 -0.04 2.33
C LYS A 53 -6.01 -0.64 2.23
N VAL A 54 -5.47 -0.69 1.01
CA VAL A 54 -4.09 -1.11 0.73
C VAL A 54 -3.32 0.07 0.10
N LEU A 55 -2.13 0.38 0.64
CA LEU A 55 -1.24 1.44 0.14
C LEU A 55 0.00 0.80 -0.49
N ILE A 56 0.05 0.75 -1.83
CA ILE A 56 1.17 0.10 -2.53
C ILE A 56 2.21 1.15 -2.96
N LEU A 57 3.38 1.18 -2.28
CA LEU A 57 4.50 2.10 -2.61
C LEU A 57 5.40 1.37 -3.60
N VAL A 58 5.45 1.86 -4.83
CA VAL A 58 6.24 1.23 -5.90
C VAL A 58 7.45 2.12 -6.24
N SER A 59 8.51 1.52 -6.79
CA SER A 59 9.75 2.25 -7.11
C SER A 59 9.62 3.01 -8.44
N ASN A 60 8.96 2.42 -9.44
CA ASN A 60 8.85 2.98 -10.81
C ASN A 60 7.39 2.94 -11.30
N ASP A 61 7.12 3.66 -12.41
CA ASP A 61 5.79 3.70 -13.07
C ASP A 61 5.39 2.34 -13.66
N GLU A 62 6.38 1.48 -13.94
CA GLU A 62 6.17 0.11 -14.47
C GLU A 62 5.43 -0.78 -13.43
N GLU A 63 5.97 -0.84 -12.19
CA GLU A 63 5.33 -1.56 -11.06
C GLU A 63 4.09 -0.82 -10.55
N LEU A 64 4.04 0.52 -10.75
CA LEU A 64 2.81 1.32 -10.54
C LEU A 64 1.65 0.75 -11.35
N ASP A 65 1.92 0.52 -12.65
CA ASP A 65 0.94 -0.05 -13.59
C ASP A 65 0.59 -1.49 -13.22
N LYS A 66 1.61 -2.24 -12.80
CA LYS A 66 1.50 -3.64 -12.40
C LYS A 66 0.55 -3.79 -11.20
N ALA A 67 0.78 -2.96 -10.18
CA ALA A 67 0.02 -2.99 -8.93
C ALA A 67 -1.41 -2.50 -9.11
N LYS A 68 -1.62 -1.52 -10.03
CA LYS A 68 -2.98 -1.05 -10.40
C LYS A 68 -3.76 -2.19 -11.06
N GLU A 69 -3.11 -2.91 -12.00
CA GLU A 69 -3.72 -4.05 -12.72
C GLU A 69 -4.18 -5.16 -11.76
N LEU A 70 -3.26 -5.61 -10.90
CA LEU A 70 -3.50 -6.70 -9.95
C LEU A 70 -4.62 -6.33 -8.97
N ALA A 71 -4.55 -5.09 -8.43
CA ALA A 71 -5.56 -4.53 -7.49
C ALA A 71 -6.97 -4.52 -8.09
N GLN A 72 -7.07 -4.20 -9.39
CA GLN A 72 -8.35 -4.16 -10.13
C GLN A 72 -8.92 -5.58 -10.32
N LYS A 73 -8.03 -6.56 -10.59
CA LYS A 73 -8.45 -7.99 -10.76
C LYS A 73 -8.89 -8.60 -9.39
N MET A 74 -8.43 -7.96 -8.31
CA MET A 74 -8.81 -8.33 -6.93
C MET A 74 -9.99 -7.46 -6.45
N GLU A 75 -10.32 -6.41 -7.22
CA GLU A 75 -11.44 -5.47 -6.95
C GLU A 75 -11.29 -4.72 -5.60
N ILE A 76 -10.06 -4.69 -5.04
CA ILE A 76 -9.79 -4.07 -3.71
C ILE A 76 -9.62 -2.54 -3.85
N ASP A 77 -10.07 -1.80 -2.82
CA ASP A 77 -9.88 -0.34 -2.71
C ASP A 77 -8.40 -0.05 -2.33
N VAL A 78 -7.58 0.34 -3.33
CA VAL A 78 -6.13 0.51 -3.18
C VAL A 78 -5.68 1.93 -3.62
N ARG A 79 -4.77 2.54 -2.84
CA ARG A 79 -4.04 3.77 -3.20
C ARG A 79 -2.60 3.35 -3.59
N THR A 80 -2.29 3.39 -4.89
CA THR A 80 -0.99 2.96 -5.42
C THR A 80 -0.15 4.21 -5.73
N ARG A 81 0.95 4.39 -4.97
CA ARG A 81 1.83 5.57 -5.05
C ARG A 81 3.12 5.20 -5.79
N LYS A 82 3.56 6.05 -6.72
CA LYS A 82 4.90 5.96 -7.30
C LYS A 82 5.85 6.81 -6.45
N VAL A 83 6.91 6.19 -5.92
CA VAL A 83 7.92 6.86 -5.07
C VAL A 83 9.33 6.49 -5.57
N THR A 84 10.20 7.49 -5.68
CA THR A 84 11.60 7.30 -6.12
C THR A 84 12.57 7.70 -4.99
N SER A 85 12.03 8.28 -3.90
CA SER A 85 12.80 8.74 -2.73
C SER A 85 12.14 8.24 -1.44
N PRO A 86 12.95 7.80 -0.41
CA PRO A 86 12.45 7.32 0.90
C PRO A 86 11.36 8.20 1.53
N ASP A 87 11.60 9.52 1.56
CA ASP A 87 10.73 10.50 2.25
C ASP A 87 9.35 10.62 1.58
N GLU A 88 9.27 10.31 0.28
CA GLU A 88 7.99 10.26 -0.46
C GLU A 88 7.13 9.10 0.06
N ALA A 89 7.78 7.92 0.23
CA ALA A 89 7.12 6.69 0.72
C ALA A 89 6.63 6.87 2.17
N LYS A 90 7.50 7.50 2.99
CA LYS A 90 7.24 7.79 4.40
C LYS A 90 6.05 8.76 4.57
N ARG A 91 6.03 9.79 3.69
CA ARG A 91 4.97 10.81 3.66
C ARG A 91 3.61 10.17 3.45
N TRP A 92 3.49 9.34 2.39
CA TRP A 92 2.22 8.69 2.03
C TRP A 92 1.69 7.75 3.14
N ILE A 93 2.57 7.19 3.99
CA ILE A 93 2.17 6.34 5.12
C ILE A 93 1.54 7.20 6.23
N LYS A 94 2.19 8.36 6.53
CA LYS A 94 1.65 9.41 7.41
C LYS A 94 0.24 9.86 6.95
N GLU A 95 0.10 10.10 5.64
CA GLU A 95 -1.17 10.56 5.04
C GLU A 95 -2.24 9.44 5.10
N PHE A 96 -1.80 8.19 4.85
CA PHE A 96 -2.67 6.98 4.74
C PHE A 96 -3.33 6.63 6.07
N SER A 97 -2.63 6.94 7.17
CA SER A 97 -3.19 6.80 8.53
C SER A 97 -4.48 7.64 8.67
N GLU A 98 -4.46 8.84 8.06
CA GLU A 98 -5.58 9.79 8.07
C GLU A 98 -6.60 9.49 6.95
N GLU A 99 -6.11 8.88 5.86
CA GLU A 99 -6.98 8.46 4.72
C GLU A 99 -7.87 7.28 5.13
N GLY A 100 -7.48 6.59 6.22
CA GLY A 100 -8.31 5.55 6.82
C GLY A 100 -9.52 6.14 7.54
N GLY A 101 -10.51 6.60 6.75
CA GLY A 101 -11.74 7.19 7.29
C GLY A 101 -11.64 8.67 7.57
N SER A 102 -10.59 9.06 8.30
CA SER A 102 -10.46 10.39 8.92
C SER A 102 -10.35 11.56 7.91
N LEU A 103 -10.09 11.25 6.62
CA LEU A 103 -9.91 12.27 5.56
C LEU A 103 -11.24 13.02 5.27
N GLU A 104 -12.38 12.29 5.33
CA GLU A 104 -13.73 12.89 5.11
C GLU A 104 -14.58 12.83 6.37
N HIS A 105 -14.11 12.11 7.40
CA HIS A 105 -14.52 12.36 8.79
C HIS A 105 -13.60 13.50 9.29
N HIS A 106 -13.74 14.64 8.60
CA HIS A 106 -12.74 15.70 8.53
C HIS A 106 -12.82 16.59 9.78
N HIS A 107 -11.85 16.40 10.68
CA HIS A 107 -11.84 17.04 12.02
C HIS A 107 -11.15 18.44 11.95
N HIS A 108 -11.45 19.18 10.87
CA HIS A 108 -10.96 20.56 10.63
C HIS A 108 -12.09 21.37 9.98
N HIS A 109 -12.93 22.01 10.82
CA HIS A 109 -14.00 22.92 10.37
C HIS A 109 -14.42 23.88 11.50
N HIS A 110 -13.43 24.24 12.34
CA HIS A 110 -13.57 25.25 13.41
C HIS A 110 -12.29 26.11 13.45
N MET A 1 -10.46 -0.36 11.32
CA MET A 1 -10.47 -0.63 9.87
C MET A 1 -9.13 -1.24 9.44
N LEU A 2 -9.20 -2.25 8.56
CA LEU A 2 -8.02 -2.94 8.04
C LEU A 2 -7.24 -2.01 7.09
N LEU A 3 -6.12 -1.49 7.58
CA LEU A 3 -5.22 -0.58 6.83
C LEU A 3 -3.83 -1.24 6.72
N TYR A 4 -3.43 -1.59 5.49
CA TYR A 4 -2.15 -2.29 5.22
C TYR A 4 -1.29 -1.49 4.25
N VAL A 5 0.01 -1.79 4.29
CA VAL A 5 1.02 -1.18 3.40
C VAL A 5 1.86 -2.31 2.76
N LEU A 6 1.94 -2.31 1.41
CA LEU A 6 2.79 -3.24 0.63
C LEU A 6 3.85 -2.41 -0.11
N ILE A 7 5.13 -2.67 0.11
CA ILE A 7 6.21 -1.89 -0.52
C ILE A 7 6.97 -2.73 -1.58
N ILE A 8 6.79 -2.38 -2.87
CA ILE A 8 7.56 -3.01 -3.96
C ILE A 8 8.82 -2.18 -4.19
N SER A 9 9.96 -2.67 -3.67
CA SER A 9 11.23 -1.98 -3.79
C SER A 9 12.38 -2.97 -3.62
N ASN A 10 13.45 -2.75 -4.41
CA ASN A 10 14.74 -3.44 -4.23
C ASN A 10 15.67 -2.56 -3.37
N ASP A 11 15.29 -1.27 -3.22
CA ASP A 11 16.05 -0.26 -2.49
C ASP A 11 15.83 -0.48 -0.98
N LYS A 12 16.79 -1.18 -0.36
CA LYS A 12 16.66 -1.69 1.02
C LYS A 12 16.57 -0.56 2.06
N LYS A 13 17.25 0.57 1.79
CA LYS A 13 17.19 1.77 2.68
C LYS A 13 15.80 2.41 2.62
N LEU A 14 15.21 2.46 1.41
CA LEU A 14 13.85 2.98 1.17
C LEU A 14 12.81 2.12 1.92
N ILE A 15 13.05 0.79 1.93
CA ILE A 15 12.22 -0.19 2.66
C ILE A 15 12.27 0.06 4.19
N GLU A 16 13.49 0.39 4.68
CA GLU A 16 13.73 0.71 6.10
C GLU A 16 12.91 1.95 6.53
N GLU A 17 13.05 3.05 5.78
CA GLU A 17 12.43 4.35 6.12
C GLU A 17 10.90 4.28 6.04
N ALA A 18 10.39 3.48 5.10
CA ALA A 18 8.95 3.22 4.95
C ALA A 18 8.41 2.43 6.16
N ARG A 19 9.12 1.33 6.51
CA ARG A 19 8.71 0.42 7.61
C ARG A 19 8.68 1.16 8.96
N LYS A 20 9.71 2.00 9.19
CA LYS A 20 9.84 2.83 10.41
C LYS A 20 8.60 3.70 10.62
N MET A 21 8.12 4.33 9.52
CA MET A 21 6.92 5.21 9.54
C MET A 21 5.63 4.42 9.64
N ALA A 22 5.59 3.21 9.04
CA ALA A 22 4.42 2.32 9.13
C ALA A 22 4.17 1.91 10.60
N GLU A 23 5.25 1.59 11.32
CA GLU A 23 5.20 1.21 12.75
C GLU A 23 4.79 2.41 13.64
N LYS A 24 5.14 3.64 13.18
CA LYS A 24 4.75 4.90 13.87
C LYS A 24 3.26 5.22 13.63
N ALA A 25 2.76 4.89 12.43
CA ALA A 25 1.36 5.08 12.02
C ALA A 25 0.50 3.86 12.36
N ASN A 26 1.13 2.84 13.02
CA ASN A 26 0.49 1.58 13.50
C ASN A 26 0.08 0.64 12.33
N LEU A 27 0.41 1.02 11.10
CA LEU A 27 0.07 0.27 9.88
C LEU A 27 0.98 -0.96 9.73
N GLU A 28 0.42 -2.07 9.24
CA GLU A 28 1.17 -3.30 8.97
C GLU A 28 1.85 -3.19 7.60
N LEU A 29 3.17 -3.41 7.54
CA LEU A 29 3.94 -3.33 6.29
C LEU A 29 4.44 -4.72 5.91
N ARG A 30 4.27 -5.08 4.63
CA ARG A 30 4.78 -6.33 4.04
C ARG A 30 5.72 -5.94 2.90
N THR A 31 6.92 -6.53 2.88
CA THR A 31 7.95 -6.22 1.89
C THR A 31 7.75 -7.11 0.64
N VAL A 32 7.40 -6.48 -0.49
CA VAL A 32 7.12 -7.17 -1.76
C VAL A 32 8.43 -7.37 -2.56
N LYS A 33 8.62 -8.58 -3.09
CA LYS A 33 9.80 -8.95 -3.92
C LYS A 33 9.42 -8.87 -5.40
N THR A 34 8.37 -9.64 -5.76
CA THR A 34 7.87 -9.79 -7.14
C THR A 34 6.37 -9.45 -7.19
N GLU A 35 5.81 -9.44 -8.43
CA GLU A 35 4.36 -9.25 -8.65
C GLU A 35 3.55 -10.43 -8.04
N ASP A 36 4.20 -11.61 -7.94
CA ASP A 36 3.66 -12.82 -7.28
C ASP A 36 3.45 -12.58 -5.78
N GLU A 37 4.41 -11.89 -5.16
CA GLU A 37 4.33 -11.50 -3.75
C GLU A 37 3.18 -10.49 -3.55
N LEU A 38 3.09 -9.52 -4.47
CA LEU A 38 2.06 -8.46 -4.45
C LEU A 38 0.66 -9.12 -4.56
N LYS A 39 0.57 -10.12 -5.45
CA LYS A 39 -0.65 -10.95 -5.62
C LYS A 39 -1.04 -11.63 -4.30
N LYS A 40 -0.12 -12.43 -3.73
CA LYS A 40 -0.43 -13.31 -2.59
C LYS A 40 -0.87 -12.51 -1.35
N TYR A 41 -0.29 -11.30 -1.19
CA TYR A 41 -0.69 -10.37 -0.11
C TYR A 41 -2.13 -9.92 -0.32
N LEU A 42 -2.44 -9.45 -1.55
CA LEU A 42 -3.80 -9.01 -1.93
C LEU A 42 -4.84 -10.16 -1.83
N GLU A 43 -4.43 -11.39 -2.21
CA GLU A 43 -5.28 -12.60 -2.13
C GLU A 43 -5.65 -12.93 -0.68
N GLU A 44 -4.68 -12.74 0.24
CA GLU A 44 -4.94 -12.81 1.69
C GLU A 44 -5.92 -11.70 2.10
N PHE A 45 -5.72 -10.51 1.53
CA PHE A 45 -6.56 -9.33 1.82
C PHE A 45 -7.97 -9.43 1.21
N ARG A 46 -8.15 -10.34 0.20
CA ARG A 46 -9.48 -10.61 -0.40
C ARG A 46 -10.39 -11.28 0.63
N LYS A 47 -9.82 -12.24 1.40
CA LYS A 47 -10.55 -13.01 2.45
C LYS A 47 -11.24 -12.05 3.43
N GLU A 48 -10.62 -10.89 3.61
CA GLU A 48 -10.95 -9.91 4.64
C GLU A 48 -11.11 -8.52 4.00
N SER A 49 -11.75 -8.48 2.81
CA SER A 49 -12.12 -7.20 2.17
C SER A 49 -13.39 -6.56 2.80
N GLN A 50 -13.44 -6.56 4.15
CA GLN A 50 -14.54 -6.00 4.96
C GLN A 50 -14.05 -4.70 5.61
N ASN A 51 -14.24 -3.57 4.88
CA ASN A 51 -13.64 -2.25 5.23
C ASN A 51 -12.11 -2.37 5.25
N ILE A 52 -11.51 -2.38 4.06
CA ILE A 52 -10.07 -2.54 3.89
C ILE A 52 -9.51 -1.50 2.91
N LYS A 53 -8.26 -1.12 3.15
CA LYS A 53 -7.47 -0.28 2.25
C LYS A 53 -6.04 -0.82 2.27
N VAL A 54 -5.39 -0.83 1.09
CA VAL A 54 -3.97 -1.20 0.93
C VAL A 54 -3.21 -0.01 0.31
N LEU A 55 -1.99 0.25 0.80
CA LEU A 55 -1.11 1.32 0.29
C LEU A 55 0.15 0.68 -0.32
N ILE A 56 0.26 0.70 -1.65
CA ILE A 56 1.38 0.06 -2.36
C ILE A 56 2.41 1.13 -2.81
N LEU A 57 3.61 1.13 -2.19
CA LEU A 57 4.70 2.08 -2.52
C LEU A 57 5.69 1.37 -3.43
N VAL A 58 5.81 1.83 -4.67
CA VAL A 58 6.64 1.19 -5.71
C VAL A 58 7.81 2.10 -6.09
N SER A 59 8.90 1.49 -6.57
CA SER A 59 10.09 2.23 -7.03
C SER A 59 9.91 2.77 -8.47
N ASN A 60 9.29 1.95 -9.34
CA ASN A 60 9.18 2.23 -10.80
C ASN A 60 7.72 2.40 -11.23
N ASP A 61 7.53 3.14 -12.35
CA ASP A 61 6.21 3.31 -13.02
C ASP A 61 5.67 1.96 -13.52
N GLU A 62 6.60 1.05 -13.82
CA GLU A 62 6.28 -0.31 -14.26
C GLU A 62 5.52 -1.06 -13.15
N GLU A 63 6.06 -0.96 -11.94
CA GLU A 63 5.51 -1.61 -10.73
C GLU A 63 4.21 -0.90 -10.28
N LEU A 64 4.14 0.43 -10.55
CA LEU A 64 2.95 1.27 -10.29
C LEU A 64 1.75 0.71 -11.05
N ASP A 65 1.87 0.65 -12.38
CA ASP A 65 0.82 0.19 -13.29
C ASP A 65 0.43 -1.27 -12.99
N LYS A 66 1.46 -2.10 -12.73
CA LYS A 66 1.30 -3.54 -12.45
C LYS A 66 0.40 -3.76 -11.21
N ALA A 67 0.74 -3.06 -10.12
CA ALA A 67 0.06 -3.19 -8.83
C ALA A 67 -1.36 -2.60 -8.86
N LYS A 68 -1.59 -1.56 -9.71
CA LYS A 68 -2.93 -0.97 -9.91
C LYS A 68 -3.86 -1.94 -10.66
N GLU A 69 -3.31 -2.66 -11.66
CA GLU A 69 -4.06 -3.67 -12.44
C GLU A 69 -4.54 -4.79 -11.51
N LEU A 70 -3.58 -5.29 -10.69
CA LEU A 70 -3.84 -6.36 -9.72
C LEU A 70 -4.86 -5.91 -8.66
N ALA A 71 -4.68 -4.68 -8.14
CA ALA A 71 -5.58 -4.05 -7.14
C ALA A 71 -7.06 -4.04 -7.57
N GLN A 72 -7.29 -3.55 -8.81
CA GLN A 72 -8.64 -3.46 -9.41
C GLN A 72 -9.23 -4.86 -9.63
N LYS A 73 -8.37 -5.82 -10.04
CA LYS A 73 -8.76 -7.23 -10.24
C LYS A 73 -9.22 -7.88 -8.93
N MET A 74 -8.52 -7.55 -7.83
CA MET A 74 -8.83 -8.06 -6.48
C MET A 74 -10.05 -7.33 -5.88
N GLU A 75 -10.47 -6.22 -6.55
CA GLU A 75 -11.61 -5.36 -6.13
C GLU A 75 -11.38 -4.68 -4.74
N ILE A 76 -10.13 -4.69 -4.26
CA ILE A 76 -9.75 -4.10 -2.97
C ILE A 76 -9.46 -2.60 -3.16
N ASP A 77 -9.87 -1.74 -2.20
CA ASP A 77 -9.55 -0.30 -2.24
C ASP A 77 -8.05 -0.12 -1.98
N VAL A 78 -7.32 0.38 -2.99
CA VAL A 78 -5.86 0.54 -2.91
C VAL A 78 -5.42 1.93 -3.38
N ARG A 79 -4.43 2.50 -2.67
CA ARG A 79 -3.66 3.68 -3.08
C ARG A 79 -2.28 3.18 -3.53
N THR A 80 -2.02 3.14 -4.84
CA THR A 80 -0.73 2.70 -5.38
C THR A 80 0.04 3.96 -5.80
N ARG A 81 1.15 4.24 -5.11
CA ARG A 81 1.93 5.47 -5.28
C ARG A 81 3.37 5.12 -5.70
N LYS A 82 3.85 5.74 -6.78
CA LYS A 82 5.23 5.60 -7.23
C LYS A 82 6.11 6.59 -6.48
N VAL A 83 6.99 6.06 -5.64
CA VAL A 83 7.98 6.83 -4.89
C VAL A 83 9.37 6.62 -5.51
N THR A 84 10.10 7.72 -5.70
CA THR A 84 11.49 7.72 -6.17
C THR A 84 12.44 8.07 -5.01
N SER A 85 11.86 8.58 -3.91
CA SER A 85 12.59 8.96 -2.70
C SER A 85 11.87 8.36 -1.46
N PRO A 86 12.61 7.98 -0.37
CA PRO A 86 12.03 7.36 0.85
C PRO A 86 11.01 8.27 1.58
N ASP A 87 11.25 9.59 1.56
CA ASP A 87 10.35 10.58 2.23
C ASP A 87 8.99 10.67 1.54
N GLU A 88 8.95 10.34 0.23
CA GLU A 88 7.69 10.23 -0.52
C GLU A 88 6.85 9.08 0.04
N ALA A 89 7.50 7.91 0.24
CA ALA A 89 6.85 6.70 0.79
C ALA A 89 6.29 6.97 2.18
N LYS A 90 7.14 7.59 3.03
CA LYS A 90 6.80 8.00 4.42
C LYS A 90 5.58 8.93 4.45
N ARG A 91 5.54 9.89 3.49
CA ARG A 91 4.45 10.87 3.34
C ARG A 91 3.10 10.17 3.16
N TRP A 92 3.02 9.26 2.16
CA TRP A 92 1.77 8.55 1.84
C TRP A 92 1.31 7.62 2.97
N ILE A 93 2.27 7.12 3.78
CA ILE A 93 1.99 6.24 4.94
C ILE A 93 1.25 7.02 6.03
N LYS A 94 1.75 8.23 6.34
CA LYS A 94 1.13 9.14 7.30
C LYS A 94 -0.28 9.53 6.80
N GLU A 95 -0.37 9.88 5.50
CA GLU A 95 -1.62 10.36 4.87
C GLU A 95 -2.68 9.25 4.76
N PHE A 96 -2.20 8.01 4.65
CA PHE A 96 -3.06 6.81 4.59
C PHE A 96 -3.85 6.66 5.90
N SER A 97 -3.14 6.95 7.01
CA SER A 97 -3.70 7.00 8.36
C SER A 97 -4.61 8.25 8.52
N GLU A 98 -4.19 9.41 7.94
CA GLU A 98 -4.99 10.69 7.97
C GLU A 98 -6.37 10.51 7.32
N GLU A 99 -6.40 9.71 6.24
CA GLU A 99 -7.64 9.33 5.53
C GLU A 99 -8.48 8.43 6.44
N GLY A 100 -7.80 7.45 7.06
CA GLY A 100 -8.46 6.38 7.81
C GLY A 100 -9.24 5.48 6.86
N GLY A 101 -10.57 5.69 6.78
CA GLY A 101 -11.44 4.94 5.88
C GLY A 101 -11.70 5.65 4.56
N SER A 102 -12.00 4.87 3.51
CA SER A 102 -12.39 5.41 2.19
C SER A 102 -13.91 5.64 2.13
N LEU A 103 -14.36 6.61 2.96
CA LEU A 103 -15.78 7.01 3.09
C LEU A 103 -16.26 7.85 1.89
N GLU A 104 -15.29 8.22 1.00
CA GLU A 104 -15.56 8.77 -0.35
C GLU A 104 -16.53 7.87 -1.13
N HIS A 105 -16.39 6.55 -0.89
CA HIS A 105 -17.36 5.53 -1.31
C HIS A 105 -17.77 4.74 -0.06
N HIS A 106 -18.59 5.37 0.80
CA HIS A 106 -19.20 4.70 1.97
C HIS A 106 -20.12 3.60 1.42
N HIS A 107 -19.60 2.35 1.41
CA HIS A 107 -20.17 1.26 0.62
C HIS A 107 -21.53 0.81 1.18
N HIS A 108 -22.58 1.42 0.64
CA HIS A 108 -23.95 0.91 0.75
C HIS A 108 -24.04 -0.30 -0.19
N HIS A 109 -24.87 -1.30 0.15
CA HIS A 109 -24.85 -2.62 -0.53
C HIS A 109 -25.28 -2.52 -2.03
N HIS A 110 -24.28 -2.24 -2.88
CA HIS A 110 -24.40 -2.23 -4.36
C HIS A 110 -22.98 -2.38 -4.98
N MET A 1 -11.60 -0.09 11.04
CA MET A 1 -10.86 0.18 9.79
C MET A 1 -9.63 -0.71 9.69
N LEU A 2 -9.44 -1.37 8.53
CA LEU A 2 -8.23 -2.15 8.23
C LEU A 2 -7.35 -1.37 7.24
N LEU A 3 -6.16 -0.96 7.71
CA LEU A 3 -5.17 -0.23 6.89
C LEU A 3 -3.92 -1.11 6.68
N TYR A 4 -3.56 -1.35 5.41
CA TYR A 4 -2.42 -2.19 5.04
C TYR A 4 -1.54 -1.48 4.01
N VAL A 5 -0.22 -1.64 4.17
CA VAL A 5 0.80 -1.03 3.30
C VAL A 5 1.69 -2.13 2.69
N LEU A 6 1.84 -2.07 1.36
CA LEU A 6 2.74 -2.91 0.57
C LEU A 6 3.78 -1.97 -0.07
N ILE A 7 5.04 -2.40 -0.12
CA ILE A 7 6.12 -1.59 -0.70
C ILE A 7 6.91 -2.42 -1.74
N ILE A 8 6.73 -2.08 -3.03
CA ILE A 8 7.53 -2.65 -4.10
C ILE A 8 8.80 -1.78 -4.25
N SER A 9 9.91 -2.28 -3.70
CA SER A 9 11.20 -1.60 -3.75
C SER A 9 12.34 -2.62 -3.53
N ASN A 10 13.43 -2.46 -4.28
CA ASN A 10 14.67 -3.22 -4.07
C ASN A 10 15.59 -2.48 -3.09
N ASP A 11 15.28 -1.19 -2.83
CA ASP A 11 16.06 -0.33 -1.94
C ASP A 11 15.80 -0.70 -0.47
N LYS A 12 16.77 -1.38 0.15
CA LYS A 12 16.68 -1.85 1.55
C LYS A 12 16.55 -0.65 2.53
N LYS A 13 17.31 0.43 2.25
CA LYS A 13 17.32 1.63 3.12
C LYS A 13 15.96 2.35 3.07
N LEU A 14 15.40 2.47 1.84
CA LEU A 14 14.09 3.11 1.60
C LEU A 14 12.95 2.33 2.31
N ILE A 15 13.08 0.99 2.31
CA ILE A 15 12.13 0.09 3.00
C ILE A 15 12.23 0.26 4.53
N GLU A 16 13.46 0.44 5.06
CA GLU A 16 13.68 0.71 6.51
C GLU A 16 12.95 1.98 6.93
N GLU A 17 13.18 3.06 6.16
CA GLU A 17 12.60 4.39 6.39
C GLU A 17 11.05 4.36 6.38
N ALA A 18 10.49 3.63 5.40
CA ALA A 18 9.05 3.46 5.24
C ALA A 18 8.47 2.65 6.42
N ARG A 19 9.17 1.54 6.76
CA ARG A 19 8.76 0.61 7.83
C ARG A 19 8.70 1.31 9.19
N LYS A 20 9.65 2.26 9.42
CA LYS A 20 9.68 3.09 10.62
C LYS A 20 8.36 3.86 10.80
N MET A 21 7.90 4.50 9.70
CA MET A 21 6.65 5.28 9.69
C MET A 21 5.40 4.39 9.83
N ALA A 22 5.46 3.17 9.28
CA ALA A 22 4.38 2.18 9.44
C ALA A 22 4.24 1.74 10.91
N GLU A 23 5.38 1.59 11.60
CA GLU A 23 5.42 1.30 13.06
C GLU A 23 4.85 2.49 13.86
N LYS A 24 5.25 3.71 13.44
CA LYS A 24 4.82 4.98 14.06
C LYS A 24 3.32 5.23 13.87
N ALA A 25 2.78 4.79 12.73
CA ALA A 25 1.36 4.93 12.37
C ALA A 25 0.53 3.68 12.72
N ASN A 26 1.19 2.66 13.31
CA ASN A 26 0.55 1.39 13.80
C ASN A 26 0.01 0.53 12.61
N LEU A 27 0.44 0.87 11.38
CA LEU A 27 0.04 0.16 10.14
C LEU A 27 0.95 -1.05 9.87
N GLU A 28 0.43 -2.02 9.11
CA GLU A 28 1.22 -3.17 8.61
C GLU A 28 1.97 -2.76 7.33
N LEU A 29 3.26 -3.11 7.23
CA LEU A 29 4.07 -2.92 6.01
C LEU A 29 4.65 -4.26 5.58
N ARG A 30 4.41 -4.64 4.31
CA ARG A 30 4.85 -5.91 3.74
C ARG A 30 5.69 -5.64 2.48
N THR A 31 6.87 -6.28 2.41
CA THR A 31 7.86 -6.06 1.34
C THR A 31 7.55 -6.95 0.13
N VAL A 32 7.35 -6.32 -1.02
CA VAL A 32 7.01 -7.00 -2.27
C VAL A 32 8.25 -7.10 -3.16
N LYS A 33 8.63 -8.34 -3.53
CA LYS A 33 9.75 -8.61 -4.44
C LYS A 33 9.25 -8.55 -5.90
N THR A 34 8.33 -9.46 -6.23
CA THR A 34 7.80 -9.65 -7.60
C THR A 34 6.26 -9.54 -7.61
N GLU A 35 5.67 -9.71 -8.81
CA GLU A 35 4.21 -9.74 -9.04
C GLU A 35 3.52 -10.75 -8.10
N ASP A 36 4.17 -11.92 -7.95
CA ASP A 36 3.68 -13.05 -7.16
C ASP A 36 3.47 -12.68 -5.68
N GLU A 37 4.39 -11.86 -5.15
CA GLU A 37 4.34 -11.37 -3.76
C GLU A 37 3.16 -10.40 -3.56
N LEU A 38 2.99 -9.46 -4.53
CA LEU A 38 1.95 -8.42 -4.49
C LEU A 38 0.55 -9.07 -4.44
N LYS A 39 0.37 -10.06 -5.33
CA LYS A 39 -0.89 -10.84 -5.46
C LYS A 39 -1.14 -11.69 -4.21
N LYS A 40 -0.07 -12.28 -3.64
CA LYS A 40 -0.13 -13.10 -2.41
C LYS A 40 -0.75 -12.29 -1.26
N TYR A 41 -0.21 -11.08 -1.07
CA TYR A 41 -0.66 -10.18 -0.01
C TYR A 41 -2.13 -9.79 -0.19
N LEU A 42 -2.51 -9.51 -1.46
CA LEU A 42 -3.89 -9.15 -1.83
C LEU A 42 -4.89 -10.32 -1.60
N GLU A 43 -4.43 -11.59 -1.76
CA GLU A 43 -5.25 -12.79 -1.43
C GLU A 43 -5.58 -12.83 0.08
N GLU A 44 -4.57 -12.53 0.91
CA GLU A 44 -4.77 -12.34 2.36
C GLU A 44 -5.79 -11.21 2.62
N PHE A 45 -5.67 -10.12 1.84
CA PHE A 45 -6.55 -8.93 2.00
C PHE A 45 -7.98 -9.16 1.45
N ARG A 46 -8.17 -10.17 0.57
CA ARG A 46 -9.50 -10.51 0.01
C ARG A 46 -10.39 -11.20 1.05
N LYS A 47 -9.84 -12.23 1.73
CA LYS A 47 -10.58 -13.02 2.75
C LYS A 47 -11.12 -12.11 3.88
N GLU A 48 -10.36 -11.02 4.16
CA GLU A 48 -10.64 -10.10 5.27
C GLU A 48 -10.94 -8.68 4.74
N SER A 49 -11.54 -8.59 3.53
CA SER A 49 -11.86 -7.29 2.90
C SER A 49 -13.04 -6.52 3.58
N GLN A 50 -13.45 -6.99 4.78
CA GLN A 50 -14.42 -6.30 5.66
C GLN A 50 -13.93 -4.88 6.06
N ASN A 51 -14.29 -3.90 5.21
CA ASN A 51 -13.86 -2.49 5.35
C ASN A 51 -12.32 -2.38 5.38
N ILE A 52 -11.69 -2.52 4.20
CA ILE A 52 -10.23 -2.54 4.05
C ILE A 52 -9.75 -1.46 3.07
N LYS A 53 -8.52 -1.00 3.30
CA LYS A 53 -7.80 -0.06 2.43
C LYS A 53 -6.35 -0.55 2.34
N VAL A 54 -5.81 -0.62 1.13
CA VAL A 54 -4.40 -0.99 0.87
C VAL A 54 -3.68 0.19 0.18
N LEU A 55 -2.41 0.40 0.54
CA LEU A 55 -1.51 1.39 -0.09
C LEU A 55 -0.30 0.65 -0.65
N ILE A 56 0.02 0.84 -1.92
CA ILE A 56 1.18 0.21 -2.58
C ILE A 56 2.16 1.29 -3.05
N LEU A 57 3.39 1.29 -2.48
CA LEU A 57 4.46 2.25 -2.85
C LEU A 57 5.43 1.53 -3.80
N VAL A 58 5.48 1.97 -5.05
CA VAL A 58 6.24 1.31 -6.11
C VAL A 58 7.47 2.14 -6.51
N SER A 59 8.60 1.47 -6.79
CA SER A 59 9.84 2.14 -7.20
C SER A 59 10.00 2.15 -8.74
N ASN A 60 8.99 1.64 -9.46
CA ASN A 60 8.92 1.70 -10.94
C ASN A 60 7.51 2.13 -11.33
N ASP A 61 7.39 3.02 -12.34
CA ASP A 61 6.09 3.39 -12.94
C ASP A 61 5.46 2.19 -13.69
N GLU A 62 6.33 1.25 -14.09
CA GLU A 62 5.93 -0.07 -14.58
C GLU A 62 5.08 -0.79 -13.51
N GLU A 63 5.63 -0.81 -12.28
CA GLU A 63 5.00 -1.41 -11.10
C GLU A 63 3.76 -0.61 -10.64
N LEU A 64 3.74 0.70 -10.92
CA LEU A 64 2.56 1.56 -10.68
C LEU A 64 1.34 1.03 -11.46
N ASP A 65 1.52 0.91 -12.79
CA ASP A 65 0.51 0.39 -13.72
C ASP A 65 0.15 -1.08 -13.38
N LYS A 66 1.19 -1.84 -13.04
CA LYS A 66 1.09 -3.28 -12.73
C LYS A 66 0.26 -3.52 -11.46
N ALA A 67 0.55 -2.77 -10.39
CA ALA A 67 -0.12 -2.92 -9.09
C ALA A 67 -1.57 -2.41 -9.14
N LYS A 68 -1.84 -1.41 -10.02
CA LYS A 68 -3.22 -0.97 -10.30
C LYS A 68 -4.02 -2.08 -11.00
N GLU A 69 -3.37 -2.81 -11.95
CA GLU A 69 -3.99 -3.98 -12.62
C GLU A 69 -4.41 -5.03 -11.58
N LEU A 70 -3.43 -5.44 -10.75
CA LEU A 70 -3.58 -6.52 -9.76
C LEU A 70 -4.65 -6.14 -8.71
N ALA A 71 -4.66 -4.87 -8.30
CA ALA A 71 -5.67 -4.31 -7.37
C ALA A 71 -7.11 -4.42 -7.93
N GLN A 72 -7.28 -4.09 -9.22
CA GLN A 72 -8.58 -4.20 -9.92
C GLN A 72 -9.01 -5.68 -10.07
N LYS A 73 -8.05 -6.55 -10.40
CA LYS A 73 -8.27 -8.00 -10.57
C LYS A 73 -8.69 -8.65 -9.26
N MET A 74 -8.12 -8.15 -8.15
CA MET A 74 -8.44 -8.59 -6.78
C MET A 74 -9.63 -7.82 -6.21
N GLU A 75 -10.11 -6.81 -6.97
CA GLU A 75 -11.31 -6.02 -6.65
C GLU A 75 -11.20 -5.28 -5.28
N ILE A 76 -9.97 -4.94 -4.86
CA ILE A 76 -9.69 -4.29 -3.55
C ILE A 76 -9.52 -2.76 -3.74
N ASP A 77 -10.02 -1.97 -2.76
CA ASP A 77 -9.84 -0.51 -2.71
C ASP A 77 -8.40 -0.16 -2.32
N VAL A 78 -7.61 0.31 -3.31
CA VAL A 78 -6.16 0.54 -3.16
C VAL A 78 -5.77 1.97 -3.61
N ARG A 79 -4.78 2.56 -2.90
CA ARG A 79 -4.03 3.74 -3.34
C ARG A 79 -2.69 3.22 -3.88
N THR A 80 -2.39 3.50 -5.15
CA THR A 80 -1.13 3.07 -5.77
C THR A 80 -0.28 4.33 -6.06
N ARG A 81 0.76 4.53 -5.24
CA ARG A 81 1.65 5.72 -5.29
C ARG A 81 3.07 5.27 -5.69
N LYS A 82 3.74 6.08 -6.52
CA LYS A 82 5.11 5.79 -6.97
C LYS A 82 6.12 6.60 -6.14
N VAL A 83 7.02 5.90 -5.45
CA VAL A 83 8.12 6.50 -4.67
C VAL A 83 9.48 6.04 -5.22
N THR A 84 10.40 6.99 -5.38
CA THR A 84 11.80 6.72 -5.73
C THR A 84 12.74 7.39 -4.71
N SER A 85 12.15 7.93 -3.62
CA SER A 85 12.87 8.57 -2.50
C SER A 85 12.22 8.11 -1.17
N PRO A 86 13.02 7.89 -0.06
CA PRO A 86 12.51 7.47 1.26
C PRO A 86 11.40 8.41 1.80
N ASP A 87 11.64 9.74 1.73
CA ASP A 87 10.71 10.76 2.29
C ASP A 87 9.31 10.68 1.65
N GLU A 88 9.25 10.25 0.38
CA GLU A 88 7.98 10.05 -0.36
C GLU A 88 7.20 8.87 0.25
N ALA A 89 7.91 7.73 0.42
CA ALA A 89 7.32 6.48 0.95
C ALA A 89 6.78 6.70 2.36
N LYS A 90 7.58 7.39 3.18
CA LYS A 90 7.25 7.74 4.56
C LYS A 90 6.00 8.64 4.62
N ARG A 91 5.96 9.64 3.72
CA ARG A 91 4.87 10.62 3.68
C ARG A 91 3.53 9.93 3.41
N TRP A 92 3.44 9.13 2.33
CA TRP A 92 2.18 8.48 1.94
C TRP A 92 1.60 7.54 3.01
N ILE A 93 2.48 6.97 3.86
CA ILE A 93 2.07 6.14 5.01
C ILE A 93 1.41 7.02 6.09
N LYS A 94 2.00 8.21 6.33
CA LYS A 94 1.41 9.26 7.18
C LYS A 94 0.02 9.69 6.64
N GLU A 95 -0.06 9.97 5.31
CA GLU A 95 -1.29 10.44 4.67
C GLU A 95 -2.39 9.35 4.73
N PHE A 96 -1.96 8.08 4.56
CA PHE A 96 -2.84 6.90 4.53
C PHE A 96 -3.38 6.55 5.92
N SER A 97 -2.59 6.88 6.96
CA SER A 97 -3.01 6.76 8.35
C SER A 97 -4.09 7.81 8.67
N GLU A 98 -3.97 8.98 8.01
CA GLU A 98 -4.99 10.06 8.05
C GLU A 98 -6.20 9.72 7.16
N GLU A 99 -5.99 8.82 6.18
CA GLU A 99 -7.05 8.23 5.36
C GLU A 99 -7.75 7.07 6.11
N GLY A 100 -7.34 6.81 7.37
CA GLY A 100 -8.03 5.86 8.25
C GLY A 100 -9.53 6.06 8.29
N GLY A 101 -9.98 7.23 8.78
CA GLY A 101 -11.40 7.59 8.73
C GLY A 101 -11.84 8.07 7.35
N SER A 102 -10.84 8.56 6.58
CA SER A 102 -10.94 9.02 5.18
C SER A 102 -11.94 10.17 4.97
N LEU A 103 -11.42 11.33 4.51
CA LEU A 103 -12.25 12.49 4.13
C LEU A 103 -13.13 12.17 2.90
N GLU A 104 -12.65 11.23 2.06
CA GLU A 104 -13.42 10.67 0.92
C GLU A 104 -14.03 9.31 1.32
N HIS A 105 -14.84 8.74 0.42
CA HIS A 105 -15.46 7.41 0.58
C HIS A 105 -15.70 6.79 -0.79
N HIS A 106 -14.68 6.88 -1.66
CA HIS A 106 -14.73 6.31 -3.02
C HIS A 106 -14.79 4.78 -2.97
N HIS A 107 -16.01 4.24 -3.06
CA HIS A 107 -16.25 2.80 -3.02
C HIS A 107 -17.13 2.38 -4.21
N HIS A 108 -16.94 3.06 -5.35
CA HIS A 108 -17.46 2.61 -6.65
C HIS A 108 -16.29 1.99 -7.44
N HIS A 109 -15.36 1.34 -6.70
CA HIS A 109 -14.20 0.64 -7.24
C HIS A 109 -14.66 -0.59 -8.05
N HIS A 110 -14.26 -0.63 -9.31
CA HIS A 110 -14.59 -1.71 -10.24
C HIS A 110 -13.30 -2.52 -10.54
N MET A 1 -12.36 -0.05 9.47
CA MET A 1 -11.65 -0.22 8.19
C MET A 1 -10.25 -0.79 8.45
N LEU A 2 -9.92 -1.88 7.73
CA LEU A 2 -8.60 -2.52 7.79
C LEU A 2 -7.62 -1.72 6.93
N LEU A 3 -6.50 -1.24 7.51
CA LEU A 3 -5.52 -0.38 6.80
C LEU A 3 -4.14 -1.06 6.75
N TYR A 4 -3.71 -1.44 5.54
CA TYR A 4 -2.42 -2.13 5.30
C TYR A 4 -1.58 -1.34 4.29
N VAL A 5 -0.29 -1.71 4.23
CA VAL A 5 0.71 -1.11 3.34
C VAL A 5 1.54 -2.25 2.69
N LEU A 6 1.68 -2.24 1.35
CA LEU A 6 2.59 -3.13 0.60
C LEU A 6 3.63 -2.27 -0.11
N ILE A 7 4.92 -2.47 0.15
CA ILE A 7 5.99 -1.67 -0.46
C ILE A 7 6.78 -2.51 -1.50
N ILE A 8 6.71 -2.12 -2.79
CA ILE A 8 7.49 -2.77 -3.85
C ILE A 8 8.82 -2.00 -4.03
N SER A 9 9.89 -2.59 -3.48
CA SER A 9 11.26 -2.06 -3.56
C SER A 9 12.26 -3.20 -3.31
N ASN A 10 13.42 -3.12 -3.99
CA ASN A 10 14.57 -4.03 -3.74
C ASN A 10 15.66 -3.28 -2.94
N ASP A 11 15.57 -1.94 -2.91
CA ASP A 11 16.58 -1.06 -2.27
C ASP A 11 16.28 -0.92 -0.76
N LYS A 12 17.14 -1.60 0.03
CA LYS A 12 16.96 -1.84 1.48
C LYS A 12 16.69 -0.56 2.29
N LYS A 13 17.37 0.54 1.93
CA LYS A 13 17.27 1.80 2.69
C LYS A 13 15.84 2.38 2.62
N LEU A 14 15.25 2.38 1.40
CA LEU A 14 13.87 2.88 1.19
C LEU A 14 12.84 1.97 1.88
N ILE A 15 13.09 0.64 1.80
CA ILE A 15 12.25 -0.39 2.45
C ILE A 15 12.14 -0.12 3.98
N GLU A 16 13.32 0.11 4.59
CA GLU A 16 13.44 0.35 6.03
C GLU A 16 12.82 1.70 6.44
N GLU A 17 13.11 2.75 5.67
CA GLU A 17 12.58 4.10 5.92
C GLU A 17 11.04 4.12 6.00
N ALA A 18 10.41 3.49 4.99
CA ALA A 18 8.95 3.38 4.89
C ALA A 18 8.37 2.49 6.01
N ARG A 19 9.10 1.41 6.35
CA ARG A 19 8.70 0.49 7.43
C ARG A 19 8.68 1.20 8.80
N LYS A 20 9.73 2.01 9.07
CA LYS A 20 9.86 2.74 10.35
C LYS A 20 8.71 3.74 10.50
N MET A 21 8.32 4.35 9.36
CA MET A 21 7.21 5.29 9.31
C MET A 21 5.87 4.60 9.58
N ALA A 22 5.70 3.38 9.01
CA ALA A 22 4.48 2.56 9.17
C ALA A 22 4.25 2.16 10.63
N GLU A 23 5.36 1.88 11.35
CA GLU A 23 5.34 1.49 12.77
C GLU A 23 4.89 2.66 13.68
N LYS A 24 5.25 3.89 13.28
CA LYS A 24 4.78 5.12 13.95
C LYS A 24 3.31 5.41 13.58
N ALA A 25 2.99 5.28 12.29
CA ALA A 25 1.66 5.59 11.71
C ALA A 25 0.62 4.49 12.02
N ASN A 26 1.06 3.43 12.75
CA ASN A 26 0.20 2.35 13.27
C ASN A 26 -0.31 1.42 12.14
N LEU A 27 0.24 1.59 10.92
CA LEU A 27 -0.13 0.79 9.74
C LEU A 27 0.78 -0.44 9.63
N GLU A 28 0.22 -1.58 9.23
CA GLU A 28 0.99 -2.82 9.06
C GLU A 28 1.57 -2.86 7.63
N LEU A 29 2.88 -3.09 7.53
CA LEU A 29 3.63 -3.02 6.27
C LEU A 29 4.23 -4.39 5.95
N ARG A 30 4.00 -4.84 4.71
CA ARG A 30 4.57 -6.06 4.14
C ARG A 30 5.50 -5.67 3.00
N THR A 31 6.62 -6.37 2.85
CA THR A 31 7.62 -6.09 1.82
C THR A 31 7.36 -6.95 0.57
N VAL A 32 7.42 -6.30 -0.61
CA VAL A 32 7.25 -6.93 -1.92
C VAL A 32 8.54 -6.76 -2.75
N LYS A 33 9.00 -7.85 -3.38
CA LYS A 33 10.12 -7.82 -4.34
C LYS A 33 9.57 -8.07 -5.75
N THR A 34 9.00 -9.27 -5.95
CA THR A 34 8.36 -9.67 -7.23
C THR A 34 6.83 -9.57 -7.09
N GLU A 35 6.13 -9.56 -8.25
CA GLU A 35 4.65 -9.45 -8.27
C GLU A 35 3.98 -10.64 -7.55
N ASP A 36 4.71 -11.77 -7.46
CA ASP A 36 4.29 -12.99 -6.76
C ASP A 36 3.99 -12.70 -5.28
N GLU A 37 4.79 -11.78 -4.70
CA GLU A 37 4.62 -11.29 -3.33
C GLU A 37 3.37 -10.40 -3.21
N LEU A 38 3.25 -9.45 -4.15
CA LEU A 38 2.18 -8.43 -4.18
C LEU A 38 0.80 -9.15 -4.20
N LYS A 39 0.69 -10.10 -5.12
CA LYS A 39 -0.53 -10.86 -5.38
C LYS A 39 -0.88 -11.86 -4.25
N LYS A 40 0.15 -12.51 -3.65
CA LYS A 40 -0.08 -13.46 -2.54
C LYS A 40 -0.65 -12.75 -1.30
N TYR A 41 -0.24 -11.47 -1.13
CA TYR A 41 -0.80 -10.60 -0.08
C TYR A 41 -2.26 -10.28 -0.40
N LEU A 42 -2.52 -9.92 -1.69
CA LEU A 42 -3.88 -9.60 -2.19
C LEU A 42 -4.90 -10.75 -1.94
N GLU A 43 -4.49 -11.99 -2.21
CA GLU A 43 -5.36 -13.20 -2.03
C GLU A 43 -5.87 -13.33 -0.58
N GLU A 44 -4.97 -13.07 0.38
CA GLU A 44 -5.30 -13.04 1.82
C GLU A 44 -6.25 -11.84 2.10
N PHE A 45 -5.98 -10.71 1.44
CA PHE A 45 -6.76 -9.46 1.57
C PHE A 45 -8.15 -9.54 0.88
N ARG A 46 -8.36 -10.55 0.01
CA ARG A 46 -9.68 -10.83 -0.61
C ARG A 46 -10.60 -11.51 0.41
N LYS A 47 -10.02 -12.42 1.21
CA LYS A 47 -10.73 -13.14 2.29
C LYS A 47 -11.28 -12.15 3.33
N GLU A 48 -10.54 -11.03 3.51
CA GLU A 48 -10.90 -9.94 4.44
C GLU A 48 -11.12 -8.63 3.66
N SER A 49 -11.72 -8.74 2.44
CA SER A 49 -12.06 -7.57 1.59
C SER A 49 -13.10 -6.62 2.23
N GLN A 50 -13.69 -7.06 3.36
CA GLN A 50 -14.64 -6.27 4.15
C GLN A 50 -14.00 -4.95 4.68
N ASN A 51 -14.25 -3.84 3.93
CA ASN A 51 -13.70 -2.49 4.21
C ASN A 51 -12.18 -2.49 4.41
N ILE A 52 -11.47 -3.22 3.54
CA ILE A 52 -10.01 -3.24 3.57
C ILE A 52 -9.44 -2.17 2.63
N LYS A 53 -8.25 -1.67 2.96
CA LYS A 53 -7.49 -0.73 2.15
C LYS A 53 -6.02 -1.12 2.21
N VAL A 54 -5.38 -1.07 1.05
CA VAL A 54 -3.95 -1.32 0.90
C VAL A 54 -3.27 -0.10 0.28
N LEU A 55 -2.12 0.30 0.84
CA LEU A 55 -1.30 1.40 0.30
C LEU A 55 -0.05 0.80 -0.35
N ILE A 56 0.00 0.78 -1.68
CA ILE A 56 1.12 0.16 -2.40
C ILE A 56 2.12 1.24 -2.85
N LEU A 57 3.29 1.32 -2.16
CA LEU A 57 4.36 2.29 -2.49
C LEU A 57 5.33 1.59 -3.44
N VAL A 58 5.38 2.06 -4.68
CA VAL A 58 6.17 1.46 -5.74
C VAL A 58 7.31 2.41 -6.12
N SER A 59 8.49 1.86 -6.37
CA SER A 59 9.67 2.65 -6.79
C SER A 59 9.63 2.96 -8.30
N ASN A 60 8.83 2.19 -9.06
CA ASN A 60 8.76 2.32 -10.54
C ASN A 60 7.32 2.59 -11.02
N ASP A 61 7.22 3.31 -12.15
CA ASP A 61 5.96 3.52 -12.90
C ASP A 61 5.45 2.19 -13.48
N GLU A 62 6.41 1.31 -13.81
CA GLU A 62 6.13 -0.08 -14.21
C GLU A 62 5.30 -0.78 -13.13
N GLU A 63 5.77 -0.66 -11.90
CA GLU A 63 5.17 -1.26 -10.72
C GLU A 63 3.87 -0.54 -10.31
N LEU A 64 3.78 0.79 -10.60
CA LEU A 64 2.54 1.58 -10.37
C LEU A 64 1.37 0.96 -11.14
N ASP A 65 1.53 0.88 -12.46
CA ASP A 65 0.48 0.38 -13.38
C ASP A 65 0.21 -1.10 -13.11
N LYS A 66 1.28 -1.86 -12.81
CA LYS A 66 1.21 -3.30 -12.56
C LYS A 66 0.36 -3.58 -11.31
N ALA A 67 0.66 -2.85 -10.22
CA ALA A 67 -0.03 -3.01 -8.93
C ALA A 67 -1.48 -2.48 -8.98
N LYS A 68 -1.74 -1.45 -9.83
CA LYS A 68 -3.11 -0.97 -10.09
C LYS A 68 -3.96 -2.08 -10.71
N GLU A 69 -3.42 -2.68 -11.79
CA GLU A 69 -4.10 -3.76 -12.53
C GLU A 69 -4.45 -4.93 -11.60
N LEU A 70 -3.42 -5.45 -10.92
CA LEU A 70 -3.53 -6.62 -10.04
C LEU A 70 -4.59 -6.40 -8.92
N ALA A 71 -4.48 -5.27 -8.22
CA ALA A 71 -5.35 -4.92 -7.08
C ALA A 71 -6.83 -4.72 -7.48
N GLN A 72 -7.04 -4.04 -8.64
CA GLN A 72 -8.39 -3.72 -9.14
C GLN A 72 -9.08 -4.97 -9.72
N LYS A 73 -8.30 -5.94 -10.25
CA LYS A 73 -8.87 -7.23 -10.75
C LYS A 73 -9.15 -8.17 -9.56
N MET A 74 -8.48 -7.92 -8.41
CA MET A 74 -8.86 -8.52 -7.11
C MET A 74 -10.05 -7.78 -6.46
N GLU A 75 -10.41 -6.61 -7.07
CA GLU A 75 -11.47 -5.69 -6.60
C GLU A 75 -11.30 -5.26 -5.13
N ILE A 76 -10.03 -5.21 -4.69
CA ILE A 76 -9.65 -4.71 -3.36
C ILE A 76 -9.46 -3.18 -3.43
N ASP A 77 -10.02 -2.44 -2.44
CA ASP A 77 -9.85 -0.99 -2.34
C ASP A 77 -8.37 -0.72 -2.02
N VAL A 78 -7.65 -0.12 -2.98
CA VAL A 78 -6.22 0.16 -2.85
C VAL A 78 -5.91 1.61 -3.30
N ARG A 79 -5.00 2.26 -2.55
CA ARG A 79 -4.35 3.51 -2.95
C ARG A 79 -2.93 3.13 -3.44
N THR A 80 -2.70 3.18 -4.77
CA THR A 80 -1.40 2.79 -5.37
C THR A 80 -0.61 4.08 -5.67
N ARG A 81 0.52 4.27 -4.96
CA ARG A 81 1.32 5.51 -5.03
C ARG A 81 2.72 5.22 -5.59
N LYS A 82 3.14 6.04 -6.57
CA LYS A 82 4.47 5.95 -7.18
C LYS A 82 5.44 6.88 -6.44
N VAL A 83 6.33 6.27 -5.67
CA VAL A 83 7.39 6.97 -4.92
C VAL A 83 8.73 6.81 -5.64
N THR A 84 9.69 7.69 -5.31
CA THR A 84 11.04 7.69 -5.90
C THR A 84 12.07 7.73 -4.76
N SER A 85 11.93 8.73 -3.87
CA SER A 85 12.82 8.91 -2.70
C SER A 85 12.22 8.19 -1.46
N PRO A 86 13.07 7.77 -0.45
CA PRO A 86 12.60 7.11 0.79
C PRO A 86 11.57 7.96 1.59
N ASP A 87 11.78 9.29 1.58
CA ASP A 87 10.88 10.24 2.29
C ASP A 87 9.52 10.37 1.57
N GLU A 88 9.50 10.15 0.25
CA GLU A 88 8.23 10.06 -0.52
C GLU A 88 7.40 8.86 -0.04
N ALA A 89 8.08 7.70 0.12
CA ALA A 89 7.45 6.46 0.59
C ALA A 89 6.88 6.64 2.00
N LYS A 90 7.64 7.35 2.85
CA LYS A 90 7.27 7.65 4.23
C LYS A 90 6.04 8.57 4.29
N ARG A 91 6.07 9.65 3.49
CA ARG A 91 5.07 10.72 3.56
C ARG A 91 3.64 10.17 3.33
N TRP A 92 3.47 9.43 2.22
CA TRP A 92 2.18 8.81 1.86
C TRP A 92 1.61 7.90 2.98
N ILE A 93 2.48 7.26 3.76
CA ILE A 93 2.09 6.34 4.84
C ILE A 93 1.49 7.14 6.02
N LYS A 94 2.22 8.20 6.42
CA LYS A 94 1.79 9.10 7.52
C LYS A 94 0.48 9.81 7.16
N GLU A 95 0.33 10.14 5.87
CA GLU A 95 -0.90 10.74 5.32
C GLU A 95 -2.06 9.71 5.30
N PHE A 96 -1.74 8.46 4.92
CA PHE A 96 -2.75 7.37 4.76
C PHE A 96 -3.42 7.03 6.09
N SER A 97 -2.64 7.08 7.17
CA SER A 97 -3.14 6.80 8.53
C SER A 97 -4.04 7.94 9.04
N GLU A 98 -3.59 9.19 8.88
CA GLU A 98 -4.29 10.39 9.39
C GLU A 98 -5.59 10.67 8.61
N GLU A 99 -5.49 10.60 7.27
CA GLU A 99 -6.65 10.73 6.36
C GLU A 99 -7.54 9.46 6.42
N GLY A 100 -6.95 8.36 6.97
CA GLY A 100 -7.66 7.09 7.15
C GLY A 100 -7.80 6.29 5.87
N GLY A 101 -7.12 6.75 4.80
CA GLY A 101 -7.21 6.14 3.47
C GLY A 101 -8.45 6.58 2.68
N SER A 102 -9.57 6.76 3.39
CA SER A 102 -10.88 7.07 2.80
C SER A 102 -11.03 8.57 2.58
N LEU A 103 -10.57 9.04 1.40
CA LEU A 103 -10.87 10.40 0.90
C LEU A 103 -12.08 10.27 -0.04
N GLU A 104 -13.13 9.61 0.49
CA GLU A 104 -14.33 9.18 -0.25
C GLU A 104 -15.57 9.70 0.48
N HIS A 105 -16.69 9.83 -0.24
CA HIS A 105 -18.01 10.03 0.38
C HIS A 105 -18.42 8.70 1.05
N HIS A 106 -18.89 8.74 2.31
CA HIS A 106 -19.12 7.52 3.12
C HIS A 106 -20.30 6.71 2.55
N HIS A 107 -19.95 5.85 1.59
CA HIS A 107 -20.86 4.97 0.84
C HIS A 107 -21.27 3.76 1.68
N HIS A 108 -22.52 3.30 1.45
CA HIS A 108 -23.13 2.20 2.23
C HIS A 108 -22.59 0.85 1.72
N HIS A 109 -21.47 0.40 2.32
CA HIS A 109 -20.77 -0.82 1.94
C HIS A 109 -20.02 -1.37 3.16
N HIS A 110 -20.20 -2.67 3.44
CA HIS A 110 -19.59 -3.36 4.59
C HIS A 110 -18.82 -4.60 4.10
N MET A 1 -10.53 0.18 11.60
CA MET A 1 -10.46 0.32 10.12
C MET A 1 -9.23 -0.46 9.60
N LEU A 2 -9.46 -1.36 8.64
CA LEU A 2 -8.39 -2.18 8.05
C LEU A 2 -7.49 -1.31 7.14
N LEU A 3 -6.27 -1.01 7.61
CA LEU A 3 -5.26 -0.23 6.85
C LEU A 3 -3.99 -1.09 6.62
N TYR A 4 -3.64 -1.29 5.35
CA TYR A 4 -2.51 -2.14 4.92
C TYR A 4 -1.64 -1.38 3.91
N VAL A 5 -0.32 -1.61 3.98
CA VAL A 5 0.68 -1.02 3.08
C VAL A 5 1.47 -2.14 2.38
N LEU A 6 1.64 -2.04 1.05
CA LEU A 6 2.47 -2.96 0.25
C LEU A 6 3.61 -2.15 -0.38
N ILE A 7 4.87 -2.54 -0.16
CA ILE A 7 6.02 -1.80 -0.70
C ILE A 7 6.81 -2.66 -1.72
N ILE A 8 6.83 -2.22 -2.99
CA ILE A 8 7.66 -2.82 -4.04
C ILE A 8 8.87 -1.89 -4.25
N SER A 9 10.02 -2.26 -3.65
CA SER A 9 11.26 -1.50 -3.79
C SER A 9 12.44 -2.41 -3.43
N ASN A 10 13.56 -2.24 -4.14
CA ASN A 10 14.83 -2.92 -3.88
C ASN A 10 15.72 -2.05 -2.97
N ASP A 11 15.39 -0.74 -2.87
CA ASP A 11 16.09 0.19 -1.97
C ASP A 11 15.79 -0.18 -0.53
N LYS A 12 16.73 -0.90 0.10
CA LYS A 12 16.60 -1.35 1.50
C LYS A 12 16.44 -0.16 2.44
N LYS A 13 17.14 0.94 2.16
CA LYS A 13 17.03 2.19 2.93
C LYS A 13 15.60 2.72 2.90
N LEU A 14 14.98 2.70 1.70
CA LEU A 14 13.58 3.15 1.50
C LEU A 14 12.59 2.23 2.26
N ILE A 15 12.89 0.91 2.29
CA ILE A 15 12.09 -0.10 3.00
C ILE A 15 12.16 0.11 4.52
N GLU A 16 13.37 0.42 5.03
CA GLU A 16 13.58 0.72 6.45
C GLU A 16 12.80 1.99 6.85
N GLU A 17 12.94 3.05 6.02
CA GLU A 17 12.28 4.35 6.22
C GLU A 17 10.75 4.20 6.28
N ALA A 18 10.22 3.39 5.35
CA ALA A 18 8.78 3.10 5.24
C ALA A 18 8.28 2.28 6.44
N ARG A 19 9.08 1.28 6.84
CA ARG A 19 8.78 0.37 7.97
C ARG A 19 8.71 1.14 9.31
N LYS A 20 9.69 2.03 9.54
CA LYS A 20 9.78 2.82 10.79
C LYS A 20 8.60 3.80 10.92
N MET A 21 8.11 4.27 9.76
CA MET A 21 6.88 5.08 9.68
C MET A 21 5.64 4.23 9.96
N ALA A 22 5.60 3.04 9.36
CA ALA A 22 4.47 2.11 9.48
C ALA A 22 4.29 1.61 10.92
N GLU A 23 5.40 1.47 11.67
CA GLU A 23 5.39 1.13 13.12
C GLU A 23 4.69 2.24 13.92
N LYS A 24 5.12 3.49 13.68
CA LYS A 24 4.56 4.70 14.32
C LYS A 24 3.08 4.89 13.94
N ALA A 25 2.73 4.46 12.73
CA ALA A 25 1.38 4.58 12.14
C ALA A 25 0.49 3.34 12.45
N ASN A 26 1.12 2.24 12.91
CA ASN A 26 0.45 0.96 13.28
C ASN A 26 -0.20 0.28 12.03
N LEU A 27 0.45 0.48 10.86
CA LEU A 27 -0.02 -0.09 9.57
C LEU A 27 0.78 -1.37 9.23
N GLU A 28 0.10 -2.38 8.67
CA GLU A 28 0.72 -3.66 8.31
C GLU A 28 1.44 -3.53 6.95
N LEU A 29 2.78 -3.44 7.00
CA LEU A 29 3.61 -3.24 5.81
C LEU A 29 4.17 -4.60 5.38
N ARG A 30 3.82 -5.01 4.15
CA ARG A 30 4.30 -6.26 3.56
C ARG A 30 5.37 -5.92 2.52
N THR A 31 6.56 -6.53 2.64
CA THR A 31 7.65 -6.27 1.70
C THR A 31 7.48 -7.17 0.45
N VAL A 32 7.17 -6.53 -0.68
CA VAL A 32 6.93 -7.21 -1.96
C VAL A 32 8.27 -7.32 -2.72
N LYS A 33 8.50 -8.49 -3.32
CA LYS A 33 9.70 -8.77 -4.13
C LYS A 33 9.32 -8.73 -5.62
N THR A 34 8.42 -9.64 -6.01
CA THR A 34 7.95 -9.80 -7.39
C THR A 34 6.42 -9.58 -7.47
N GLU A 35 5.85 -9.62 -8.70
CA GLU A 35 4.40 -9.42 -8.89
C GLU A 35 3.56 -10.52 -8.22
N ASP A 36 4.14 -11.73 -8.11
CA ASP A 36 3.49 -12.87 -7.43
C ASP A 36 3.42 -12.65 -5.91
N GLU A 37 4.42 -11.95 -5.34
CA GLU A 37 4.39 -11.55 -3.92
C GLU A 37 3.25 -10.54 -3.68
N LEU A 38 3.11 -9.59 -4.62
CA LEU A 38 2.06 -8.55 -4.60
C LEU A 38 0.66 -9.23 -4.61
N LYS A 39 0.53 -10.24 -5.50
CA LYS A 39 -0.69 -11.05 -5.66
C LYS A 39 -1.04 -11.83 -4.38
N LYS A 40 -0.04 -12.49 -3.75
CA LYS A 40 -0.27 -13.36 -2.58
C LYS A 40 -0.67 -12.55 -1.34
N TYR A 41 -0.17 -11.31 -1.24
CA TYR A 41 -0.59 -10.38 -0.17
C TYR A 41 -2.05 -9.96 -0.36
N LEU A 42 -2.43 -9.74 -1.64
CA LEU A 42 -3.83 -9.45 -2.02
C LEU A 42 -4.76 -10.68 -1.76
N GLU A 43 -4.26 -11.92 -1.98
CA GLU A 43 -4.98 -13.19 -1.63
C GLU A 43 -5.45 -13.14 -0.16
N GLU A 44 -4.49 -12.74 0.69
CA GLU A 44 -4.68 -12.58 2.14
C GLU A 44 -5.72 -11.48 2.44
N PHE A 45 -5.67 -10.38 1.68
CA PHE A 45 -6.58 -9.22 1.89
C PHE A 45 -8.02 -9.47 1.37
N ARG A 46 -8.22 -10.47 0.49
CA ARG A 46 -9.57 -10.74 -0.08
C ARG A 46 -10.50 -11.39 0.96
N LYS A 47 -9.95 -12.29 1.80
CA LYS A 47 -10.74 -13.00 2.86
C LYS A 47 -11.34 -12.00 3.87
N GLU A 48 -10.72 -10.82 3.91
CA GLU A 48 -11.05 -9.72 4.83
C GLU A 48 -11.20 -8.41 4.02
N SER A 49 -11.70 -8.51 2.77
CA SER A 49 -11.94 -7.34 1.90
C SER A 49 -13.24 -6.63 2.34
N GLN A 50 -13.15 -5.98 3.51
CA GLN A 50 -14.26 -5.32 4.19
C GLN A 50 -13.69 -4.12 4.97
N ASN A 51 -14.08 -2.90 4.56
CA ASN A 51 -13.64 -1.63 5.19
C ASN A 51 -12.10 -1.46 5.08
N ILE A 52 -11.51 -2.18 4.10
CA ILE A 52 -10.07 -2.27 3.93
C ILE A 52 -9.57 -1.22 2.92
N LYS A 53 -8.41 -0.65 3.22
CA LYS A 53 -7.72 0.32 2.39
C LYS A 53 -6.27 -0.16 2.29
N VAL A 54 -5.79 -0.40 1.06
CA VAL A 54 -4.39 -0.78 0.81
C VAL A 54 -3.67 0.40 0.13
N LEU A 55 -2.40 0.63 0.50
CA LEU A 55 -1.54 1.66 -0.10
C LEU A 55 -0.25 1.00 -0.61
N ILE A 56 -0.09 0.93 -1.94
CA ILE A 56 1.08 0.29 -2.57
C ILE A 56 2.09 1.38 -2.99
N LEU A 57 3.29 1.35 -2.38
CA LEU A 57 4.40 2.25 -2.72
C LEU A 57 5.38 1.46 -3.58
N VAL A 58 5.48 1.83 -4.85
CA VAL A 58 6.37 1.16 -5.81
C VAL A 58 7.57 2.06 -6.10
N SER A 59 8.63 1.49 -6.70
CA SER A 59 9.80 2.26 -7.15
C SER A 59 9.69 2.56 -8.65
N ASN A 60 9.19 1.58 -9.42
CA ASN A 60 9.16 1.62 -10.89
C ASN A 60 7.74 1.92 -11.42
N ASP A 61 7.66 2.64 -12.56
CA ASP A 61 6.36 2.96 -13.24
C ASP A 61 5.71 1.70 -13.84
N GLU A 62 6.56 0.71 -14.18
CA GLU A 62 6.10 -0.60 -14.67
C GLU A 62 5.37 -1.33 -13.51
N GLU A 63 5.96 -1.25 -12.30
CA GLU A 63 5.35 -1.81 -11.07
C GLU A 63 4.11 -1.00 -10.62
N LEU A 64 4.11 0.32 -10.89
CA LEU A 64 2.98 1.23 -10.58
C LEU A 64 1.71 0.74 -11.27
N ASP A 65 1.80 0.65 -12.61
CA ASP A 65 0.67 0.30 -13.46
C ASP A 65 0.21 -1.14 -13.16
N LYS A 66 1.19 -2.06 -13.04
CA LYS A 66 0.92 -3.49 -12.81
C LYS A 66 0.25 -3.73 -11.43
N ALA A 67 0.68 -2.97 -10.39
CA ALA A 67 0.11 -3.07 -9.03
C ALA A 67 -1.36 -2.61 -9.02
N LYS A 68 -1.67 -1.59 -9.85
CA LYS A 68 -3.07 -1.15 -10.07
C LYS A 68 -3.89 -2.31 -10.69
N GLU A 69 -3.33 -2.97 -11.72
CA GLU A 69 -4.03 -4.01 -12.49
C GLU A 69 -4.36 -5.23 -11.60
N LEU A 70 -3.36 -5.69 -10.84
CA LEU A 70 -3.48 -6.85 -9.93
C LEU A 70 -4.51 -6.55 -8.81
N ALA A 71 -4.50 -5.30 -8.32
CA ALA A 71 -5.50 -4.80 -7.34
C ALA A 71 -6.94 -4.85 -7.92
N GLN A 72 -7.06 -4.53 -9.23
CA GLN A 72 -8.34 -4.55 -9.95
C GLN A 72 -8.84 -6.00 -10.14
N LYS A 73 -7.91 -6.97 -10.38
CA LYS A 73 -8.27 -8.40 -10.54
C LYS A 73 -8.91 -8.93 -9.24
N MET A 74 -8.42 -8.39 -8.11
CA MET A 74 -8.86 -8.75 -6.76
C MET A 74 -10.07 -7.90 -6.30
N GLU A 75 -10.33 -6.81 -7.06
CA GLU A 75 -11.38 -5.79 -6.79
C GLU A 75 -11.23 -5.11 -5.39
N ILE A 76 -10.01 -5.17 -4.81
CA ILE A 76 -9.74 -4.59 -3.46
C ILE A 76 -9.60 -3.05 -3.56
N ASP A 77 -10.02 -2.35 -2.49
CA ASP A 77 -10.02 -0.88 -2.39
C ASP A 77 -8.57 -0.38 -2.13
N VAL A 78 -7.84 -0.05 -3.22
CA VAL A 78 -6.37 0.22 -3.19
C VAL A 78 -6.02 1.62 -3.77
N ARG A 79 -4.97 2.25 -3.20
CA ARG A 79 -4.32 3.47 -3.71
C ARG A 79 -2.86 3.08 -4.04
N THR A 80 -2.39 3.37 -5.26
CA THR A 80 -1.02 3.03 -5.70
C THR A 80 -0.23 4.31 -6.05
N ARG A 81 0.89 4.54 -5.34
CA ARG A 81 1.78 5.71 -5.50
C ARG A 81 3.20 5.24 -5.90
N LYS A 82 3.82 5.93 -6.88
CA LYS A 82 5.21 5.67 -7.29
C LYS A 82 6.15 6.65 -6.58
N VAL A 83 7.16 6.09 -5.90
CA VAL A 83 8.15 6.84 -5.12
C VAL A 83 9.57 6.24 -5.32
N THR A 84 10.56 7.10 -5.56
CA THR A 84 11.99 6.73 -5.53
C THR A 84 12.63 7.33 -4.27
N SER A 85 12.18 8.54 -3.90
CA SER A 85 12.62 9.21 -2.68
C SER A 85 11.92 8.59 -1.46
N PRO A 86 12.70 8.06 -0.45
CA PRO A 86 12.14 7.59 0.84
C PRO A 86 11.21 8.64 1.52
N ASP A 87 11.59 9.94 1.38
CA ASP A 87 10.79 11.08 1.91
C ASP A 87 9.34 11.08 1.37
N GLU A 88 9.21 10.88 0.04
CA GLU A 88 7.90 10.79 -0.65
C GLU A 88 7.07 9.61 -0.11
N ALA A 89 7.75 8.44 0.06
CA ALA A 89 7.11 7.20 0.57
C ALA A 89 6.57 7.38 1.99
N LYS A 90 7.41 7.99 2.85
CA LYS A 90 7.10 8.22 4.28
C LYS A 90 5.92 9.16 4.45
N ARG A 91 5.84 10.18 3.56
CA ARG A 91 4.74 11.15 3.55
C ARG A 91 3.41 10.43 3.35
N TRP A 92 3.29 9.60 2.30
CA TRP A 92 2.04 8.89 1.99
C TRP A 92 1.55 7.96 3.12
N ILE A 93 2.50 7.39 3.88
CA ILE A 93 2.20 6.49 5.03
C ILE A 93 1.61 7.33 6.19
N LYS A 94 2.26 8.48 6.45
CA LYS A 94 1.80 9.48 7.41
C LYS A 94 0.37 9.96 7.06
N GLU A 95 0.17 10.33 5.78
CA GLU A 95 -1.14 10.79 5.24
C GLU A 95 -2.24 9.73 5.45
N PHE A 96 -1.87 8.47 5.18
CA PHE A 96 -2.76 7.29 5.18
C PHE A 96 -3.20 6.90 6.61
N SER A 97 -2.33 7.19 7.60
CA SER A 97 -2.64 6.93 9.02
C SER A 97 -3.43 8.10 9.65
N GLU A 98 -3.09 9.35 9.26
CA GLU A 98 -3.75 10.58 9.76
C GLU A 98 -5.22 10.63 9.31
N GLU A 99 -5.48 10.17 8.08
CA GLU A 99 -6.86 10.01 7.59
C GLU A 99 -7.54 8.85 8.36
N GLY A 100 -6.83 7.70 8.40
CA GLY A 100 -7.37 6.45 8.95
C GLY A 100 -8.57 5.89 8.16
N GLY A 101 -8.91 6.55 7.04
CA GLY A 101 -10.19 6.35 6.35
C GLY A 101 -10.99 7.64 6.27
N SER A 102 -12.31 7.51 6.01
CA SER A 102 -13.32 8.60 6.12
C SER A 102 -13.31 9.61 4.93
N LEU A 103 -12.16 9.77 4.26
CA LEU A 103 -12.00 10.77 3.15
C LEU A 103 -12.72 10.34 1.87
N GLU A 104 -12.97 9.02 1.75
CA GLU A 104 -13.85 8.48 0.70
C GLU A 104 -15.30 8.59 1.16
N HIS A 105 -16.17 9.07 0.25
CA HIS A 105 -17.62 9.09 0.45
C HIS A 105 -18.13 7.64 0.55
N HIS A 106 -19.24 7.45 1.29
CA HIS A 106 -19.71 6.12 1.75
C HIS A 106 -18.67 5.54 2.74
N HIS A 107 -18.29 6.37 3.71
CA HIS A 107 -17.35 5.99 4.76
C HIS A 107 -18.07 5.14 5.82
N HIS A 108 -17.76 3.84 5.83
CA HIS A 108 -18.32 2.87 6.77
C HIS A 108 -17.16 2.20 7.53
N HIS A 109 -16.38 3.03 8.26
CA HIS A 109 -15.22 2.56 9.04
C HIS A 109 -15.71 1.77 10.26
N HIS A 110 -14.93 0.76 10.66
CA HIS A 110 -15.16 0.01 11.89
C HIS A 110 -13.83 -0.08 12.67
N MET A 1 -10.88 -0.23 11.13
CA MET A 1 -10.62 -0.26 9.67
C MET A 1 -9.24 -0.87 9.40
N LEU A 2 -9.18 -1.82 8.44
CA LEU A 2 -7.95 -2.54 8.10
C LEU A 2 -7.09 -1.69 7.14
N LEU A 3 -5.97 -1.14 7.64
CA LEU A 3 -5.06 -0.31 6.83
C LEU A 3 -3.72 -1.06 6.63
N TYR A 4 -3.38 -1.37 5.37
CA TYR A 4 -2.17 -2.15 5.02
C TYR A 4 -1.26 -1.34 4.09
N VAL A 5 0.05 -1.60 4.18
CA VAL A 5 1.07 -0.97 3.34
C VAL A 5 1.88 -2.06 2.60
N LEU A 6 1.82 -2.06 1.25
CA LEU A 6 2.60 -2.97 0.38
C LEU A 6 3.71 -2.18 -0.30
N ILE A 7 4.96 -2.44 0.05
CA ILE A 7 6.11 -1.68 -0.49
C ILE A 7 6.91 -2.55 -1.49
N ILE A 8 6.80 -2.23 -2.78
CA ILE A 8 7.62 -2.87 -3.82
C ILE A 8 8.92 -2.08 -3.97
N SER A 9 10.01 -2.62 -3.39
CA SER A 9 11.33 -1.97 -3.42
C SER A 9 12.43 -3.02 -3.24
N ASN A 10 13.50 -2.85 -4.01
CA ASN A 10 14.73 -3.66 -3.88
C ASN A 10 15.68 -3.02 -2.84
N ASP A 11 15.50 -1.70 -2.61
CA ASP A 11 16.42 -0.92 -1.77
C ASP A 11 16.06 -1.06 -0.28
N LYS A 12 17.00 -1.64 0.48
CA LYS A 12 16.84 -1.95 1.91
C LYS A 12 16.59 -0.71 2.76
N LYS A 13 17.20 0.42 2.36
CA LYS A 13 17.13 1.68 3.12
C LYS A 13 15.72 2.28 3.00
N LEU A 14 15.17 2.20 1.78
CA LEU A 14 13.81 2.69 1.45
C LEU A 14 12.75 1.86 2.22
N ILE A 15 12.99 0.54 2.31
CA ILE A 15 12.14 -0.40 3.07
C ILE A 15 12.11 -0.04 4.57
N GLU A 16 13.30 0.22 5.15
CA GLU A 16 13.43 0.56 6.58
C GLU A 16 12.79 1.93 6.90
N GLU A 17 12.92 2.89 5.97
CA GLU A 17 12.34 4.24 6.12
C GLU A 17 10.80 4.19 6.17
N ALA A 18 10.22 3.42 5.24
CA ALA A 18 8.76 3.19 5.17
C ALA A 18 8.27 2.41 6.40
N ARG A 19 9.13 1.49 6.88
CA ARG A 19 8.87 0.68 8.07
C ARG A 19 8.75 1.58 9.32
N LYS A 20 9.63 2.59 9.44
CA LYS A 20 9.64 3.53 10.59
C LYS A 20 8.30 4.28 10.71
N MET A 21 7.71 4.59 9.54
CA MET A 21 6.40 5.24 9.43
C MET A 21 5.26 4.27 9.75
N ALA A 22 5.40 3.02 9.28
CA ALA A 22 4.43 1.96 9.57
C ALA A 22 4.35 1.64 11.07
N GLU A 23 5.51 1.74 11.76
CA GLU A 23 5.63 1.57 13.22
C GLU A 23 4.80 2.63 13.97
N LYS A 24 5.01 3.90 13.58
CA LYS A 24 4.33 5.07 14.18
C LYS A 24 2.82 5.02 13.89
N ALA A 25 2.47 4.61 12.68
CA ALA A 25 1.08 4.49 12.21
C ALA A 25 0.40 3.23 12.77
N ASN A 26 1.24 2.25 13.21
CA ASN A 26 0.81 0.94 13.76
C ASN A 26 0.10 0.07 12.70
N LEU A 27 0.43 0.30 11.41
CA LEU A 27 -0.17 -0.42 10.28
C LEU A 27 0.72 -1.62 9.89
N GLU A 28 0.11 -2.67 9.31
CA GLU A 28 0.83 -3.88 8.91
C GLU A 28 1.49 -3.66 7.53
N LEU A 29 2.83 -3.75 7.51
CA LEU A 29 3.63 -3.55 6.30
C LEU A 29 4.13 -4.91 5.81
N ARG A 30 3.91 -5.19 4.52
CA ARG A 30 4.43 -6.37 3.83
C ARG A 30 5.43 -5.89 2.78
N THR A 31 6.68 -6.38 2.85
CA THR A 31 7.70 -6.08 1.85
C THR A 31 7.44 -6.92 0.60
N VAL A 32 7.10 -6.23 -0.50
CA VAL A 32 6.79 -6.84 -1.79
C VAL A 32 8.04 -6.79 -2.66
N LYS A 33 8.32 -7.89 -3.38
CA LYS A 33 9.49 -7.99 -4.27
C LYS A 33 9.04 -7.94 -5.74
N THR A 34 8.31 -8.99 -6.16
CA THR A 34 7.77 -9.12 -7.53
C THR A 34 6.27 -8.81 -7.52
N GLU A 35 5.68 -8.82 -8.72
CA GLU A 35 4.22 -8.70 -8.91
C GLU A 35 3.49 -9.86 -8.21
N ASP A 36 4.14 -11.04 -8.18
CA ASP A 36 3.57 -12.26 -7.59
C ASP A 36 3.48 -12.17 -6.06
N GLU A 37 4.44 -11.44 -5.44
CA GLU A 37 4.37 -11.12 -4.00
C GLU A 37 3.19 -10.18 -3.73
N LEU A 38 3.00 -9.21 -4.65
CA LEU A 38 1.94 -8.20 -4.58
C LEU A 38 0.56 -8.91 -4.60
N LYS A 39 0.46 -9.92 -5.48
CA LYS A 39 -0.74 -10.76 -5.63
C LYS A 39 -1.07 -11.52 -4.34
N LYS A 40 -0.07 -12.29 -3.81
CA LYS A 40 -0.27 -13.21 -2.68
C LYS A 40 -0.64 -12.47 -1.38
N TYR A 41 -0.12 -11.23 -1.22
CA TYR A 41 -0.48 -10.36 -0.10
C TYR A 41 -1.92 -9.84 -0.25
N LEU A 42 -2.31 -9.46 -1.49
CA LEU A 42 -3.70 -9.07 -1.79
C LEU A 42 -4.69 -10.24 -1.53
N GLU A 43 -4.27 -11.49 -1.81
CA GLU A 43 -5.07 -12.71 -1.53
C GLU A 43 -5.29 -12.89 -0.02
N GLU A 44 -4.20 -12.65 0.73
CA GLU A 44 -4.19 -12.61 2.21
C GLU A 44 -5.22 -11.58 2.73
N PHE A 45 -5.37 -10.48 1.97
CA PHE A 45 -6.36 -9.42 2.26
C PHE A 45 -7.77 -9.76 1.73
N ARG A 46 -7.88 -10.60 0.67
CA ARG A 46 -9.20 -10.95 0.06
C ARG A 46 -10.04 -11.85 0.99
N LYS A 47 -9.37 -12.75 1.72
CA LYS A 47 -10.03 -13.68 2.66
C LYS A 47 -10.65 -12.94 3.87
N GLU A 48 -10.28 -11.65 4.03
CA GLU A 48 -10.80 -10.78 5.09
C GLU A 48 -11.27 -9.43 4.51
N SER A 49 -11.55 -9.40 3.19
CA SER A 49 -11.85 -8.15 2.47
C SER A 49 -13.23 -7.59 2.86
N GLN A 50 -13.21 -6.78 3.91
CA GLN A 50 -14.35 -5.96 4.37
C GLN A 50 -13.79 -4.80 5.20
N ASN A 51 -14.15 -3.55 4.81
CA ASN A 51 -13.69 -2.30 5.48
C ASN A 51 -12.15 -2.17 5.39
N ILE A 52 -11.62 -2.64 4.27
CA ILE A 52 -10.18 -2.83 4.08
C ILE A 52 -9.62 -1.86 3.01
N LYS A 53 -8.46 -1.30 3.30
CA LYS A 53 -7.77 -0.30 2.47
C LYS A 53 -6.28 -0.63 2.46
N VAL A 54 -5.69 -0.65 1.25
CA VAL A 54 -4.26 -0.91 1.06
C VAL A 54 -3.59 0.28 0.33
N LEU A 55 -2.30 0.52 0.65
CA LEU A 55 -1.45 1.52 -0.03
C LEU A 55 -0.19 0.84 -0.57
N ILE A 56 -0.01 0.86 -1.89
CA ILE A 56 1.13 0.21 -2.56
C ILE A 56 2.15 1.29 -3.00
N LEU A 57 3.36 1.26 -2.40
CA LEU A 57 4.48 2.17 -2.77
C LEU A 57 5.45 1.40 -3.66
N VAL A 58 5.56 1.80 -4.93
CA VAL A 58 6.41 1.13 -5.91
C VAL A 58 7.65 1.98 -6.22
N SER A 59 8.74 1.33 -6.63
CA SER A 59 10.01 2.04 -6.96
C SER A 59 10.09 2.37 -8.46
N ASN A 60 9.26 1.70 -9.29
CA ASN A 60 9.33 1.80 -10.79
C ASN A 60 7.94 2.07 -11.40
N ASP A 61 7.94 2.75 -12.56
CA ASP A 61 6.71 3.15 -13.31
C ASP A 61 5.93 1.92 -13.83
N GLU A 62 6.66 0.84 -14.17
CA GLU A 62 6.04 -0.42 -14.62
C GLU A 62 5.27 -1.09 -13.47
N GLU A 63 5.85 -1.01 -12.25
CA GLU A 63 5.24 -1.57 -11.03
C GLU A 63 4.01 -0.74 -10.62
N LEU A 64 4.04 0.57 -10.92
CA LEU A 64 2.91 1.49 -10.66
C LEU A 64 1.65 1.01 -11.37
N ASP A 65 1.72 0.96 -12.72
CA ASP A 65 0.59 0.59 -13.58
C ASP A 65 0.14 -0.85 -13.32
N LYS A 66 1.12 -1.74 -13.07
CA LYS A 66 0.86 -3.18 -12.87
C LYS A 66 0.18 -3.44 -11.51
N ALA A 67 0.62 -2.75 -10.44
CA ALA A 67 0.03 -2.89 -9.10
C ALA A 67 -1.38 -2.30 -9.06
N LYS A 68 -1.65 -1.28 -9.91
CA LYS A 68 -3.02 -0.79 -10.15
C LYS A 68 -3.89 -1.90 -10.75
N GLU A 69 -3.34 -2.57 -11.79
CA GLU A 69 -4.01 -3.68 -12.49
C GLU A 69 -4.39 -4.79 -11.50
N LEU A 70 -3.40 -5.26 -10.72
CA LEU A 70 -3.55 -6.38 -9.76
C LEU A 70 -4.60 -6.05 -8.68
N ALA A 71 -4.47 -4.85 -8.06
CA ALA A 71 -5.37 -4.36 -6.99
C ALA A 71 -6.84 -4.32 -7.44
N GLN A 72 -7.05 -3.83 -8.67
CA GLN A 72 -8.38 -3.67 -9.27
C GLN A 72 -8.96 -5.03 -9.70
N LYS A 73 -8.09 -5.99 -10.11
CA LYS A 73 -8.53 -7.37 -10.42
C LYS A 73 -8.98 -8.09 -9.14
N MET A 74 -8.40 -7.70 -7.99
CA MET A 74 -8.83 -8.17 -6.64
C MET A 74 -10.03 -7.36 -6.13
N GLU A 75 -10.30 -6.22 -6.81
CA GLU A 75 -11.39 -5.25 -6.50
C GLU A 75 -11.29 -4.64 -5.08
N ILE A 76 -10.13 -4.80 -4.40
CA ILE A 76 -9.90 -4.23 -3.05
C ILE A 76 -9.70 -2.70 -3.17
N ASP A 77 -10.16 -1.93 -2.16
CA ASP A 77 -10.04 -0.47 -2.12
C ASP A 77 -8.57 -0.08 -1.82
N VAL A 78 -7.80 0.21 -2.89
CA VAL A 78 -6.32 0.37 -2.84
C VAL A 78 -5.87 1.65 -3.56
N ARG A 79 -4.85 2.33 -2.99
CA ARG A 79 -4.18 3.49 -3.62
C ARG A 79 -2.80 3.01 -4.08
N THR A 80 -2.45 3.25 -5.34
CA THR A 80 -1.14 2.88 -5.88
C THR A 80 -0.33 4.16 -6.16
N ARG A 81 0.75 4.34 -5.39
CA ARG A 81 1.62 5.53 -5.44
C ARG A 81 3.04 5.12 -5.86
N LYS A 82 3.61 5.84 -6.84
CA LYS A 82 4.99 5.64 -7.28
C LYS A 82 5.90 6.59 -6.49
N VAL A 83 6.97 6.04 -5.92
CA VAL A 83 7.92 6.78 -5.08
C VAL A 83 9.32 6.71 -5.70
N THR A 84 10.03 7.85 -5.72
CA THR A 84 11.43 7.91 -6.17
C THR A 84 12.36 7.73 -4.96
N SER A 85 12.22 8.67 -4.00
CA SER A 85 13.01 8.71 -2.76
C SER A 85 12.25 7.99 -1.63
N PRO A 86 12.95 7.60 -0.51
CA PRO A 86 12.28 7.03 0.70
C PRO A 86 11.28 8.02 1.33
N ASP A 87 11.62 9.32 1.23
CA ASP A 87 10.83 10.45 1.77
C ASP A 87 9.42 10.46 1.17
N GLU A 88 9.32 10.08 -0.11
CA GLU A 88 8.04 9.99 -0.83
C GLU A 88 7.17 8.92 -0.19
N ALA A 89 7.75 7.71 0.00
CA ALA A 89 7.05 6.54 0.53
C ALA A 89 6.53 6.79 1.95
N LYS A 90 7.38 7.46 2.76
CA LYS A 90 7.08 7.81 4.15
C LYS A 90 5.88 8.76 4.23
N ARG A 91 5.87 9.77 3.33
CA ARG A 91 4.82 10.79 3.28
C ARG A 91 3.46 10.14 3.01
N TRP A 92 3.37 9.33 1.93
CA TRP A 92 2.11 8.65 1.55
C TRP A 92 1.54 7.77 2.68
N ILE A 93 2.42 7.11 3.47
CA ILE A 93 2.00 6.24 4.60
C ILE A 93 1.33 7.11 5.68
N LYS A 94 1.93 8.28 5.95
CA LYS A 94 1.37 9.26 6.89
C LYS A 94 -0.01 9.73 6.41
N GLU A 95 -0.11 10.08 5.10
CA GLU A 95 -1.35 10.61 4.49
C GLU A 95 -2.48 9.56 4.53
N PHE A 96 -2.09 8.28 4.37
CA PHE A 96 -3.01 7.12 4.38
C PHE A 96 -3.58 6.89 5.79
N SER A 97 -2.76 7.23 6.82
CA SER A 97 -3.17 7.20 8.23
C SER A 97 -4.05 8.44 8.57
N GLU A 98 -3.76 9.59 7.92
CA GLU A 98 -4.56 10.82 8.10
C GLU A 98 -5.95 10.67 7.47
N GLU A 99 -6.07 9.77 6.47
CA GLU A 99 -7.37 9.35 5.93
C GLU A 99 -8.20 8.72 7.06
N GLY A 100 -7.61 7.69 7.71
CA GLY A 100 -8.25 6.97 8.79
C GLY A 100 -9.51 6.25 8.33
N GLY A 101 -10.67 6.93 8.45
CA GLY A 101 -11.96 6.38 8.05
C GLY A 101 -12.41 6.82 6.66
N SER A 102 -11.64 7.73 6.02
CA SER A 102 -11.93 8.23 4.67
C SER A 102 -11.82 7.10 3.61
N LEU A 103 -12.95 6.81 2.94
CA LEU A 103 -12.99 5.92 1.75
C LEU A 103 -14.33 6.11 0.99
N GLU A 104 -15.42 6.36 1.76
CA GLU A 104 -16.80 6.48 1.24
C GLU A 104 -16.92 7.62 0.23
N HIS A 105 -16.21 8.74 0.50
CA HIS A 105 -16.09 9.83 -0.48
C HIS A 105 -14.96 9.50 -1.46
N HIS A 106 -15.34 8.88 -2.58
CA HIS A 106 -14.44 8.50 -3.66
C HIS A 106 -14.93 9.17 -4.95
N HIS A 107 -14.97 10.51 -4.93
CA HIS A 107 -15.35 11.33 -6.10
C HIS A 107 -14.15 11.46 -7.07
N HIS A 108 -12.97 10.98 -6.62
CA HIS A 108 -11.75 10.86 -7.43
C HIS A 108 -11.49 9.37 -7.71
N HIS A 109 -10.31 9.03 -8.25
CA HIS A 109 -9.93 7.65 -8.59
C HIS A 109 -8.80 7.15 -7.66
N HIS A 110 -8.70 5.81 -7.55
CA HIS A 110 -7.72 5.10 -6.72
C HIS A 110 -6.51 4.63 -7.58
N MET A 1 -10.55 0.63 11.12
CA MET A 1 -10.39 0.57 9.65
C MET A 1 -9.17 -0.30 9.32
N LEU A 2 -9.36 -1.33 8.49
CA LEU A 2 -8.28 -2.25 8.11
C LEU A 2 -7.35 -1.55 7.10
N LEU A 3 -6.16 -1.13 7.56
CA LEU A 3 -5.19 -0.40 6.72
C LEU A 3 -3.89 -1.24 6.57
N TYR A 4 -3.49 -1.49 5.32
CA TYR A 4 -2.27 -2.24 4.98
C TYR A 4 -1.43 -1.46 3.96
N VAL A 5 -0.13 -1.73 3.99
CA VAL A 5 0.85 -1.12 3.08
C VAL A 5 1.69 -2.25 2.43
N LEU A 6 1.83 -2.21 1.09
CA LEU A 6 2.71 -3.13 0.33
C LEU A 6 3.78 -2.27 -0.37
N ILE A 7 5.06 -2.50 -0.09
CA ILE A 7 6.15 -1.71 -0.70
C ILE A 7 6.92 -2.54 -1.74
N ILE A 8 7.04 -2.01 -2.96
CA ILE A 8 7.90 -2.56 -4.01
C ILE A 8 9.10 -1.62 -4.20
N SER A 9 10.26 -1.99 -3.64
CA SER A 9 11.51 -1.22 -3.74
C SER A 9 12.70 -2.16 -3.46
N ASN A 10 13.85 -1.86 -4.09
CA ASN A 10 15.09 -2.61 -3.86
C ASN A 10 15.96 -1.89 -2.82
N ASP A 11 15.88 -0.54 -2.80
CA ASP A 11 16.71 0.29 -1.91
C ASP A 11 16.33 0.01 -0.44
N LYS A 12 17.26 -0.66 0.26
CA LYS A 12 17.05 -1.17 1.62
C LYS A 12 16.82 -0.02 2.64
N LYS A 13 17.37 1.18 2.36
CA LYS A 13 17.17 2.37 3.22
C LYS A 13 15.74 2.89 3.06
N LEU A 14 15.25 2.88 1.80
CA LEU A 14 13.86 3.28 1.47
C LEU A 14 12.86 2.33 2.14
N ILE A 15 13.16 1.02 2.08
CA ILE A 15 12.36 -0.05 2.70
C ILE A 15 12.29 0.14 4.23
N GLU A 16 13.48 0.34 4.84
CA GLU A 16 13.62 0.52 6.29
C GLU A 16 12.81 1.73 6.81
N GLU A 17 13.01 2.90 6.18
CA GLU A 17 12.38 4.16 6.62
C GLU A 17 10.85 4.09 6.49
N ALA A 18 10.37 3.55 5.35
CA ALA A 18 8.93 3.39 5.08
C ALA A 18 8.28 2.39 6.05
N ARG A 19 8.97 1.25 6.27
CA ARG A 19 8.53 0.17 7.18
C ARG A 19 8.33 0.68 8.60
N LYS A 20 9.38 1.32 9.12
CA LYS A 20 9.42 1.81 10.50
C LYS A 20 8.44 2.98 10.70
N MET A 21 8.16 3.75 9.63
CA MET A 21 7.12 4.80 9.65
C MET A 21 5.71 4.18 9.66
N ALA A 22 5.53 3.06 8.94
CA ALA A 22 4.26 2.31 8.91
C ALA A 22 3.98 1.65 10.26
N GLU A 23 5.05 1.19 10.94
CA GLU A 23 4.97 0.61 12.30
C GLU A 23 4.57 1.71 13.32
N LYS A 24 5.16 2.92 13.14
CA LYS A 24 4.80 4.12 13.92
C LYS A 24 3.34 4.55 13.64
N ALA A 25 2.88 4.29 12.41
CA ALA A 25 1.52 4.60 11.95
C ALA A 25 0.53 3.43 12.20
N ASN A 26 1.01 2.37 12.89
CA ASN A 26 0.19 1.17 13.30
C ASN A 26 -0.18 0.26 12.08
N LEU A 27 0.23 0.68 10.87
CA LEU A 27 -0.06 -0.05 9.62
C LEU A 27 0.87 -1.25 9.46
N GLU A 28 0.39 -2.34 8.85
CA GLU A 28 1.24 -3.49 8.53
C GLU A 28 1.86 -3.29 7.13
N LEU A 29 3.21 -3.25 7.08
CA LEU A 29 3.94 -3.11 5.83
C LEU A 29 4.53 -4.47 5.45
N ARG A 30 4.24 -4.90 4.21
CA ARG A 30 4.73 -6.16 3.66
C ARG A 30 5.63 -5.84 2.46
N THR A 31 6.85 -6.36 2.48
CA THR A 31 7.84 -6.15 1.43
C THR A 31 7.49 -7.07 0.24
N VAL A 32 7.42 -6.48 -0.95
CA VAL A 32 7.09 -7.18 -2.19
C VAL A 32 8.33 -7.22 -3.08
N LYS A 33 8.92 -8.41 -3.25
CA LYS A 33 10.12 -8.63 -4.08
C LYS A 33 9.72 -9.00 -5.52
N THR A 34 8.56 -9.66 -5.68
CA THR A 34 7.98 -10.02 -6.99
C THR A 34 6.45 -9.92 -6.94
N GLU A 35 5.77 -9.96 -8.10
CA GLU A 35 4.29 -9.90 -8.17
C GLU A 35 3.65 -11.14 -7.53
N ASP A 36 4.43 -12.21 -7.35
CA ASP A 36 4.02 -13.40 -6.57
C ASP A 36 3.63 -12.98 -5.15
N GLU A 37 4.44 -12.08 -4.57
CA GLU A 37 4.22 -11.54 -3.22
C GLU A 37 3.01 -10.61 -3.23
N LEU A 38 2.98 -9.70 -4.22
CA LEU A 38 1.92 -8.66 -4.36
C LEU A 38 0.53 -9.35 -4.40
N LYS A 39 0.45 -10.39 -5.25
CA LYS A 39 -0.74 -11.23 -5.41
C LYS A 39 -1.13 -11.94 -4.11
N LYS A 40 -0.18 -12.67 -3.50
CA LYS A 40 -0.47 -13.54 -2.34
C LYS A 40 -0.95 -12.71 -1.13
N TYR A 41 -0.44 -11.45 -1.02
CA TYR A 41 -0.87 -10.51 0.01
C TYR A 41 -2.32 -10.06 -0.25
N LEU A 42 -2.61 -9.63 -1.49
CA LEU A 42 -3.96 -9.17 -1.89
C LEU A 42 -5.03 -10.27 -1.75
N GLU A 43 -4.73 -11.47 -2.30
CA GLU A 43 -5.64 -12.64 -2.26
C GLU A 43 -5.96 -13.03 -0.80
N GLU A 44 -5.00 -12.80 0.09
CA GLU A 44 -5.17 -12.96 1.53
C GLU A 44 -6.12 -11.87 2.09
N PHE A 45 -5.86 -10.61 1.68
CA PHE A 45 -6.64 -9.42 2.14
C PHE A 45 -8.13 -9.45 1.72
N ARG A 46 -8.47 -10.26 0.70
CA ARG A 46 -9.86 -10.37 0.18
C ARG A 46 -10.82 -10.94 1.25
N LYS A 47 -10.29 -11.80 2.15
CA LYS A 47 -11.09 -12.44 3.23
C LYS A 47 -11.64 -11.38 4.21
N GLU A 48 -10.93 -10.23 4.28
CA GLU A 48 -11.30 -9.09 5.13
C GLU A 48 -11.43 -7.83 4.27
N SER A 49 -11.97 -7.99 3.04
CA SER A 49 -12.17 -6.87 2.09
C SER A 49 -13.23 -5.84 2.59
N GLN A 50 -13.90 -6.15 3.73
CA GLN A 50 -14.81 -5.21 4.40
C GLN A 50 -14.01 -4.03 5.01
N ASN A 51 -14.17 -2.82 4.42
CA ASN A 51 -13.52 -1.56 4.88
C ASN A 51 -11.99 -1.72 5.00
N ILE A 52 -11.39 -2.23 3.92
CA ILE A 52 -9.95 -2.39 3.83
C ILE A 52 -9.40 -1.38 2.80
N LYS A 53 -8.24 -0.82 3.11
CA LYS A 53 -7.52 0.10 2.25
C LYS A 53 -6.07 -0.36 2.23
N VAL A 54 -5.54 -0.62 1.04
CA VAL A 54 -4.14 -1.00 0.85
C VAL A 54 -3.41 0.13 0.09
N LEU A 55 -2.18 0.45 0.54
CA LEU A 55 -1.32 1.46 -0.10
C LEU A 55 -0.06 0.80 -0.64
N ILE A 56 0.11 0.77 -1.96
CA ILE A 56 1.28 0.16 -2.60
C ILE A 56 2.27 1.26 -3.05
N LEU A 57 3.45 1.32 -2.42
CA LEU A 57 4.50 2.30 -2.76
C LEU A 57 5.51 1.59 -3.66
N VAL A 58 5.58 1.99 -4.93
CA VAL A 58 6.47 1.38 -5.92
C VAL A 58 7.64 2.33 -6.22
N SER A 59 8.80 1.76 -6.53
CA SER A 59 10.00 2.54 -6.90
C SER A 59 10.00 2.84 -8.42
N ASN A 60 9.16 2.11 -9.18
CA ASN A 60 9.15 2.16 -10.65
C ASN A 60 7.71 2.19 -11.20
N ASP A 61 7.56 2.94 -12.32
CA ASP A 61 6.28 3.13 -13.02
C ASP A 61 5.73 1.82 -13.64
N GLU A 62 6.64 0.86 -13.91
CA GLU A 62 6.26 -0.49 -14.37
C GLU A 62 5.32 -1.15 -13.35
N GLU A 63 5.79 -1.16 -12.09
CA GLU A 63 5.06 -1.72 -10.94
C GLU A 63 3.88 -0.84 -10.53
N LEU A 64 3.94 0.48 -10.79
CA LEU A 64 2.80 1.40 -10.57
C LEU A 64 1.56 0.88 -11.30
N ASP A 65 1.69 0.75 -12.64
CA ASP A 65 0.63 0.27 -13.53
C ASP A 65 0.22 -1.17 -13.17
N LYS A 66 1.24 -2.00 -12.92
CA LYS A 66 1.11 -3.44 -12.68
C LYS A 66 0.34 -3.74 -11.37
N ALA A 67 0.67 -2.99 -10.31
CA ALA A 67 0.07 -3.18 -8.98
C ALA A 67 -1.37 -2.65 -8.93
N LYS A 68 -1.64 -1.55 -9.70
CA LYS A 68 -3.01 -1.03 -9.87
C LYS A 68 -3.89 -2.07 -10.56
N GLU A 69 -3.34 -2.72 -11.60
CA GLU A 69 -4.07 -3.74 -12.37
C GLU A 69 -4.42 -4.93 -11.47
N LEU A 70 -3.40 -5.50 -10.80
CA LEU A 70 -3.57 -6.70 -9.95
C LEU A 70 -4.60 -6.42 -8.82
N ALA A 71 -4.52 -5.22 -8.24
CA ALA A 71 -5.44 -4.73 -7.20
C ALA A 71 -6.91 -4.72 -7.66
N GLN A 72 -7.12 -4.19 -8.88
CA GLN A 72 -8.45 -4.09 -9.50
C GLN A 72 -9.03 -5.50 -9.79
N LYS A 73 -8.16 -6.47 -10.14
CA LYS A 73 -8.58 -7.87 -10.39
C LYS A 73 -9.14 -8.49 -9.09
N MET A 74 -8.56 -8.09 -7.95
CA MET A 74 -8.94 -8.57 -6.61
C MET A 74 -10.18 -7.81 -6.09
N GLU A 75 -10.55 -6.71 -6.78
CA GLU A 75 -11.69 -5.83 -6.42
C GLU A 75 -11.48 -5.12 -5.05
N ILE A 76 -10.22 -5.09 -4.56
CA ILE A 76 -9.86 -4.46 -3.27
C ILE A 76 -9.62 -2.95 -3.47
N ASP A 77 -10.05 -2.13 -2.49
CA ASP A 77 -9.77 -0.69 -2.49
C ASP A 77 -8.28 -0.45 -2.19
N VAL A 78 -7.52 -0.16 -3.26
CA VAL A 78 -6.06 0.02 -3.21
C VAL A 78 -5.65 1.33 -3.91
N ARG A 79 -4.63 2.00 -3.35
CA ARG A 79 -4.04 3.22 -3.91
C ARG A 79 -2.55 2.94 -4.13
N THR A 80 -2.07 3.11 -5.36
CA THR A 80 -0.67 2.84 -5.71
C THR A 80 0.02 4.17 -6.05
N ARG A 81 1.13 4.45 -5.35
CA ARG A 81 1.92 5.68 -5.50
C ARG A 81 3.32 5.33 -6.03
N LYS A 82 3.78 6.01 -7.08
CA LYS A 82 5.17 5.90 -7.53
C LYS A 82 6.02 6.91 -6.75
N VAL A 83 6.96 6.38 -5.95
CA VAL A 83 7.87 7.19 -5.12
C VAL A 83 9.30 7.11 -5.70
N THR A 84 9.95 8.28 -5.76
CA THR A 84 11.35 8.41 -6.21
C THR A 84 12.28 8.39 -4.99
N SER A 85 11.76 8.84 -3.84
CA SER A 85 12.54 9.04 -2.61
C SER A 85 11.83 8.36 -1.42
N PRO A 86 12.61 7.91 -0.36
CA PRO A 86 12.02 7.37 0.89
C PRO A 86 11.00 8.32 1.54
N ASP A 87 11.31 9.62 1.59
CA ASP A 87 10.46 10.63 2.26
C ASP A 87 9.10 10.80 1.57
N GLU A 88 9.05 10.49 0.26
CA GLU A 88 7.80 10.45 -0.50
C GLU A 88 6.92 9.29 0.03
N ALA A 89 7.55 8.11 0.17
CA ALA A 89 6.87 6.88 0.62
C ALA A 89 6.36 7.03 2.05
N LYS A 90 7.21 7.61 2.92
CA LYS A 90 6.93 7.82 4.35
C LYS A 90 5.78 8.81 4.53
N ARG A 91 5.75 9.85 3.65
CA ARG A 91 4.70 10.87 3.67
C ARG A 91 3.35 10.25 3.33
N TRP A 92 3.27 9.51 2.20
CA TRP A 92 2.05 8.84 1.77
C TRP A 92 1.47 7.90 2.84
N ILE A 93 2.37 7.27 3.64
CA ILE A 93 1.99 6.37 4.74
C ILE A 93 1.37 7.19 5.91
N LYS A 94 2.05 8.29 6.27
CA LYS A 94 1.57 9.27 7.27
C LYS A 94 0.18 9.81 6.93
N GLU A 95 -0.01 10.19 5.65
CA GLU A 95 -1.30 10.68 5.13
C GLU A 95 -2.37 9.58 5.25
N PHE A 96 -2.01 8.40 4.74
CA PHE A 96 -2.91 7.24 4.61
C PHE A 96 -3.45 6.77 5.98
N SER A 97 -2.63 6.91 7.03
CA SER A 97 -2.99 6.48 8.39
C SER A 97 -3.83 7.55 9.12
N GLU A 98 -3.43 8.83 9.01
CA GLU A 98 -4.10 9.95 9.72
C GLU A 98 -5.48 10.27 9.13
N GLU A 99 -5.60 10.11 7.79
CA GLU A 99 -6.91 10.10 7.10
C GLU A 99 -7.63 8.80 7.49
N GLY A 100 -6.98 7.66 7.11
CA GLY A 100 -7.37 6.31 7.51
C GLY A 100 -8.80 5.92 7.16
N GLY A 101 -9.71 6.24 8.06
CA GLY A 101 -11.10 5.87 7.95
C GLY A 101 -11.67 5.79 9.35
N SER A 102 -11.93 6.98 9.92
CA SER A 102 -12.35 7.14 11.32
C SER A 102 -13.57 6.27 11.66
N LEU A 103 -14.69 6.50 10.94
CA LEU A 103 -15.98 5.76 11.05
C LEU A 103 -16.72 6.19 12.33
N GLU A 104 -16.04 6.06 13.48
CA GLU A 104 -16.50 6.57 14.78
C GLU A 104 -16.49 8.12 14.77
N HIS A 105 -17.65 8.74 15.09
CA HIS A 105 -17.88 10.22 15.13
C HIS A 105 -17.20 10.95 13.93
N HIS A 106 -17.26 10.28 12.74
CA HIS A 106 -16.45 10.64 11.55
C HIS A 106 -16.62 12.11 11.14
N HIS A 107 -15.50 12.87 11.22
CA HIS A 107 -15.47 14.31 10.93
C HIS A 107 -14.04 14.70 10.49
N HIS A 108 -13.95 15.71 9.62
CA HIS A 108 -12.67 16.29 9.18
C HIS A 108 -12.90 17.74 8.76
N HIS A 109 -11.81 18.50 8.53
CA HIS A 109 -11.90 19.91 8.09
C HIS A 109 -12.44 19.98 6.65
N HIS A 110 -13.20 21.03 6.34
CA HIS A 110 -13.64 21.31 4.96
C HIS A 110 -12.53 22.08 4.21
N MET A 1 -9.58 -0.53 12.09
CA MET A 1 -9.48 -0.31 10.63
C MET A 1 -8.23 -1.02 10.10
N LEU A 2 -8.44 -2.03 9.24
CA LEU A 2 -7.37 -2.79 8.60
C LEU A 2 -6.66 -1.89 7.54
N LEU A 3 -5.47 -1.39 7.88
CA LEU A 3 -4.67 -0.54 6.97
C LEU A 3 -3.33 -1.22 6.67
N TYR A 4 -3.16 -1.64 5.41
CA TYR A 4 -1.97 -2.39 4.96
C TYR A 4 -1.18 -1.58 3.94
N VAL A 5 0.14 -1.82 3.93
CA VAL A 5 1.11 -1.12 3.07
C VAL A 5 1.95 -2.18 2.33
N LEU A 6 1.91 -2.16 0.99
CA LEU A 6 2.69 -3.08 0.14
C LEU A 6 3.84 -2.30 -0.52
N ILE A 7 5.08 -2.56 -0.10
CA ILE A 7 6.24 -1.80 -0.57
C ILE A 7 7.10 -2.63 -1.54
N ILE A 8 7.36 -2.07 -2.73
CA ILE A 8 8.20 -2.68 -3.78
C ILE A 8 9.40 -1.75 -3.97
N SER A 9 10.57 -2.14 -3.41
CA SER A 9 11.78 -1.32 -3.49
C SER A 9 13.04 -2.19 -3.37
N ASN A 10 14.04 -1.86 -4.19
CA ASN A 10 15.40 -2.46 -4.16
C ASN A 10 16.25 -1.80 -3.05
N ASP A 11 15.83 -0.59 -2.61
CA ASP A 11 16.54 0.16 -1.57
C ASP A 11 16.07 -0.30 -0.19
N LYS A 12 16.97 -1.02 0.51
CA LYS A 12 16.75 -1.49 1.89
C LYS A 12 16.60 -0.29 2.85
N LYS A 13 17.25 0.84 2.52
CA LYS A 13 17.13 2.09 3.30
C LYS A 13 15.70 2.64 3.20
N LEU A 14 15.14 2.61 1.97
CA LEU A 14 13.76 3.08 1.69
C LEU A 14 12.74 2.21 2.44
N ILE A 15 12.97 0.88 2.46
CA ILE A 15 12.09 -0.09 3.15
C ILE A 15 12.13 0.11 4.68
N GLU A 16 13.34 0.38 5.20
CA GLU A 16 13.56 0.69 6.64
C GLU A 16 12.83 1.98 7.04
N GLU A 17 13.03 3.06 6.25
CA GLU A 17 12.40 4.38 6.49
C GLU A 17 10.87 4.30 6.48
N ALA A 18 10.35 3.51 5.54
CA ALA A 18 8.93 3.25 5.39
C ALA A 18 8.39 2.47 6.60
N ARG A 19 9.14 1.44 7.03
CA ARG A 19 8.77 0.57 8.16
C ARG A 19 8.72 1.35 9.50
N LYS A 20 9.66 2.31 9.65
CA LYS A 20 9.74 3.19 10.84
C LYS A 20 8.41 3.97 11.00
N MET A 21 7.99 4.61 9.90
CA MET A 21 6.77 5.42 9.85
C MET A 21 5.51 4.55 9.94
N ALA A 22 5.56 3.34 9.38
CA ALA A 22 4.44 2.39 9.42
C ALA A 22 4.08 1.98 10.86
N GLU A 23 5.11 1.63 11.65
CA GLU A 23 4.95 1.24 13.08
C GLU A 23 4.43 2.43 13.93
N LYS A 24 4.89 3.65 13.59
CA LYS A 24 4.45 4.89 14.26
C LYS A 24 2.98 5.22 13.90
N ALA A 25 2.61 4.91 12.66
CA ALA A 25 1.25 5.12 12.14
C ALA A 25 0.33 3.90 12.41
N ASN A 26 0.91 2.84 13.03
CA ASN A 26 0.22 1.58 13.41
C ASN A 26 -0.30 0.80 12.16
N LEU A 27 0.28 1.10 10.98
CA LEU A 27 -0.05 0.40 9.73
C LEU A 27 0.81 -0.88 9.61
N GLU A 28 0.25 -1.90 8.96
CA GLU A 28 0.96 -3.17 8.71
C GLU A 28 1.74 -3.06 7.38
N LEU A 29 3.07 -3.17 7.44
CA LEU A 29 3.92 -3.11 6.23
C LEU A 29 4.29 -4.54 5.84
N ARG A 30 4.07 -4.87 4.57
CA ARG A 30 4.31 -6.18 3.99
C ARG A 30 5.32 -5.97 2.84
N THR A 31 6.51 -6.60 2.91
CA THR A 31 7.56 -6.39 1.90
C THR A 31 7.27 -7.21 0.62
N VAL A 32 7.01 -6.49 -0.48
CA VAL A 32 6.74 -7.06 -1.81
C VAL A 32 8.01 -6.98 -2.67
N LYS A 33 8.21 -8.01 -3.51
CA LYS A 33 9.42 -8.18 -4.32
C LYS A 33 9.03 -8.27 -5.80
N THR A 34 8.20 -9.28 -6.12
CA THR A 34 7.68 -9.53 -7.48
C THR A 34 6.18 -9.24 -7.52
N GLU A 35 5.58 -9.32 -8.74
CA GLU A 35 4.11 -9.18 -8.91
C GLU A 35 3.38 -10.28 -8.12
N ASP A 36 4.00 -11.46 -8.02
CA ASP A 36 3.43 -12.64 -7.35
C ASP A 36 3.36 -12.45 -5.84
N GLU A 37 4.34 -11.68 -5.28
CA GLU A 37 4.29 -11.26 -3.87
C GLU A 37 3.14 -10.26 -3.65
N LEU A 38 3.00 -9.33 -4.61
CA LEU A 38 1.94 -8.29 -4.59
C LEU A 38 0.56 -8.98 -4.55
N LYS A 39 0.41 -10.00 -5.40
CA LYS A 39 -0.81 -10.81 -5.54
C LYS A 39 -1.07 -11.67 -4.31
N LYS A 40 0.00 -12.22 -3.70
CA LYS A 40 -0.10 -13.09 -2.51
C LYS A 40 -0.74 -12.31 -1.35
N TYR A 41 -0.30 -11.04 -1.20
CA TYR A 41 -0.81 -10.15 -0.17
C TYR A 41 -2.23 -9.69 -0.51
N LEU A 42 -2.53 -9.48 -1.80
CA LEU A 42 -3.88 -9.14 -2.27
C LEU A 42 -4.90 -10.25 -1.88
N GLU A 43 -4.55 -11.54 -2.14
CA GLU A 43 -5.38 -12.71 -1.77
C GLU A 43 -5.67 -12.74 -0.25
N GLU A 44 -4.59 -12.44 0.50
CA GLU A 44 -4.59 -12.31 1.96
C GLU A 44 -5.55 -11.21 2.44
N PHE A 45 -5.68 -10.14 1.63
CA PHE A 45 -6.61 -9.02 1.93
C PHE A 45 -8.04 -9.29 1.42
N ARG A 46 -8.18 -10.15 0.38
CA ARG A 46 -9.49 -10.46 -0.23
C ARG A 46 -10.38 -11.26 0.72
N LYS A 47 -9.75 -12.22 1.43
CA LYS A 47 -10.46 -13.13 2.35
C LYS A 47 -11.10 -12.37 3.54
N GLU A 48 -10.68 -11.11 3.72
CA GLU A 48 -11.14 -10.23 4.79
C GLU A 48 -11.41 -8.82 4.25
N SER A 49 -11.78 -8.74 2.95
CA SER A 49 -12.03 -7.44 2.28
C SER A 49 -13.31 -6.75 2.83
N GLN A 50 -13.08 -6.06 3.94
CA GLN A 50 -14.03 -5.22 4.67
C GLN A 50 -13.23 -4.40 5.69
N ASN A 51 -13.66 -3.16 5.95
CA ASN A 51 -12.99 -2.25 6.93
C ASN A 51 -11.50 -2.09 6.59
N ILE A 52 -11.17 -2.17 5.29
CA ILE A 52 -9.81 -2.32 4.80
C ILE A 52 -9.47 -1.32 3.68
N LYS A 53 -8.21 -0.88 3.68
CA LYS A 53 -7.59 -0.13 2.58
C LYS A 53 -6.13 -0.61 2.44
N VAL A 54 -5.59 -0.56 1.22
CA VAL A 54 -4.19 -0.94 0.92
C VAL A 54 -3.46 0.24 0.26
N LEU A 55 -2.20 0.48 0.66
CA LEU A 55 -1.31 1.51 0.09
C LEU A 55 -0.10 0.81 -0.55
N ILE A 56 -0.03 0.79 -1.88
CA ILE A 56 1.11 0.15 -2.59
C ILE A 56 2.11 1.22 -3.01
N LEU A 57 3.32 1.22 -2.39
CA LEU A 57 4.43 2.07 -2.84
C LEU A 57 5.26 1.22 -3.80
N VAL A 58 5.29 1.59 -5.07
CA VAL A 58 6.09 0.89 -6.09
C VAL A 58 7.38 1.66 -6.35
N SER A 59 8.33 1.02 -7.04
CA SER A 59 9.57 1.69 -7.49
C SER A 59 9.36 2.33 -8.87
N ASN A 60 8.80 1.54 -9.82
CA ASN A 60 8.74 1.92 -11.25
C ASN A 60 7.28 2.17 -11.70
N ASP A 61 7.11 2.94 -12.80
CA ASP A 61 5.80 3.20 -13.45
C ASP A 61 5.14 1.92 -13.98
N GLU A 62 5.97 0.95 -14.41
CA GLU A 62 5.49 -0.35 -14.91
C GLU A 62 4.91 -1.16 -13.75
N GLU A 63 5.54 -1.02 -12.56
CA GLU A 63 5.07 -1.63 -11.31
C GLU A 63 3.81 -0.92 -10.79
N LEU A 64 3.73 0.40 -11.03
CA LEU A 64 2.57 1.24 -10.68
C LEU A 64 1.31 0.72 -11.38
N ASP A 65 1.41 0.62 -12.71
CA ASP A 65 0.32 0.15 -13.56
C ASP A 65 0.02 -1.33 -13.36
N LYS A 66 1.07 -2.14 -13.07
CA LYS A 66 0.90 -3.58 -12.79
C LYS A 66 0.06 -3.78 -11.52
N ALA A 67 0.47 -3.08 -10.43
CA ALA A 67 -0.18 -3.18 -9.11
C ALA A 67 -1.63 -2.68 -9.15
N LYS A 68 -1.90 -1.67 -10.01
CA LYS A 68 -3.28 -1.17 -10.24
C LYS A 68 -4.15 -2.24 -10.94
N GLU A 69 -3.60 -2.86 -12.00
CA GLU A 69 -4.29 -3.92 -12.79
C GLU A 69 -4.67 -5.11 -11.89
N LEU A 70 -3.68 -5.58 -11.12
CA LEU A 70 -3.82 -6.70 -10.18
C LEU A 70 -4.88 -6.38 -9.12
N ALA A 71 -4.81 -5.15 -8.57
CA ALA A 71 -5.77 -4.63 -7.57
C ALA A 71 -7.22 -4.62 -8.10
N GLN A 72 -7.36 -4.33 -9.41
CA GLN A 72 -8.69 -4.30 -10.08
C GLN A 72 -9.26 -5.72 -10.22
N LYS A 73 -8.40 -6.71 -10.54
CA LYS A 73 -8.83 -8.13 -10.68
C LYS A 73 -9.30 -8.67 -9.32
N MET A 74 -8.62 -8.21 -8.25
CA MET A 74 -8.93 -8.55 -6.86
C MET A 74 -10.05 -7.66 -6.30
N GLU A 75 -10.37 -6.56 -7.05
CA GLU A 75 -11.41 -5.56 -6.70
C GLU A 75 -11.11 -4.81 -5.38
N ILE A 76 -9.83 -4.82 -4.94
CA ILE A 76 -9.40 -4.21 -3.67
C ILE A 76 -9.18 -2.69 -3.84
N ASP A 77 -9.56 -1.93 -2.80
CA ASP A 77 -9.39 -0.48 -2.73
C ASP A 77 -7.95 -0.14 -2.35
N VAL A 78 -7.19 0.42 -3.32
CA VAL A 78 -5.75 0.66 -3.18
C VAL A 78 -5.37 2.13 -3.56
N ARG A 79 -4.49 2.73 -2.73
CA ARG A 79 -3.77 3.97 -3.06
C ARG A 79 -2.42 3.54 -3.66
N THR A 80 -2.31 3.61 -4.98
CA THR A 80 -1.12 3.11 -5.68
C THR A 80 -0.22 4.31 -6.01
N ARG A 81 0.87 4.44 -5.26
CA ARG A 81 1.80 5.58 -5.31
C ARG A 81 3.18 5.06 -5.78
N LYS A 82 3.90 5.88 -6.56
CA LYS A 82 5.27 5.56 -6.99
C LYS A 82 6.25 6.40 -6.16
N VAL A 83 7.30 5.74 -5.65
CA VAL A 83 8.34 6.38 -4.84
C VAL A 83 9.73 6.03 -5.40
N THR A 84 10.60 7.04 -5.48
CA THR A 84 11.99 6.88 -5.92
C THR A 84 12.93 7.23 -4.75
N SER A 85 12.41 7.98 -3.77
CA SER A 85 13.15 8.45 -2.59
C SER A 85 12.39 8.04 -1.29
N PRO A 86 13.10 7.82 -0.14
CA PRO A 86 12.49 7.28 1.12
C PRO A 86 11.37 8.16 1.69
N ASP A 87 11.56 9.48 1.68
CA ASP A 87 10.65 10.44 2.35
C ASP A 87 9.30 10.58 1.61
N GLU A 88 9.30 10.27 0.29
CA GLU A 88 8.06 10.14 -0.48
C GLU A 88 7.18 9.01 0.10
N ALA A 89 7.82 7.85 0.35
CA ALA A 89 7.15 6.66 0.89
C ALA A 89 6.60 6.93 2.30
N LYS A 90 7.46 7.53 3.15
CA LYS A 90 7.15 7.88 4.55
C LYS A 90 5.92 8.81 4.63
N ARG A 91 5.88 9.78 3.70
CA ARG A 91 4.78 10.74 3.59
C ARG A 91 3.45 10.01 3.33
N TRP A 92 3.41 9.18 2.27
CA TRP A 92 2.17 8.50 1.86
C TRP A 92 1.64 7.56 2.94
N ILE A 93 2.54 6.98 3.75
CA ILE A 93 2.19 6.11 4.87
C ILE A 93 1.48 6.93 5.97
N LYS A 94 2.04 8.11 6.26
CA LYS A 94 1.47 9.05 7.25
C LYS A 94 0.08 9.58 6.78
N GLU A 95 -0.02 9.91 5.49
CA GLU A 95 -1.26 10.48 4.88
C GLU A 95 -2.37 9.43 4.76
N PHE A 96 -1.97 8.19 4.46
CA PHE A 96 -2.88 7.03 4.34
C PHE A 96 -3.47 6.66 5.70
N SER A 97 -2.65 6.83 6.75
CA SER A 97 -3.06 6.62 8.14
C SER A 97 -4.07 7.71 8.56
N GLU A 98 -3.90 8.93 7.99
CA GLU A 98 -4.86 10.04 8.22
C GLU A 98 -6.21 9.75 7.56
N GLU A 99 -6.18 9.11 6.35
CA GLU A 99 -7.39 8.66 5.64
C GLU A 99 -8.16 7.66 6.50
N GLY A 100 -7.39 6.72 7.08
CA GLY A 100 -7.88 5.74 8.04
C GLY A 100 -9.13 5.00 7.59
N GLY A 101 -10.21 5.14 8.37
CA GLY A 101 -11.47 4.50 8.09
C GLY A 101 -12.25 5.19 6.97
N SER A 102 -12.40 6.53 7.10
CA SER A 102 -13.34 7.34 6.31
C SER A 102 -14.78 6.83 6.48
N LEU A 103 -15.07 6.33 7.71
CA LEU A 103 -16.33 5.68 8.07
C LEU A 103 -17.51 6.67 8.07
N GLU A 104 -17.20 7.92 8.47
CA GLU A 104 -18.17 9.04 8.49
C GLU A 104 -18.60 9.45 7.06
N HIS A 105 -17.70 9.20 6.09
CA HIS A 105 -17.93 9.53 4.68
C HIS A 105 -18.56 8.34 3.94
N HIS A 106 -19.69 8.59 3.25
CA HIS A 106 -20.42 7.55 2.50
C HIS A 106 -19.61 7.08 1.26
N HIS A 107 -18.78 6.05 1.47
CA HIS A 107 -18.09 5.30 0.40
C HIS A 107 -18.41 3.83 0.66
N HIS A 108 -19.23 3.21 -0.22
CA HIS A 108 -19.69 1.82 -0.05
C HIS A 108 -18.51 0.85 0.10
N HIS A 109 -17.41 1.07 -0.66
CA HIS A 109 -16.16 0.33 -0.46
C HIS A 109 -15.34 0.99 0.66
N HIS A 110 -15.23 0.25 1.77
CA HIS A 110 -14.35 0.54 2.90
C HIS A 110 -14.27 -0.76 3.71
N MET A 1 -11.55 0.80 10.60
CA MET A 1 -11.08 0.79 9.20
C MET A 1 -9.75 0.05 9.12
N LEU A 2 -9.69 -1.00 8.29
CA LEU A 2 -8.49 -1.85 8.13
C LEU A 2 -7.51 -1.15 7.18
N LEU A 3 -6.33 -0.75 7.70
CA LEU A 3 -5.31 -0.01 6.93
C LEU A 3 -4.05 -0.89 6.78
N TYR A 4 -3.70 -1.29 5.54
CA TYR A 4 -2.53 -2.16 5.25
C TYR A 4 -1.62 -1.49 4.21
N VAL A 5 -0.32 -1.64 4.40
CA VAL A 5 0.71 -1.07 3.52
C VAL A 5 1.52 -2.22 2.87
N LEU A 6 1.70 -2.13 1.55
CA LEU A 6 2.61 -2.99 0.78
C LEU A 6 3.69 -2.09 0.15
N ILE A 7 4.88 -2.64 -0.09
CA ILE A 7 5.98 -1.87 -0.69
C ILE A 7 6.77 -2.75 -1.68
N ILE A 8 6.77 -2.34 -2.96
CA ILE A 8 7.56 -2.98 -4.01
C ILE A 8 8.78 -2.08 -4.30
N SER A 9 9.94 -2.46 -3.77
CA SER A 9 11.19 -1.73 -3.97
C SER A 9 12.38 -2.64 -3.65
N ASN A 10 13.51 -2.37 -4.32
CA ASN A 10 14.79 -3.08 -4.06
C ASN A 10 15.73 -2.18 -3.23
N ASP A 11 15.33 -0.91 -3.02
CA ASP A 11 16.14 0.10 -2.31
C ASP A 11 15.92 -0.03 -0.79
N LYS A 12 16.95 -0.55 -0.09
CA LYS A 12 16.88 -0.89 1.35
C LYS A 12 16.64 0.34 2.25
N LYS A 13 17.06 1.54 1.79
CA LYS A 13 16.77 2.80 2.50
C LYS A 13 15.25 3.03 2.48
N LEU A 14 14.67 2.98 1.28
CA LEU A 14 13.23 3.27 1.02
C LEU A 14 12.34 2.27 1.79
N ILE A 15 12.81 1.01 1.90
CA ILE A 15 12.12 -0.09 2.60
C ILE A 15 12.09 0.14 4.13
N GLU A 16 13.27 0.41 4.71
CA GLU A 16 13.42 0.66 6.18
C GLU A 16 12.69 1.95 6.61
N GLU A 17 12.80 3.00 5.78
CA GLU A 17 12.15 4.31 6.05
C GLU A 17 10.61 4.17 6.08
N ALA A 18 10.09 3.43 5.10
CA ALA A 18 8.66 3.14 4.99
C ALA A 18 8.15 2.29 6.18
N ARG A 19 8.90 1.21 6.50
CA ARG A 19 8.53 0.27 7.58
C ARG A 19 8.48 0.98 8.95
N LYS A 20 9.47 1.86 9.23
CA LYS A 20 9.53 2.62 10.49
C LYS A 20 8.25 3.46 10.69
N MET A 21 7.76 4.04 9.59
CA MET A 21 6.52 4.84 9.59
C MET A 21 5.27 3.98 9.81
N ALA A 22 5.30 2.75 9.30
CA ALA A 22 4.22 1.77 9.54
C ALA A 22 4.22 1.31 11.01
N GLU A 23 5.42 1.20 11.61
CA GLU A 23 5.60 0.83 13.03
C GLU A 23 5.13 1.98 13.95
N LYS A 24 5.37 3.24 13.53
CA LYS A 24 4.90 4.46 14.23
C LYS A 24 3.37 4.55 14.16
N ALA A 25 2.82 4.27 12.97
CA ALA A 25 1.38 4.37 12.68
C ALA A 25 0.62 3.08 13.04
N ASN A 26 1.37 2.06 13.57
CA ASN A 26 0.83 0.76 14.07
C ASN A 26 0.25 -0.11 12.90
N LEU A 27 0.50 0.34 11.64
CA LEU A 27 0.00 -0.33 10.43
C LEU A 27 0.93 -1.48 10.01
N GLU A 28 0.36 -2.52 9.37
CA GLU A 28 1.11 -3.69 8.89
C GLU A 28 1.70 -3.42 7.50
N LEU A 29 3.04 -3.54 7.38
CA LEU A 29 3.77 -3.34 6.11
C LEU A 29 4.36 -4.66 5.66
N ARG A 30 4.12 -5.07 4.41
CA ARG A 30 4.68 -6.29 3.82
C ARG A 30 5.63 -5.88 2.68
N THR A 31 6.86 -6.42 2.68
CA THR A 31 7.84 -6.18 1.60
C THR A 31 7.54 -7.13 0.44
N VAL A 32 7.55 -6.59 -0.79
CA VAL A 32 7.16 -7.31 -2.01
C VAL A 32 8.37 -7.44 -2.95
N LYS A 33 8.67 -8.68 -3.36
CA LYS A 33 9.76 -8.99 -4.31
C LYS A 33 9.26 -8.87 -5.77
N THR A 34 8.14 -9.54 -6.07
CA THR A 34 7.56 -9.61 -7.43
C THR A 34 6.03 -9.40 -7.38
N GLU A 35 5.42 -9.31 -8.58
CA GLU A 35 3.96 -9.19 -8.72
C GLU A 35 3.23 -10.41 -8.15
N ASP A 36 3.88 -11.59 -8.21
CA ASP A 36 3.36 -12.85 -7.66
C ASP A 36 3.26 -12.79 -6.13
N GLU A 37 4.25 -12.12 -5.52
CA GLU A 37 4.24 -11.82 -4.07
C GLU A 37 3.09 -10.84 -3.73
N LEU A 38 2.95 -9.79 -4.57
CA LEU A 38 1.93 -8.73 -4.40
C LEU A 38 0.52 -9.36 -4.40
N LYS A 39 0.33 -10.36 -5.29
CA LYS A 39 -0.92 -11.12 -5.44
C LYS A 39 -1.27 -11.91 -4.18
N LYS A 40 -0.29 -12.64 -3.61
CA LYS A 40 -0.54 -13.53 -2.45
C LYS A 40 -0.90 -12.70 -1.20
N TYR A 41 -0.29 -11.49 -1.07
CA TYR A 41 -0.62 -10.55 0.02
C TYR A 41 -2.07 -10.08 -0.11
N LEU A 42 -2.44 -9.65 -1.34
CA LEU A 42 -3.80 -9.19 -1.64
C LEU A 42 -4.86 -10.31 -1.42
N GLU A 43 -4.50 -11.58 -1.74
CA GLU A 43 -5.36 -12.76 -1.47
C GLU A 43 -5.76 -12.84 0.02
N GLU A 44 -4.77 -12.60 0.90
CA GLU A 44 -4.96 -12.61 2.36
C GLU A 44 -5.84 -11.41 2.79
N PHE A 45 -5.69 -10.27 2.09
CA PHE A 45 -6.49 -9.06 2.35
C PHE A 45 -7.93 -9.19 1.81
N ARG A 46 -8.15 -10.08 0.82
CA ARG A 46 -9.50 -10.35 0.26
C ARG A 46 -10.40 -11.04 1.30
N LYS A 47 -9.76 -11.82 2.21
CA LYS A 47 -10.44 -12.47 3.37
C LYS A 47 -11.26 -11.45 4.18
N GLU A 48 -10.75 -10.22 4.23
CA GLU A 48 -11.27 -9.13 5.05
C GLU A 48 -11.36 -7.84 4.21
N SER A 49 -11.67 -8.01 2.91
CA SER A 49 -11.76 -6.88 1.94
C SER A 49 -12.90 -5.87 2.28
N GLN A 50 -13.74 -6.19 3.29
CA GLN A 50 -14.71 -5.24 3.88
C GLN A 50 -13.95 -4.13 4.65
N ASN A 51 -14.35 -2.84 4.44
CA ASN A 51 -13.79 -1.66 5.15
C ASN A 51 -12.24 -1.59 5.11
N ILE A 52 -11.65 -2.11 4.01
CA ILE A 52 -10.18 -2.21 3.89
C ILE A 52 -9.64 -1.14 2.94
N LYS A 53 -8.40 -0.76 3.19
CA LYS A 53 -7.59 0.10 2.32
C LYS A 53 -6.19 -0.49 2.29
N VAL A 54 -5.60 -0.57 1.09
CA VAL A 54 -4.20 -0.97 0.90
C VAL A 54 -3.44 0.19 0.23
N LEU A 55 -2.18 0.43 0.65
CA LEU A 55 -1.30 1.43 0.04
C LEU A 55 -0.04 0.75 -0.47
N ILE A 56 0.16 0.75 -1.79
CA ILE A 56 1.32 0.10 -2.43
C ILE A 56 2.33 1.18 -2.87
N LEU A 57 3.53 1.19 -2.26
CA LEU A 57 4.61 2.13 -2.61
C LEU A 57 5.58 1.41 -3.54
N VAL A 58 5.65 1.88 -4.79
CA VAL A 58 6.59 1.38 -5.79
C VAL A 58 7.62 2.47 -6.10
N SER A 59 8.68 2.11 -6.81
CA SER A 59 9.70 3.06 -7.28
C SER A 59 9.75 3.08 -8.82
N ASN A 60 9.56 1.89 -9.44
CA ASN A 60 9.50 1.74 -10.91
C ASN A 60 8.07 2.02 -11.42
N ASP A 61 7.96 2.78 -12.52
CA ASP A 61 6.68 3.13 -13.18
C ASP A 61 5.92 1.90 -13.74
N GLU A 62 6.68 0.84 -14.10
CA GLU A 62 6.06 -0.42 -14.57
C GLU A 62 5.40 -1.14 -13.39
N GLU A 63 6.04 -1.05 -12.20
CA GLU A 63 5.50 -1.66 -10.96
C GLU A 63 4.30 -0.86 -10.44
N LEU A 64 4.26 0.46 -10.73
CA LEU A 64 3.07 1.30 -10.51
C LEU A 64 1.85 0.68 -11.24
N ASP A 65 2.03 0.47 -12.55
CA ASP A 65 0.98 -0.08 -13.43
C ASP A 65 0.68 -1.55 -13.08
N LYS A 66 1.73 -2.29 -12.68
CA LYS A 66 1.67 -3.71 -12.32
C LYS A 66 0.72 -3.91 -11.12
N ALA A 67 1.00 -3.14 -10.05
CA ALA A 67 0.29 -3.23 -8.78
C ALA A 67 -1.15 -2.70 -8.89
N LYS A 68 -1.37 -1.68 -9.76
CA LYS A 68 -2.72 -1.16 -10.05
C LYS A 68 -3.59 -2.24 -10.73
N GLU A 69 -3.03 -2.88 -11.78
CA GLU A 69 -3.74 -3.93 -12.56
C GLU A 69 -4.17 -5.10 -11.65
N LEU A 70 -3.24 -5.53 -10.78
CA LEU A 70 -3.51 -6.58 -9.78
C LEU A 70 -4.65 -6.12 -8.84
N ALA A 71 -4.46 -4.95 -8.21
CA ALA A 71 -5.40 -4.37 -7.21
C ALA A 71 -6.86 -4.29 -7.72
N GLN A 72 -7.01 -3.89 -8.99
CA GLN A 72 -8.31 -3.80 -9.68
C GLN A 72 -8.95 -5.20 -9.83
N LYS A 73 -8.16 -6.17 -10.32
CA LYS A 73 -8.65 -7.54 -10.58
C LYS A 73 -8.93 -8.32 -9.27
N MET A 74 -8.19 -7.96 -8.20
CA MET A 74 -8.39 -8.52 -6.84
C MET A 74 -9.55 -7.80 -6.14
N GLU A 75 -10.03 -6.70 -6.79
CA GLU A 75 -11.23 -5.93 -6.41
C GLU A 75 -11.10 -5.32 -4.99
N ILE A 76 -9.87 -4.87 -4.66
CA ILE A 76 -9.57 -4.21 -3.37
C ILE A 76 -9.40 -2.71 -3.59
N ASP A 77 -9.91 -1.90 -2.65
CA ASP A 77 -9.78 -0.43 -2.66
C ASP A 77 -8.34 -0.05 -2.25
N VAL A 78 -7.53 0.39 -3.23
CA VAL A 78 -6.08 0.61 -3.07
C VAL A 78 -5.66 2.03 -3.54
N ARG A 79 -4.61 2.57 -2.89
CA ARG A 79 -3.84 3.74 -3.34
C ARG A 79 -2.45 3.23 -3.77
N THR A 80 -2.11 3.37 -5.05
CA THR A 80 -0.80 2.92 -5.57
C THR A 80 0.00 4.17 -5.96
N ARG A 81 1.13 4.40 -5.25
CA ARG A 81 1.96 5.60 -5.41
C ARG A 81 3.38 5.21 -5.86
N LYS A 82 3.88 5.93 -6.87
CA LYS A 82 5.25 5.78 -7.37
C LYS A 82 6.10 6.88 -6.73
N VAL A 83 7.18 6.48 -6.05
CA VAL A 83 8.04 7.39 -5.28
C VAL A 83 9.50 7.28 -5.78
N THR A 84 10.19 8.44 -5.87
CA THR A 84 11.62 8.48 -6.27
C THR A 84 12.50 8.67 -5.03
N SER A 85 11.93 9.24 -3.96
CA SER A 85 12.62 9.49 -2.68
C SER A 85 11.96 8.65 -1.58
N PRO A 86 12.73 8.14 -0.57
CA PRO A 86 12.17 7.44 0.60
C PRO A 86 11.21 8.33 1.42
N ASP A 87 11.51 9.66 1.43
CA ASP A 87 10.69 10.69 2.11
C ASP A 87 9.23 10.66 1.64
N GLU A 88 9.04 10.51 0.32
CA GLU A 88 7.71 10.42 -0.31
C GLU A 88 6.95 9.20 0.21
N ALA A 89 7.63 8.04 0.23
CA ALA A 89 7.04 6.75 0.64
C ALA A 89 6.55 6.82 2.09
N LYS A 90 7.37 7.44 2.95
CA LYS A 90 7.07 7.66 4.37
C LYS A 90 5.82 8.54 4.53
N ARG A 91 5.77 9.61 3.70
CA ARG A 91 4.71 10.60 3.76
C ARG A 91 3.36 9.95 3.41
N TRP A 92 3.30 9.19 2.30
CA TRP A 92 2.05 8.52 1.87
C TRP A 92 1.50 7.55 2.94
N ILE A 93 2.38 6.89 3.72
CA ILE A 93 1.96 5.98 4.81
C ILE A 93 1.34 6.78 5.96
N LYS A 94 1.96 7.93 6.26
CA LYS A 94 1.45 8.90 7.23
C LYS A 94 0.06 9.41 6.81
N GLU A 95 -0.08 9.79 5.53
CA GLU A 95 -1.34 10.33 4.96
C GLU A 95 -2.44 9.25 4.90
N PHE A 96 -2.00 8.02 4.62
CA PHE A 96 -2.85 6.82 4.55
C PHE A 96 -3.44 6.49 5.94
N SER A 97 -2.60 6.70 6.97
CA SER A 97 -3.00 6.59 8.37
C SER A 97 -4.04 7.67 8.73
N GLU A 98 -3.90 8.88 8.11
CA GLU A 98 -4.81 10.01 8.37
C GLU A 98 -6.06 9.99 7.44
N GLU A 99 -6.06 9.14 6.39
CA GLU A 99 -7.21 9.01 5.46
C GLU A 99 -8.45 8.46 6.21
N GLY A 100 -8.31 7.23 6.73
CA GLY A 100 -9.43 6.47 7.31
C GLY A 100 -10.54 6.20 6.29
N GLY A 101 -11.54 7.07 6.24
CA GLY A 101 -12.57 7.04 5.20
C GLY A 101 -12.10 7.85 4.01
N SER A 102 -12.03 7.20 2.83
CA SER A 102 -11.45 7.83 1.62
C SER A 102 -12.39 7.67 0.41
N LEU A 103 -13.68 7.46 0.71
CA LEU A 103 -14.72 7.16 -0.30
C LEU A 103 -15.67 8.37 -0.47
N GLU A 104 -15.20 9.55 -0.02
CA GLU A 104 -16.03 10.76 0.16
C GLU A 104 -16.60 11.26 -1.19
N HIS A 105 -15.79 11.11 -2.24
CA HIS A 105 -16.20 11.36 -3.62
C HIS A 105 -15.40 10.45 -4.59
N HIS A 106 -14.71 9.42 -4.04
CA HIS A 106 -14.00 8.42 -4.87
C HIS A 106 -15.01 7.53 -5.61
N HIS A 107 -15.43 8.01 -6.78
CA HIS A 107 -16.35 7.32 -7.66
C HIS A 107 -15.57 6.35 -8.55
N HIS A 108 -15.52 5.07 -8.12
CA HIS A 108 -14.97 3.97 -8.92
C HIS A 108 -15.80 3.78 -10.19
N HIS A 109 -15.17 3.25 -11.24
CA HIS A 109 -15.80 2.99 -12.54
C HIS A 109 -16.43 1.58 -12.56
N HIS A 110 -17.14 1.25 -11.45
CA HIS A 110 -17.76 -0.06 -11.19
C HIS A 110 -16.69 -1.19 -11.22
N MET A 1 -10.43 0.41 11.40
CA MET A 1 -10.38 0.44 9.91
C MET A 1 -9.14 -0.34 9.44
N LEU A 2 -9.35 -1.43 8.68
CA LEU A 2 -8.26 -2.30 8.19
C LEU A 2 -7.34 -1.53 7.21
N LEU A 3 -6.12 -1.18 7.67
CA LEU A 3 -5.14 -0.41 6.88
C LEU A 3 -3.81 -1.19 6.77
N TYR A 4 -3.44 -1.55 5.53
CA TYR A 4 -2.22 -2.34 5.22
C TYR A 4 -1.37 -1.59 4.21
N VAL A 5 -0.06 -1.87 4.21
CA VAL A 5 0.92 -1.23 3.30
C VAL A 5 1.76 -2.31 2.59
N LEU A 6 1.75 -2.31 1.25
CA LEU A 6 2.59 -3.20 0.42
C LEU A 6 3.64 -2.35 -0.30
N ILE A 7 4.93 -2.59 -0.02
CA ILE A 7 6.03 -1.77 -0.57
C ILE A 7 6.85 -2.57 -1.60
N ILE A 8 6.78 -2.15 -2.88
CA ILE A 8 7.55 -2.76 -3.98
C ILE A 8 8.84 -1.94 -4.22
N SER A 9 9.97 -2.48 -3.75
CA SER A 9 11.30 -1.90 -3.97
C SER A 9 12.38 -2.97 -3.71
N ASN A 10 13.58 -2.73 -4.25
CA ASN A 10 14.78 -3.56 -3.97
C ASN A 10 15.78 -2.77 -3.08
N ASP A 11 15.52 -1.46 -2.91
CA ASP A 11 16.40 -0.56 -2.15
C ASP A 11 16.11 -0.67 -0.64
N LYS A 12 17.08 -1.26 0.10
CA LYS A 12 16.95 -1.60 1.53
C LYS A 12 16.68 -0.35 2.39
N LYS A 13 17.20 0.80 1.95
CA LYS A 13 17.10 2.07 2.68
C LYS A 13 15.65 2.55 2.65
N LEU A 14 15.05 2.60 1.45
CA LEU A 14 13.66 3.05 1.25
C LEU A 14 12.68 2.12 2.00
N ILE A 15 13.00 0.80 1.98
CA ILE A 15 12.18 -0.25 2.63
C ILE A 15 12.13 -0.06 4.16
N GLU A 16 13.32 0.06 4.80
CA GLU A 16 13.43 0.18 6.27
C GLU A 16 12.85 1.50 6.80
N GLU A 17 13.14 2.62 6.11
CA GLU A 17 12.68 3.97 6.54
C GLU A 17 11.15 4.08 6.44
N ALA A 18 10.58 3.54 5.36
CA ALA A 18 9.13 3.50 5.15
C ALA A 18 8.45 2.60 6.22
N ARG A 19 9.08 1.44 6.48
CA ARG A 19 8.59 0.44 7.45
C ARG A 19 8.51 1.02 8.88
N LYS A 20 9.47 1.93 9.19
CA LYS A 20 9.51 2.68 10.47
C LYS A 20 8.23 3.51 10.64
N MET A 21 7.86 4.24 9.57
CA MET A 21 6.66 5.10 9.56
C MET A 21 5.37 4.28 9.58
N ALA A 22 5.40 3.08 9.00
CA ALA A 22 4.30 2.12 9.10
C ALA A 22 4.04 1.74 10.57
N GLU A 23 5.13 1.50 11.32
CA GLU A 23 5.05 1.16 12.76
C GLU A 23 4.62 2.36 13.61
N LYS A 24 5.03 3.57 13.17
CA LYS A 24 4.63 4.85 13.80
C LYS A 24 3.13 5.14 13.58
N ALA A 25 2.64 4.82 12.38
CA ALA A 25 1.22 5.00 12.00
C ALA A 25 0.37 3.75 12.32
N ASN A 26 1.04 2.70 12.91
CA ASN A 26 0.40 1.42 13.34
C ASN A 26 -0.12 0.59 12.15
N LEU A 27 0.28 0.94 10.93
CA LEU A 27 -0.12 0.25 9.69
C LEU A 27 0.71 -1.05 9.53
N GLU A 28 0.04 -2.14 9.15
CA GLU A 28 0.68 -3.45 9.00
C GLU A 28 1.31 -3.52 7.60
N LEU A 29 2.64 -3.66 7.54
CA LEU A 29 3.42 -3.56 6.29
C LEU A 29 3.98 -4.94 5.90
N ARG A 30 3.87 -5.25 4.59
CA ARG A 30 4.46 -6.45 3.98
C ARG A 30 5.40 -5.98 2.86
N THR A 31 6.65 -6.46 2.91
CA THR A 31 7.69 -6.13 1.93
C THR A 31 7.50 -6.99 0.67
N VAL A 32 7.21 -6.31 -0.46
CA VAL A 32 6.93 -6.97 -1.75
C VAL A 32 8.20 -6.97 -2.63
N LYS A 33 8.63 -8.17 -3.07
CA LYS A 33 9.79 -8.33 -3.95
C LYS A 33 9.36 -8.18 -5.43
N THR A 34 8.33 -8.96 -5.83
CA THR A 34 7.82 -8.99 -7.22
C THR A 34 6.28 -8.84 -7.25
N GLU A 35 5.71 -8.77 -8.47
CA GLU A 35 4.26 -8.74 -8.70
C GLU A 35 3.56 -9.99 -8.14
N ASP A 36 4.29 -11.12 -8.19
CA ASP A 36 3.82 -12.42 -7.66
C ASP A 36 3.59 -12.34 -6.15
N GLU A 37 4.49 -11.62 -5.46
CA GLU A 37 4.40 -11.38 -4.02
C GLU A 37 3.27 -10.37 -3.70
N LEU A 38 3.07 -9.38 -4.60
CA LEU A 38 2.00 -8.38 -4.49
C LEU A 38 0.62 -9.09 -4.48
N LYS A 39 0.47 -10.00 -5.45
CA LYS A 39 -0.74 -10.83 -5.61
C LYS A 39 -0.92 -11.80 -4.43
N LYS A 40 0.22 -12.33 -3.94
CA LYS A 40 0.27 -13.31 -2.83
C LYS A 40 -0.33 -12.70 -1.55
N TYR A 41 -0.01 -11.43 -1.32
CA TYR A 41 -0.53 -10.67 -0.16
C TYR A 41 -2.01 -10.33 -0.36
N LEU A 42 -2.40 -9.99 -1.61
CA LEU A 42 -3.81 -9.68 -1.95
C LEU A 42 -4.74 -10.91 -1.79
N GLU A 43 -4.21 -12.13 -2.10
CA GLU A 43 -4.92 -13.41 -1.86
C GLU A 43 -5.40 -13.51 -0.41
N GLU A 44 -4.52 -13.11 0.50
CA GLU A 44 -4.75 -13.12 1.94
C GLU A 44 -5.76 -12.02 2.33
N PHE A 45 -5.58 -10.79 1.79
CA PHE A 45 -6.43 -9.61 2.14
C PHE A 45 -7.88 -9.74 1.61
N ARG A 46 -8.11 -10.67 0.67
CA ARG A 46 -9.45 -10.97 0.12
C ARG A 46 -10.43 -11.43 1.20
N LYS A 47 -9.92 -12.23 2.17
CA LYS A 47 -10.74 -12.84 3.25
C LYS A 47 -11.44 -11.74 4.11
N GLU A 48 -10.83 -10.54 4.10
CA GLU A 48 -11.24 -9.41 4.95
C GLU A 48 -11.32 -8.13 4.09
N SER A 49 -11.65 -8.29 2.80
CA SER A 49 -11.68 -7.17 1.82
C SER A 49 -12.82 -6.15 2.10
N GLN A 50 -13.61 -6.39 3.17
CA GLN A 50 -14.55 -5.39 3.70
C GLN A 50 -13.77 -4.36 4.54
N ASN A 51 -14.09 -3.05 4.37
CA ASN A 51 -13.55 -1.94 5.19
C ASN A 51 -12.00 -1.91 5.21
N ILE A 52 -11.39 -2.37 4.12
CA ILE A 52 -9.93 -2.48 3.99
C ILE A 52 -9.41 -1.43 2.99
N LYS A 53 -8.21 -0.92 3.26
CA LYS A 53 -7.47 -0.06 2.36
C LYS A 53 -6.00 -0.51 2.41
N VAL A 54 -5.38 -0.67 1.24
CA VAL A 54 -3.96 -1.07 1.11
C VAL A 54 -3.19 0.04 0.37
N LEU A 55 -1.99 0.38 0.85
CA LEU A 55 -1.13 1.41 0.25
C LEU A 55 0.07 0.75 -0.41
N ILE A 56 0.12 0.81 -1.75
CA ILE A 56 1.24 0.22 -2.50
C ILE A 56 2.23 1.33 -2.93
N LEU A 57 3.43 1.34 -2.31
CA LEU A 57 4.52 2.28 -2.67
C LEU A 57 5.44 1.56 -3.66
N VAL A 58 5.49 2.07 -4.88
CA VAL A 58 6.26 1.46 -5.97
C VAL A 58 7.44 2.38 -6.34
N SER A 59 8.55 1.78 -6.76
CA SER A 59 9.78 2.51 -7.11
C SER A 59 9.81 2.90 -8.61
N ASN A 60 8.92 2.29 -9.43
CA ASN A 60 8.90 2.49 -10.91
C ASN A 60 7.46 2.61 -11.44
N ASP A 61 7.32 3.25 -12.62
CA ASP A 61 6.03 3.38 -13.37
C ASP A 61 5.50 2.00 -13.81
N GLU A 62 6.44 1.08 -14.10
CA GLU A 62 6.13 -0.31 -14.46
C GLU A 62 5.37 -0.99 -13.32
N GLU A 63 5.93 -0.83 -12.11
CA GLU A 63 5.37 -1.41 -10.88
C GLU A 63 4.05 -0.72 -10.51
N LEU A 64 3.99 0.62 -10.77
CA LEU A 64 2.80 1.46 -10.50
C LEU A 64 1.57 0.92 -11.23
N ASP A 65 1.68 0.84 -12.56
CA ASP A 65 0.59 0.44 -13.44
C ASP A 65 0.15 -1.00 -13.13
N LYS A 66 1.14 -1.89 -12.95
CA LYS A 66 0.91 -3.32 -12.73
C LYS A 66 0.18 -3.55 -11.39
N ALA A 67 0.63 -2.86 -10.32
CA ALA A 67 0.06 -3.00 -8.96
C ALA A 67 -1.39 -2.50 -8.90
N LYS A 68 -1.70 -1.42 -9.67
CA LYS A 68 -3.09 -0.92 -9.81
C LYS A 68 -3.98 -2.00 -10.44
N GLU A 69 -3.46 -2.66 -11.49
CA GLU A 69 -4.19 -3.71 -12.23
C GLU A 69 -4.57 -4.87 -11.30
N LEU A 70 -3.56 -5.37 -10.56
CA LEU A 70 -3.69 -6.54 -9.67
C LEU A 70 -4.71 -6.26 -8.55
N ALA A 71 -4.63 -5.04 -7.98
CA ALA A 71 -5.53 -4.54 -6.94
C ALA A 71 -7.00 -4.54 -7.37
N GLN A 72 -7.27 -3.98 -8.57
CA GLN A 72 -8.63 -3.84 -9.12
C GLN A 72 -9.23 -5.20 -9.48
N LYS A 73 -8.37 -6.15 -9.90
CA LYS A 73 -8.77 -7.53 -10.20
C LYS A 73 -9.24 -8.25 -8.92
N MET A 74 -8.61 -7.90 -7.80
CA MET A 74 -8.97 -8.42 -6.47
C MET A 74 -10.11 -7.58 -5.85
N GLU A 75 -10.43 -6.42 -6.47
CA GLU A 75 -11.46 -5.45 -6.01
C GLU A 75 -11.23 -4.95 -4.56
N ILE A 76 -9.99 -5.11 -4.07
CA ILE A 76 -9.56 -4.59 -2.77
C ILE A 76 -9.23 -3.10 -2.95
N ASP A 77 -9.73 -2.24 -2.05
CA ASP A 77 -9.47 -0.79 -2.15
C ASP A 77 -8.00 -0.51 -1.88
N VAL A 78 -7.30 0.01 -2.90
CA VAL A 78 -5.86 0.27 -2.83
C VAL A 78 -5.53 1.69 -3.33
N ARG A 79 -4.64 2.37 -2.58
CA ARG A 79 -4.01 3.63 -2.95
C ARG A 79 -2.60 3.30 -3.45
N THR A 80 -2.35 3.40 -4.77
CA THR A 80 -1.06 3.05 -5.37
C THR A 80 -0.32 4.34 -5.76
N ARG A 81 0.80 4.63 -5.09
CA ARG A 81 1.58 5.86 -5.28
C ARG A 81 3.01 5.50 -5.69
N LYS A 82 3.54 6.18 -6.72
CA LYS A 82 4.94 6.00 -7.17
C LYS A 82 5.84 6.96 -6.39
N VAL A 83 6.80 6.40 -5.64
CA VAL A 83 7.78 7.14 -4.84
C VAL A 83 9.20 6.79 -5.32
N THR A 84 10.10 7.78 -5.31
CA THR A 84 11.50 7.61 -5.78
C THR A 84 12.53 7.92 -4.67
N SER A 85 12.04 8.17 -3.43
CA SER A 85 12.89 8.50 -2.27
C SER A 85 12.23 8.01 -0.96
N PRO A 86 13.05 7.60 0.09
CA PRO A 86 12.54 7.03 1.37
C PRO A 86 11.46 7.89 2.04
N ASP A 87 11.73 9.19 2.17
CA ASP A 87 10.84 10.14 2.90
C ASP A 87 9.60 10.49 2.08
N GLU A 88 9.68 10.35 0.74
CA GLU A 88 8.51 10.44 -0.15
C GLU A 88 7.54 9.28 0.16
N ALA A 89 8.11 8.06 0.32
CA ALA A 89 7.33 6.86 0.71
C ALA A 89 6.67 7.06 2.08
N LYS A 90 7.49 7.53 3.03
CA LYS A 90 7.08 7.81 4.42
C LYS A 90 5.94 8.86 4.48
N ARG A 91 6.01 9.83 3.56
CA ARG A 91 5.01 10.91 3.44
C ARG A 91 3.62 10.33 3.17
N TRP A 92 3.51 9.50 2.11
CA TRP A 92 2.23 8.88 1.71
C TRP A 92 1.72 7.86 2.73
N ILE A 93 2.63 7.28 3.55
CA ILE A 93 2.24 6.37 4.65
C ILE A 93 1.53 7.17 5.77
N LYS A 94 2.10 8.35 6.08
CA LYS A 94 1.51 9.32 7.02
C LYS A 94 0.14 9.81 6.51
N GLU A 95 0.08 10.12 5.20
CA GLU A 95 -1.14 10.62 4.56
C GLU A 95 -2.20 9.52 4.40
N PHE A 96 -1.76 8.26 4.27
CA PHE A 96 -2.65 7.09 4.06
C PHE A 96 -3.44 6.77 5.34
N SER A 97 -2.77 6.84 6.50
CA SER A 97 -3.43 6.70 7.81
C SER A 97 -4.47 7.82 8.01
N GLU A 98 -4.25 8.98 7.36
CA GLU A 98 -5.23 10.09 7.30
C GLU A 98 -6.35 9.77 6.27
N GLU A 99 -6.01 9.06 5.16
CA GLU A 99 -6.97 8.63 4.13
C GLU A 99 -7.81 7.43 4.61
N GLY A 100 -7.35 6.78 5.69
CA GLY A 100 -7.97 5.57 6.20
C GLY A 100 -9.26 5.85 6.96
N GLY A 101 -10.35 6.05 6.21
CA GLY A 101 -11.67 6.32 6.79
C GLY A 101 -12.69 6.66 5.72
N SER A 102 -13.63 7.56 6.07
CA SER A 102 -14.74 7.97 5.18
C SER A 102 -14.34 9.14 4.25
N LEU A 103 -13.08 9.13 3.75
CA LEU A 103 -12.63 9.99 2.62
C LEU A 103 -12.86 9.26 1.29
N GLU A 104 -13.47 8.08 1.38
CA GLU A 104 -13.83 7.23 0.23
C GLU A 104 -15.24 7.57 -0.29
N HIS A 105 -15.73 6.74 -1.25
CA HIS A 105 -17.10 6.85 -1.87
C HIS A 105 -17.27 8.23 -2.55
N HIS A 106 -16.14 8.86 -2.88
CA HIS A 106 -16.08 10.25 -3.32
C HIS A 106 -16.32 10.37 -4.83
N HIS A 107 -17.57 10.65 -5.21
CA HIS A 107 -17.93 11.09 -6.57
C HIS A 107 -17.59 12.59 -6.68
N HIS A 108 -16.27 12.85 -6.58
CA HIS A 108 -15.68 14.17 -6.40
C HIS A 108 -14.14 13.99 -6.40
N HIS A 109 -13.53 14.28 -7.55
CA HIS A 109 -12.07 14.14 -7.77
C HIS A 109 -11.60 15.28 -8.67
N HIS A 110 -10.79 16.19 -8.12
CA HIS A 110 -10.17 17.29 -8.89
C HIS A 110 -8.74 16.85 -9.31
N MET A 1 -11.24 -0.57 11.13
CA MET A 1 -10.70 -0.52 9.75
C MET A 1 -9.27 -1.05 9.70
N LEU A 2 -9.03 -2.05 8.82
CA LEU A 2 -7.69 -2.63 8.61
C LEU A 2 -6.92 -1.76 7.59
N LEU A 3 -5.79 -1.17 8.02
CA LEU A 3 -4.94 -0.36 7.14
C LEU A 3 -3.60 -1.09 6.90
N TYR A 4 -3.38 -1.53 5.65
CA TYR A 4 -2.18 -2.28 5.24
C TYR A 4 -1.41 -1.50 4.17
N VAL A 5 -0.08 -1.71 4.15
CA VAL A 5 0.85 -1.04 3.24
C VAL A 5 1.69 -2.11 2.50
N LEU A 6 1.62 -2.14 1.16
CA LEU A 6 2.43 -3.04 0.31
C LEU A 6 3.53 -2.25 -0.37
N ILE A 7 4.77 -2.46 0.04
CA ILE A 7 5.90 -1.68 -0.47
C ILE A 7 6.69 -2.50 -1.51
N ILE A 8 6.53 -2.14 -2.79
CA ILE A 8 7.36 -2.70 -3.88
C ILE A 8 8.59 -1.81 -4.01
N SER A 9 9.71 -2.27 -3.48
CA SER A 9 10.98 -1.55 -3.55
C SER A 9 12.12 -2.56 -3.52
N ASN A 10 13.17 -2.25 -4.27
CA ASN A 10 14.39 -3.07 -4.33
C ASN A 10 15.48 -2.48 -3.42
N ASP A 11 15.25 -1.24 -2.95
CA ASP A 11 16.18 -0.53 -2.05
C ASP A 11 15.82 -0.84 -0.60
N LYS A 12 16.73 -1.53 0.09
CA LYS A 12 16.56 -1.96 1.50
C LYS A 12 16.37 -0.75 2.44
N LYS A 13 17.04 0.36 2.13
CA LYS A 13 16.99 1.60 2.97
C LYS A 13 15.59 2.22 2.90
N LEU A 14 15.00 2.20 1.68
CA LEU A 14 13.64 2.71 1.41
C LEU A 14 12.61 1.88 2.18
N ILE A 15 12.76 0.54 2.11
CA ILE A 15 11.86 -0.42 2.78
C ILE A 15 11.89 -0.22 4.31
N GLU A 16 13.10 -0.06 4.86
CA GLU A 16 13.32 0.08 6.30
C GLU A 16 12.71 1.39 6.84
N GLU A 17 13.05 2.53 6.21
CA GLU A 17 12.64 3.87 6.71
C GLU A 17 11.12 4.09 6.54
N ALA A 18 10.54 3.51 5.49
CA ALA A 18 9.08 3.50 5.30
C ALA A 18 8.41 2.65 6.39
N ARG A 19 9.02 1.48 6.67
CA ARG A 19 8.51 0.52 7.69
C ARG A 19 8.54 1.13 9.10
N LYS A 20 9.59 1.94 9.40
CA LYS A 20 9.71 2.66 10.69
C LYS A 20 8.48 3.56 10.91
N MET A 21 8.12 4.31 9.86
CA MET A 21 6.96 5.22 9.85
C MET A 21 5.63 4.47 9.94
N ALA A 22 5.56 3.30 9.28
CA ALA A 22 4.37 2.44 9.32
C ALA A 22 4.10 1.89 10.73
N GLU A 23 5.18 1.46 11.40
CA GLU A 23 5.13 0.93 12.78
C GLU A 23 4.72 2.02 13.79
N LYS A 24 5.21 3.26 13.55
CA LYS A 24 4.85 4.44 14.37
C LYS A 24 3.39 4.86 14.13
N ALA A 25 2.94 4.72 12.86
CA ALA A 25 1.56 5.04 12.45
C ALA A 25 0.62 3.84 12.71
N ASN A 26 1.19 2.71 13.20
CA ASN A 26 0.45 1.48 13.57
C ASN A 26 -0.16 0.76 12.34
N LEU A 27 0.30 1.15 11.14
CA LEU A 27 -0.12 0.54 9.87
C LEU A 27 0.73 -0.72 9.60
N GLU A 28 0.10 -1.79 9.13
CA GLU A 28 0.76 -3.08 8.93
C GLU A 28 1.40 -3.16 7.53
N LEU A 29 2.75 -3.14 7.50
CA LEU A 29 3.53 -3.08 6.25
C LEU A 29 4.03 -4.49 5.92
N ARG A 30 3.67 -4.94 4.71
CA ARG A 30 4.00 -6.26 4.17
C ARG A 30 4.93 -6.04 2.96
N THR A 31 6.18 -6.54 3.04
CA THR A 31 7.23 -6.22 2.06
C THR A 31 7.04 -7.01 0.75
N VAL A 32 6.79 -6.28 -0.36
CA VAL A 32 6.62 -6.86 -1.69
C VAL A 32 7.92 -6.69 -2.50
N LYS A 33 8.54 -7.82 -2.89
CA LYS A 33 9.77 -7.83 -3.69
C LYS A 33 9.44 -7.82 -5.20
N THR A 34 8.45 -8.65 -5.58
CA THR A 34 7.99 -8.80 -6.98
C THR A 34 6.46 -8.70 -7.07
N GLU A 35 5.94 -8.61 -8.30
CA GLU A 35 4.49 -8.47 -8.59
C GLU A 35 3.70 -9.74 -8.16
N ASP A 36 4.39 -10.90 -8.10
CA ASP A 36 3.83 -12.16 -7.57
C ASP A 36 3.62 -12.09 -6.04
N GLU A 37 4.56 -11.41 -5.34
CA GLU A 37 4.42 -11.12 -3.89
C GLU A 37 3.23 -10.17 -3.66
N LEU A 38 3.03 -9.25 -4.62
CA LEU A 38 1.92 -8.29 -4.61
C LEU A 38 0.59 -9.07 -4.66
N LYS A 39 0.52 -10.05 -5.57
CA LYS A 39 -0.67 -10.92 -5.75
C LYS A 39 -1.01 -11.73 -4.49
N LYS A 40 0.02 -12.39 -3.88
CA LYS A 40 -0.17 -13.28 -2.72
C LYS A 40 -0.70 -12.50 -1.51
N TYR A 41 -0.23 -11.23 -1.38
CA TYR A 41 -0.67 -10.32 -0.32
C TYR A 41 -2.07 -9.77 -0.59
N LEU A 42 -2.45 -9.61 -1.87
CA LEU A 42 -3.82 -9.23 -2.26
C LEU A 42 -4.83 -10.34 -1.82
N GLU A 43 -4.49 -11.61 -2.12
CA GLU A 43 -5.32 -12.79 -1.78
C GLU A 43 -5.47 -12.94 -0.25
N GLU A 44 -4.36 -12.63 0.45
CA GLU A 44 -4.30 -12.58 1.91
C GLU A 44 -5.30 -11.54 2.45
N PHE A 45 -5.28 -10.35 1.85
CA PHE A 45 -6.14 -9.22 2.27
C PHE A 45 -7.61 -9.41 1.89
N ARG A 46 -7.89 -10.32 0.95
CA ARG A 46 -9.27 -10.69 0.56
C ARG A 46 -9.94 -11.53 1.67
N LYS A 47 -9.12 -12.36 2.36
CA LYS A 47 -9.59 -13.19 3.50
C LYS A 47 -10.11 -12.30 4.65
N GLU A 48 -9.55 -11.08 4.73
CA GLU A 48 -9.84 -10.08 5.77
C GLU A 48 -10.35 -8.76 5.13
N SER A 49 -10.97 -8.89 3.93
CA SER A 49 -11.39 -7.73 3.08
C SER A 49 -12.38 -6.74 3.77
N GLN A 50 -12.99 -7.17 4.89
CA GLN A 50 -13.93 -6.34 5.67
C GLN A 50 -13.26 -5.03 6.21
N ASN A 51 -13.68 -3.89 5.62
CA ASN A 51 -13.20 -2.52 5.97
C ASN A 51 -11.68 -2.39 5.81
N ILE A 52 -11.13 -2.90 4.69
CA ILE A 52 -9.68 -2.86 4.45
C ILE A 52 -9.35 -1.78 3.41
N LYS A 53 -8.24 -1.08 3.63
CA LYS A 53 -7.64 -0.14 2.69
C LYS A 53 -6.16 -0.52 2.57
N VAL A 54 -5.67 -0.63 1.34
CA VAL A 54 -4.27 -1.00 1.05
C VAL A 54 -3.56 0.18 0.35
N LEU A 55 -2.29 0.42 0.73
CA LEU A 55 -1.44 1.46 0.13
C LEU A 55 -0.20 0.81 -0.49
N ILE A 56 -0.16 0.72 -1.82
CA ILE A 56 0.96 0.11 -2.54
C ILE A 56 1.94 1.22 -2.98
N LEU A 57 3.17 1.24 -2.39
CA LEU A 57 4.24 2.17 -2.81
C LEU A 57 5.20 1.40 -3.69
N VAL A 58 5.23 1.75 -4.97
CA VAL A 58 5.99 1.03 -5.99
C VAL A 58 7.32 1.72 -6.28
N SER A 59 8.25 0.98 -6.88
CA SER A 59 9.57 1.50 -7.25
C SER A 59 9.48 2.28 -8.58
N ASN A 60 9.00 1.59 -9.63
CA ASN A 60 8.95 2.14 -11.00
C ASN A 60 7.51 2.46 -11.45
N ASP A 61 7.41 3.22 -12.55
CA ASP A 61 6.15 3.50 -13.27
C ASP A 61 5.59 2.20 -13.87
N GLU A 62 6.50 1.26 -14.18
CA GLU A 62 6.15 -0.11 -14.58
C GLU A 62 5.37 -0.83 -13.46
N GLU A 63 5.92 -0.75 -12.24
CA GLU A 63 5.35 -1.39 -11.04
C GLU A 63 4.05 -0.70 -10.63
N LEU A 64 3.96 0.62 -10.93
CA LEU A 64 2.78 1.45 -10.68
C LEU A 64 1.57 0.89 -11.42
N ASP A 65 1.70 0.77 -12.76
CA ASP A 65 0.62 0.24 -13.61
C ASP A 65 0.33 -1.22 -13.26
N LYS A 66 1.41 -1.99 -13.01
CA LYS A 66 1.35 -3.44 -12.72
C LYS A 66 0.45 -3.71 -11.50
N ALA A 67 0.72 -2.97 -10.41
CA ALA A 67 0.03 -3.11 -9.13
C ALA A 67 -1.40 -2.52 -9.17
N LYS A 68 -1.62 -1.46 -10.00
CA LYS A 68 -2.99 -0.90 -10.21
C LYS A 68 -3.89 -1.98 -10.82
N GLU A 69 -3.39 -2.62 -11.89
CA GLU A 69 -4.19 -3.60 -12.67
C GLU A 69 -4.49 -4.85 -11.81
N LEU A 70 -3.47 -5.33 -11.06
CA LEU A 70 -3.60 -6.49 -10.16
C LEU A 70 -4.67 -6.24 -9.08
N ALA A 71 -4.59 -5.06 -8.44
CA ALA A 71 -5.50 -4.63 -7.36
C ALA A 71 -6.96 -4.54 -7.85
N GLN A 72 -7.14 -4.02 -9.07
CA GLN A 72 -8.47 -3.84 -9.69
C GLN A 72 -9.05 -5.18 -10.19
N LYS A 73 -8.19 -6.12 -10.60
CA LYS A 73 -8.62 -7.50 -10.97
C LYS A 73 -9.05 -8.29 -9.73
N MET A 74 -8.44 -7.96 -8.58
CA MET A 74 -8.85 -8.45 -7.25
C MET A 74 -9.98 -7.58 -6.67
N GLU A 75 -10.29 -6.46 -7.36
CA GLU A 75 -11.31 -5.45 -6.98
C GLU A 75 -11.06 -4.78 -5.60
N ILE A 76 -9.85 -4.98 -5.03
CA ILE A 76 -9.48 -4.46 -3.70
C ILE A 76 -9.27 -2.94 -3.77
N ASP A 77 -9.82 -2.25 -2.77
CA ASP A 77 -9.70 -0.80 -2.61
C ASP A 77 -8.25 -0.43 -2.20
N VAL A 78 -7.48 0.08 -3.19
CA VAL A 78 -6.04 0.35 -3.05
C VAL A 78 -5.68 1.77 -3.57
N ARG A 79 -4.69 2.40 -2.91
CA ARG A 79 -4.02 3.61 -3.39
C ARG A 79 -2.63 3.18 -3.90
N THR A 80 -2.40 3.22 -5.21
CA THR A 80 -1.12 2.80 -5.80
C THR A 80 -0.34 4.07 -6.21
N ARG A 81 0.79 4.33 -5.52
CA ARG A 81 1.61 5.56 -5.69
C ARG A 81 3.07 5.17 -5.94
N LYS A 82 3.73 5.87 -6.89
CA LYS A 82 5.15 5.66 -7.20
C LYS A 82 6.02 6.49 -6.26
N VAL A 83 6.96 5.82 -5.58
CA VAL A 83 7.96 6.48 -4.74
C VAL A 83 9.35 6.30 -5.40
N THR A 84 10.15 7.36 -5.36
CA THR A 84 11.49 7.41 -5.96
C THR A 84 12.55 7.66 -4.86
N SER A 85 12.09 8.18 -3.71
CA SER A 85 12.90 8.34 -2.49
C SER A 85 12.10 7.81 -1.26
N PRO A 86 12.80 7.32 -0.17
CA PRO A 86 12.13 6.84 1.09
C PRO A 86 11.20 7.88 1.71
N ASP A 87 11.57 9.18 1.65
CA ASP A 87 10.79 10.27 2.27
C ASP A 87 9.37 10.38 1.68
N GLU A 88 9.24 10.06 0.38
CA GLU A 88 7.93 10.03 -0.30
C GLU A 88 7.09 8.84 0.19
N ALA A 89 7.76 7.67 0.37
CA ALA A 89 7.10 6.44 0.87
C ALA A 89 6.55 6.65 2.28
N LYS A 90 7.41 7.23 3.14
CA LYS A 90 7.09 7.60 4.52
C LYS A 90 5.92 8.61 4.57
N ARG A 91 5.96 9.59 3.65
CA ARG A 91 4.95 10.65 3.57
C ARG A 91 3.58 10.06 3.23
N TRP A 92 3.51 9.28 2.13
CA TRP A 92 2.25 8.59 1.72
C TRP A 92 1.66 7.70 2.82
N ILE A 93 2.51 7.10 3.68
CA ILE A 93 2.07 6.27 4.82
C ILE A 93 1.37 7.15 5.87
N LYS A 94 1.99 8.32 6.15
CA LYS A 94 1.40 9.36 7.02
C LYS A 94 0.05 9.86 6.45
N GLU A 95 0.02 10.15 5.12
CA GLU A 95 -1.16 10.72 4.43
C GLU A 95 -2.32 9.72 4.42
N PHE A 96 -1.97 8.44 4.22
CA PHE A 96 -2.91 7.28 4.18
C PHE A 96 -3.55 7.05 5.55
N SER A 97 -2.74 7.22 6.60
CA SER A 97 -3.17 7.09 7.99
C SER A 97 -4.19 8.18 8.34
N GLU A 98 -3.95 9.41 7.83
CA GLU A 98 -4.78 10.59 8.08
C GLU A 98 -6.10 10.53 7.29
N GLU A 99 -6.03 10.09 6.01
CA GLU A 99 -7.20 10.09 5.13
C GLU A 99 -8.16 8.92 5.47
N GLY A 100 -7.60 7.71 5.63
CA GLY A 100 -8.32 6.51 6.11
C GLY A 100 -9.66 6.22 5.42
N GLY A 101 -9.74 6.52 4.10
CA GLY A 101 -10.98 6.35 3.32
C GLY A 101 -11.49 7.65 2.69
N SER A 102 -10.79 8.77 2.95
CA SER A 102 -11.19 10.11 2.45
C SER A 102 -11.12 10.18 0.91
N LEU A 103 -10.08 9.56 0.33
CA LEU A 103 -9.84 9.55 -1.14
C LEU A 103 -11.00 8.88 -1.92
N GLU A 104 -11.83 8.09 -1.22
CA GLU A 104 -13.03 7.45 -1.79
C GLU A 104 -14.27 8.33 -1.55
N HIS A 105 -14.51 8.62 -0.27
CA HIS A 105 -15.79 9.12 0.24
C HIS A 105 -15.79 10.64 0.34
N HIS A 106 -16.72 11.28 -0.39
CA HIS A 106 -17.14 12.70 -0.20
C HIS A 106 -16.02 13.75 -0.50
N HIS A 107 -14.85 13.28 -1.00
CA HIS A 107 -13.66 14.14 -1.27
C HIS A 107 -13.94 15.15 -2.39
N HIS A 108 -14.85 14.79 -3.30
CA HIS A 108 -15.39 15.71 -4.30
C HIS A 108 -16.43 16.61 -3.60
N HIS A 109 -15.95 17.74 -3.05
CA HIS A 109 -16.79 18.74 -2.39
C HIS A 109 -17.68 19.44 -3.43
N HIS A 110 -18.93 18.97 -3.53
CA HIS A 110 -19.97 19.55 -4.39
C HIS A 110 -20.84 20.53 -3.57
N MET A 1 -10.85 -0.15 11.26
CA MET A 1 -10.56 -0.07 9.80
C MET A 1 -9.18 -0.72 9.55
N LEU A 2 -9.18 -1.90 8.90
CA LEU A 2 -7.95 -2.64 8.54
C LEU A 2 -7.03 -1.77 7.66
N LEU A 3 -5.84 -1.40 8.17
CA LEU A 3 -4.85 -0.61 7.44
C LEU A 3 -3.59 -1.45 7.16
N TYR A 4 -3.36 -1.75 5.87
CA TYR A 4 -2.21 -2.54 5.38
C TYR A 4 -1.42 -1.70 4.37
N VAL A 5 -0.11 -1.96 4.33
CA VAL A 5 0.84 -1.28 3.43
C VAL A 5 1.69 -2.35 2.73
N LEU A 6 1.64 -2.39 1.38
CA LEU A 6 2.48 -3.28 0.56
C LEU A 6 3.56 -2.45 -0.12
N ILE A 7 4.83 -2.61 0.28
CA ILE A 7 5.92 -1.80 -0.28
C ILE A 7 6.73 -2.62 -1.30
N ILE A 8 6.57 -2.28 -2.58
CA ILE A 8 7.41 -2.78 -3.68
C ILE A 8 8.57 -1.79 -3.86
N SER A 9 9.76 -2.13 -3.36
CA SER A 9 10.95 -1.29 -3.51
C SER A 9 12.18 -2.16 -3.68
N ASN A 10 13.06 -1.75 -4.60
CA ASN A 10 14.35 -2.41 -4.86
C ASN A 10 15.38 -1.99 -3.82
N ASP A 11 15.17 -0.80 -3.22
CA ASP A 11 16.07 -0.20 -2.24
C ASP A 11 15.65 -0.63 -0.82
N LYS A 12 16.49 -1.45 -0.20
CA LYS A 12 16.24 -2.03 1.14
C LYS A 12 16.21 -0.93 2.22
N LYS A 13 17.02 0.13 2.02
CA LYS A 13 17.10 1.22 3.00
C LYS A 13 15.87 2.15 2.89
N LEU A 14 15.30 2.27 1.67
CA LEU A 14 13.98 2.94 1.46
C LEU A 14 12.89 2.19 2.26
N ILE A 15 12.93 0.84 2.18
CA ILE A 15 11.97 -0.04 2.86
C ILE A 15 12.00 0.16 4.40
N GLU A 16 13.21 0.20 4.99
CA GLU A 16 13.35 0.34 6.45
C GLU A 16 12.90 1.74 6.94
N GLU A 17 13.21 2.82 6.18
CA GLU A 17 12.75 4.20 6.54
C GLU A 17 11.22 4.30 6.51
N ALA A 18 10.61 3.60 5.54
CA ALA A 18 9.16 3.51 5.39
C ALA A 18 8.55 2.68 6.54
N ARG A 19 9.20 1.56 6.88
CA ARG A 19 8.76 0.63 7.94
C ARG A 19 8.67 1.34 9.30
N LYS A 20 9.68 2.20 9.58
CA LYS A 20 9.78 2.99 10.82
C LYS A 20 8.58 3.94 10.96
N MET A 21 8.16 4.52 9.81
CA MET A 21 6.98 5.41 9.75
C MET A 21 5.67 4.65 9.91
N ALA A 22 5.60 3.46 9.30
CA ALA A 22 4.43 2.57 9.42
C ALA A 22 4.20 2.14 10.88
N GLU A 23 5.31 1.87 11.60
CA GLU A 23 5.28 1.54 13.04
C GLU A 23 4.65 2.68 13.87
N LYS A 24 5.03 3.94 13.53
CA LYS A 24 4.54 5.15 14.21
C LYS A 24 3.05 5.39 13.90
N ALA A 25 2.67 5.19 12.63
CA ALA A 25 1.29 5.40 12.15
C ALA A 25 0.37 4.21 12.49
N ASN A 26 0.98 3.12 13.01
CA ASN A 26 0.31 1.83 13.28
C ASN A 26 -0.33 1.29 11.99
N LEU A 27 0.53 0.84 11.08
CA LEU A 27 0.17 0.28 9.78
C LEU A 27 0.96 -1.02 9.62
N GLU A 28 0.27 -2.11 9.21
CA GLU A 28 0.93 -3.40 8.99
C GLU A 28 1.63 -3.38 7.64
N LEU A 29 2.98 -3.33 7.67
CA LEU A 29 3.80 -3.20 6.45
C LEU A 29 4.33 -4.57 6.07
N ARG A 30 4.02 -4.98 4.84
CA ARG A 30 4.43 -6.24 4.24
C ARG A 30 5.32 -5.92 3.03
N THR A 31 6.54 -6.46 3.02
CA THR A 31 7.51 -6.25 1.96
C THR A 31 7.15 -7.12 0.74
N VAL A 32 6.80 -6.46 -0.37
CA VAL A 32 6.51 -7.13 -1.65
C VAL A 32 7.71 -6.91 -2.59
N LYS A 33 8.09 -7.98 -3.31
CA LYS A 33 9.20 -7.93 -4.27
C LYS A 33 8.65 -7.97 -5.70
N THR A 34 8.17 -9.16 -6.12
CA THR A 34 7.64 -9.38 -7.47
C THR A 34 6.12 -9.24 -7.48
N GLU A 35 5.52 -9.34 -8.70
CA GLU A 35 4.06 -9.36 -8.86
C GLU A 35 3.46 -10.63 -8.25
N ASP A 36 4.26 -11.72 -8.20
CA ASP A 36 3.88 -12.99 -7.59
C ASP A 36 3.63 -12.81 -6.09
N GLU A 37 4.50 -11.99 -5.45
CA GLU A 37 4.35 -11.61 -4.04
C GLU A 37 3.17 -10.65 -3.86
N LEU A 38 2.97 -9.74 -4.85
CA LEU A 38 1.91 -8.72 -4.80
C LEU A 38 0.52 -9.40 -4.82
N LYS A 39 0.34 -10.33 -5.78
CA LYS A 39 -0.88 -11.13 -5.93
C LYS A 39 -1.11 -12.02 -4.70
N LYS A 40 -0.01 -12.57 -4.16
CA LYS A 40 -0.02 -13.46 -2.96
C LYS A 40 -0.66 -12.75 -1.76
N TYR A 41 -0.29 -11.48 -1.58
CA TYR A 41 -0.83 -10.62 -0.51
C TYR A 41 -2.26 -10.19 -0.81
N LEU A 42 -2.58 -9.97 -2.10
CA LEU A 42 -3.94 -9.60 -2.54
C LEU A 42 -4.96 -10.72 -2.18
N GLU A 43 -4.60 -11.98 -2.48
CA GLU A 43 -5.45 -13.17 -2.19
C GLU A 43 -5.74 -13.30 -0.69
N GLU A 44 -4.76 -12.89 0.14
CA GLU A 44 -4.91 -12.81 1.59
C GLU A 44 -5.96 -11.72 1.95
N PHE A 45 -5.83 -10.55 1.30
CA PHE A 45 -6.69 -9.37 1.55
C PHE A 45 -8.10 -9.52 0.91
N ARG A 46 -8.29 -10.54 0.06
CA ARG A 46 -9.61 -10.92 -0.47
C ARG A 46 -10.43 -11.62 0.63
N LYS A 47 -9.73 -12.48 1.39
CA LYS A 47 -10.32 -13.27 2.49
C LYS A 47 -10.90 -12.34 3.59
N GLU A 48 -10.35 -11.12 3.65
CA GLU A 48 -10.69 -10.09 4.63
C GLU A 48 -11.05 -8.77 3.93
N SER A 49 -11.67 -8.86 2.73
CA SER A 49 -12.09 -7.68 1.94
C SER A 49 -13.34 -6.98 2.57
N GLN A 50 -13.12 -6.35 3.74
CA GLN A 50 -14.18 -5.67 4.51
C GLN A 50 -13.51 -4.65 5.48
N ASN A 51 -13.89 -3.35 5.34
CA ASN A 51 -13.30 -2.22 6.10
C ASN A 51 -11.76 -2.18 5.94
N ILE A 52 -11.27 -2.62 4.76
CA ILE A 52 -9.84 -2.79 4.50
C ILE A 52 -9.34 -1.72 3.52
N LYS A 53 -8.11 -1.26 3.76
CA LYS A 53 -7.40 -0.29 2.93
C LYS A 53 -5.96 -0.77 2.77
N VAL A 54 -5.51 -0.93 1.52
CA VAL A 54 -4.14 -1.36 1.20
C VAL A 54 -3.40 -0.20 0.50
N LEU A 55 -2.20 0.15 0.98
CA LEU A 55 -1.37 1.22 0.39
C LEU A 55 -0.14 0.60 -0.26
N ILE A 56 -0.09 0.56 -1.60
CA ILE A 56 1.04 -0.02 -2.33
C ILE A 56 2.02 1.09 -2.74
N LEU A 57 3.24 1.09 -2.15
CA LEU A 57 4.31 2.02 -2.54
C LEU A 57 5.24 1.29 -3.49
N VAL A 58 5.24 1.71 -4.76
CA VAL A 58 6.10 1.12 -5.79
C VAL A 58 7.31 2.04 -6.03
N SER A 59 8.46 1.45 -6.30
CA SER A 59 9.68 2.19 -6.66
C SER A 59 9.72 2.50 -8.17
N ASN A 60 9.01 1.67 -8.96
CA ASN A 60 9.06 1.73 -10.44
C ASN A 60 7.71 2.21 -11.03
N ASP A 61 7.82 2.96 -12.14
CA ASP A 61 6.68 3.46 -12.95
C ASP A 61 5.85 2.29 -13.53
N GLU A 62 6.56 1.23 -13.96
CA GLU A 62 5.96 0.03 -14.53
C GLU A 62 5.20 -0.75 -13.44
N GLU A 63 5.81 -0.82 -12.25
CA GLU A 63 5.23 -1.48 -11.07
C GLU A 63 3.98 -0.76 -10.55
N LEU A 64 3.89 0.56 -10.78
CA LEU A 64 2.67 1.32 -10.48
C LEU A 64 1.47 0.73 -11.25
N ASP A 65 1.60 0.65 -12.58
CA ASP A 65 0.57 0.09 -13.47
C ASP A 65 0.30 -1.39 -13.16
N LYS A 66 1.39 -2.12 -12.84
CA LYS A 66 1.37 -3.56 -12.54
C LYS A 66 0.48 -3.84 -11.31
N ALA A 67 0.79 -3.12 -10.22
CA ALA A 67 0.13 -3.28 -8.92
C ALA A 67 -1.34 -2.82 -8.98
N LYS A 68 -1.61 -1.73 -9.75
CA LYS A 68 -2.98 -1.21 -9.94
C LYS A 68 -3.86 -2.23 -10.64
N GLU A 69 -3.35 -2.81 -11.74
CA GLU A 69 -4.09 -3.77 -12.56
C GLU A 69 -4.48 -5.01 -11.75
N LEU A 70 -3.47 -5.62 -11.10
CA LEU A 70 -3.65 -6.84 -10.27
C LEU A 70 -4.69 -6.62 -9.15
N ALA A 71 -4.58 -5.45 -8.49
CA ALA A 71 -5.49 -5.02 -7.42
C ALA A 71 -6.94 -4.87 -7.92
N GLN A 72 -7.10 -4.31 -9.14
CA GLN A 72 -8.42 -4.08 -9.75
C GLN A 72 -9.07 -5.39 -10.23
N LYS A 73 -8.25 -6.38 -10.66
CA LYS A 73 -8.75 -7.71 -11.06
C LYS A 73 -9.40 -8.41 -9.86
N MET A 74 -8.82 -8.18 -8.67
CA MET A 74 -9.36 -8.67 -7.38
C MET A 74 -10.28 -7.62 -6.72
N GLU A 75 -10.38 -6.44 -7.37
CA GLU A 75 -11.26 -5.30 -6.99
C GLU A 75 -10.96 -4.70 -5.59
N ILE A 76 -9.81 -5.05 -5.01
CA ILE A 76 -9.45 -4.66 -3.62
C ILE A 76 -9.22 -3.15 -3.51
N ASP A 77 -9.66 -2.56 -2.38
CA ASP A 77 -9.53 -1.12 -2.08
C ASP A 77 -8.05 -0.77 -1.83
N VAL A 78 -7.37 -0.33 -2.91
CA VAL A 78 -5.92 -0.06 -2.91
C VAL A 78 -5.64 1.39 -3.34
N ARG A 79 -4.69 2.03 -2.64
CA ARG A 79 -4.13 3.34 -3.01
C ARG A 79 -2.66 3.10 -3.43
N THR A 80 -2.37 3.32 -4.71
CA THR A 80 -1.04 3.10 -5.29
C THR A 80 -0.31 4.44 -5.45
N ARG A 81 0.89 4.51 -4.86
CA ARG A 81 1.75 5.69 -4.90
C ARG A 81 3.17 5.27 -5.32
N LYS A 82 3.70 5.94 -6.34
CA LYS A 82 5.09 5.74 -6.81
C LYS A 82 6.03 6.62 -5.97
N VAL A 83 7.19 6.06 -5.62
CA VAL A 83 8.20 6.73 -4.80
C VAL A 83 9.57 6.63 -5.51
N THR A 84 10.30 7.75 -5.51
CA THR A 84 11.66 7.85 -6.05
C THR A 84 12.63 8.09 -4.89
N SER A 85 12.12 8.74 -3.83
CA SER A 85 12.87 9.04 -2.61
C SER A 85 12.17 8.38 -1.40
N PRO A 86 12.93 7.89 -0.35
CA PRO A 86 12.36 7.42 0.94
C PRO A 86 11.46 8.46 1.62
N ASP A 87 11.77 9.77 1.42
CA ASP A 87 10.95 10.90 1.91
C ASP A 87 9.50 10.82 1.41
N GLU A 88 9.35 10.41 0.13
CA GLU A 88 8.05 10.23 -0.50
C GLU A 88 7.30 9.03 0.11
N ALA A 89 8.02 7.92 0.35
CA ALA A 89 7.45 6.71 0.96
C ALA A 89 6.86 7.03 2.35
N LYS A 90 7.66 7.76 3.14
CA LYS A 90 7.29 8.22 4.49
C LYS A 90 6.07 9.18 4.45
N ARG A 91 6.06 10.06 3.43
CA ARG A 91 4.96 11.01 3.19
C ARG A 91 3.62 10.28 2.98
N TRP A 92 3.57 9.36 2.01
CA TRP A 92 2.33 8.63 1.65
C TRP A 92 1.80 7.74 2.77
N ILE A 93 2.69 7.27 3.64
CA ILE A 93 2.33 6.52 4.85
C ILE A 93 1.60 7.45 5.84
N LYS A 94 2.14 8.68 5.98
CA LYS A 94 1.51 9.74 6.79
C LYS A 94 0.13 10.14 6.23
N GLU A 95 0.03 10.31 4.90
CA GLU A 95 -1.24 10.74 4.23
C GLU A 95 -2.35 9.69 4.43
N PHE A 96 -1.95 8.42 4.31
CA PHE A 96 -2.83 7.23 4.43
C PHE A 96 -3.33 7.06 5.88
N SER A 97 -2.54 7.57 6.84
CA SER A 97 -2.87 7.53 8.26
C SER A 97 -3.78 8.73 8.63
N GLU A 98 -3.48 9.91 8.04
CA GLU A 98 -4.22 11.17 8.30
C GLU A 98 -5.66 11.11 7.76
N GLU A 99 -5.85 10.43 6.62
CA GLU A 99 -7.19 10.24 6.03
C GLU A 99 -8.04 9.29 6.90
N GLY A 100 -7.35 8.42 7.66
CA GLY A 100 -7.99 7.44 8.54
C GLY A 100 -8.67 6.33 7.75
N GLY A 101 -9.91 6.59 7.33
CA GLY A 101 -10.70 5.64 6.56
C GLY A 101 -11.06 6.18 5.19
N SER A 102 -11.99 7.17 5.17
CA SER A 102 -12.46 7.88 3.96
C SER A 102 -13.45 7.03 3.10
N LEU A 103 -13.09 5.76 2.84
CA LEU A 103 -13.82 4.86 1.92
C LEU A 103 -15.23 4.57 2.45
N GLU A 104 -15.33 4.22 3.75
CA GLU A 104 -16.61 3.94 4.42
C GLU A 104 -17.19 5.20 5.08
N HIS A 105 -16.95 6.36 4.43
CA HIS A 105 -17.88 7.52 4.53
C HIS A 105 -19.10 7.26 3.63
N HIS A 106 -18.98 6.21 2.80
CA HIS A 106 -20.12 5.53 2.14
C HIS A 106 -20.73 4.50 3.11
N HIS A 107 -21.61 3.63 2.60
CA HIS A 107 -22.10 2.45 3.34
C HIS A 107 -22.42 1.33 2.34
N HIS A 108 -21.58 0.29 2.34
CA HIS A 108 -21.78 -0.91 1.53
C HIS A 108 -22.58 -1.94 2.34
N HIS A 109 -23.88 -2.07 2.02
CA HIS A 109 -24.82 -2.94 2.75
C HIS A 109 -24.55 -4.44 2.46
N HIS A 110 -24.24 -5.18 3.52
CA HIS A 110 -23.98 -6.63 3.46
C HIS A 110 -24.89 -7.35 4.49
N MET A 1 -10.38 -0.05 11.59
CA MET A 1 -10.19 0.05 10.12
C MET A 1 -8.86 -0.62 9.72
N LEU A 2 -8.95 -1.75 8.99
CA LEU A 2 -7.77 -2.52 8.53
C LEU A 2 -6.96 -1.71 7.50
N LEU A 3 -5.79 -1.20 7.93
CA LEU A 3 -4.89 -0.40 7.09
C LEU A 3 -3.58 -1.16 6.80
N TYR A 4 -3.38 -1.50 5.51
CA TYR A 4 -2.23 -2.29 5.03
C TYR A 4 -1.45 -1.51 3.98
N VAL A 5 -0.11 -1.58 4.10
CA VAL A 5 0.83 -0.89 3.21
C VAL A 5 1.70 -1.97 2.52
N LEU A 6 1.70 -1.98 1.17
CA LEU A 6 2.52 -2.89 0.35
C LEU A 6 3.67 -2.09 -0.28
N ILE A 7 4.93 -2.42 0.05
CA ILE A 7 6.08 -1.67 -0.47
C ILE A 7 6.90 -2.50 -1.48
N ILE A 8 6.92 -2.04 -2.75
CA ILE A 8 7.76 -2.60 -3.83
C ILE A 8 8.96 -1.64 -4.07
N SER A 9 10.14 -2.03 -3.60
CA SER A 9 11.38 -1.29 -3.86
C SER A 9 12.58 -2.25 -3.83
N ASN A 10 13.66 -1.87 -4.51
CA ASN A 10 14.92 -2.61 -4.50
C ASN A 10 15.87 -2.06 -3.43
N ASP A 11 15.75 -0.75 -3.16
CA ASP A 11 16.60 -0.05 -2.18
C ASP A 11 16.12 -0.40 -0.77
N LYS A 12 16.95 -1.16 -0.05
CA LYS A 12 16.69 -1.59 1.34
C LYS A 12 16.64 -0.38 2.30
N LYS A 13 17.26 0.74 1.86
CA LYS A 13 17.17 2.02 2.53
C LYS A 13 15.72 2.54 2.51
N LEU A 14 15.11 2.55 1.30
CA LEU A 14 13.70 2.98 1.10
C LEU A 14 12.74 2.06 1.86
N ILE A 15 13.04 0.74 1.83
CA ILE A 15 12.22 -0.29 2.48
C ILE A 15 12.17 -0.09 4.00
N GLU A 16 13.34 0.14 4.60
CA GLU A 16 13.45 0.37 6.05
C GLU A 16 12.87 1.74 6.47
N GLU A 17 13.02 2.77 5.61
CA GLU A 17 12.49 4.13 5.89
C GLU A 17 10.95 4.12 6.02
N ALA A 18 10.30 3.46 5.06
CA ALA A 18 8.85 3.29 5.04
C ALA A 18 8.39 2.28 6.12
N ARG A 19 9.25 1.29 6.42
CA ARG A 19 9.00 0.27 7.48
C ARG A 19 8.91 0.96 8.84
N LYS A 20 9.83 1.91 9.10
CA LYS A 20 9.87 2.68 10.36
C LYS A 20 8.53 3.42 10.54
N MET A 21 8.09 4.12 9.48
CA MET A 21 6.83 4.90 9.48
C MET A 21 5.59 4.02 9.62
N ALA A 22 5.64 2.79 9.07
CA ALA A 22 4.56 1.81 9.23
C ALA A 22 4.40 1.39 10.71
N GLU A 23 5.54 1.18 11.38
CA GLU A 23 5.59 0.79 12.81
C GLU A 23 5.19 1.97 13.72
N LYS A 24 5.61 3.20 13.34
CA LYS A 24 5.32 4.45 14.10
C LYS A 24 3.83 4.80 14.02
N ALA A 25 3.27 4.70 12.80
CA ALA A 25 1.85 5.00 12.53
C ALA A 25 0.94 3.80 12.86
N ASN A 26 1.56 2.70 13.35
CA ASN A 26 0.87 1.48 13.83
C ASN A 26 0.05 0.80 12.70
N LEU A 27 0.51 0.99 11.45
CA LEU A 27 -0.07 0.35 10.27
C LEU A 27 0.67 -0.97 9.98
N GLU A 28 -0.02 -1.93 9.35
CA GLU A 28 0.57 -3.22 8.97
C GLU A 28 1.32 -3.08 7.64
N LEU A 29 2.62 -3.42 7.63
CA LEU A 29 3.43 -3.41 6.41
C LEU A 29 3.57 -4.84 5.85
N ARG A 30 3.73 -4.91 4.54
CA ARG A 30 4.12 -6.12 3.82
C ARG A 30 5.25 -5.71 2.87
N THR A 31 6.45 -6.28 3.02
CA THR A 31 7.56 -6.03 2.11
C THR A 31 7.36 -6.92 0.87
N VAL A 32 7.05 -6.27 -0.25
CA VAL A 32 6.68 -6.95 -1.50
C VAL A 32 7.93 -7.14 -2.37
N LYS A 33 8.30 -8.40 -2.59
CA LYS A 33 9.48 -8.81 -3.36
C LYS A 33 9.20 -8.59 -4.86
N THR A 34 8.07 -9.17 -5.32
CA THR A 34 7.67 -9.18 -6.74
C THR A 34 6.15 -9.03 -6.85
N GLU A 35 5.67 -8.94 -8.11
CA GLU A 35 4.24 -8.85 -8.46
C GLU A 35 3.45 -10.09 -7.96
N ASP A 36 4.12 -11.26 -7.92
CA ASP A 36 3.56 -12.52 -7.39
C ASP A 36 3.22 -12.38 -5.89
N GLU A 37 4.16 -11.77 -5.14
CA GLU A 37 3.99 -11.47 -3.71
C GLU A 37 2.89 -10.42 -3.50
N LEU A 38 2.81 -9.45 -4.42
CA LEU A 38 1.80 -8.38 -4.41
C LEU A 38 0.39 -9.03 -4.44
N LYS A 39 0.20 -9.96 -5.39
CA LYS A 39 -1.06 -10.71 -5.58
C LYS A 39 -1.37 -11.58 -4.36
N LYS A 40 -0.34 -12.24 -3.82
CA LYS A 40 -0.46 -13.19 -2.70
C LYS A 40 -0.99 -12.47 -1.44
N TYR A 41 -0.47 -11.26 -1.20
CA TYR A 41 -0.89 -10.41 -0.08
C TYR A 41 -2.32 -9.88 -0.30
N LEU A 42 -2.66 -9.59 -1.57
CA LEU A 42 -4.03 -9.19 -1.96
C LEU A 42 -5.05 -10.32 -1.65
N GLU A 43 -4.65 -11.59 -1.85
CA GLU A 43 -5.51 -12.78 -1.53
C GLU A 43 -5.89 -12.81 -0.04
N GLU A 44 -4.94 -12.38 0.82
CA GLU A 44 -5.18 -12.17 2.27
C GLU A 44 -6.25 -11.07 2.46
N PHE A 45 -6.05 -9.95 1.75
CA PHE A 45 -6.94 -8.75 1.86
C PHE A 45 -8.36 -9.01 1.31
N ARG A 46 -8.52 -10.10 0.54
CA ARG A 46 -9.84 -10.55 0.06
C ARG A 46 -10.60 -11.24 1.22
N LYS A 47 -9.90 -12.17 1.92
CA LYS A 47 -10.47 -12.95 3.05
C LYS A 47 -11.07 -12.01 4.11
N GLU A 48 -10.31 -10.96 4.42
CA GLU A 48 -10.64 -9.97 5.45
C GLU A 48 -10.83 -8.59 4.82
N SER A 49 -11.57 -8.56 3.69
CA SER A 49 -11.97 -7.31 3.00
C SER A 49 -12.97 -6.44 3.82
N GLN A 50 -13.39 -6.91 5.01
CA GLN A 50 -14.27 -6.17 5.94
C GLN A 50 -13.62 -4.82 6.40
N ASN A 51 -13.97 -3.72 5.70
CA ASN A 51 -13.46 -2.36 5.96
C ASN A 51 -11.91 -2.35 5.93
N ILE A 52 -11.36 -2.54 4.72
CA ILE A 52 -9.91 -2.59 4.50
C ILE A 52 -9.51 -1.52 3.47
N LYS A 53 -8.29 -1.01 3.61
CA LYS A 53 -7.66 -0.14 2.62
C LYS A 53 -6.21 -0.61 2.42
N VAL A 54 -5.74 -0.54 1.17
CA VAL A 54 -4.36 -0.91 0.80
C VAL A 54 -3.67 0.30 0.11
N LEU A 55 -2.42 0.59 0.52
CA LEU A 55 -1.57 1.60 -0.11
C LEU A 55 -0.28 0.94 -0.60
N ILE A 56 -0.03 0.95 -1.92
CA ILE A 56 1.16 0.33 -2.51
C ILE A 56 2.16 1.43 -2.90
N LEU A 57 3.37 1.42 -2.30
CA LEU A 57 4.45 2.34 -2.69
C LEU A 57 5.42 1.56 -3.57
N VAL A 58 5.48 1.94 -4.84
CA VAL A 58 6.37 1.31 -5.82
C VAL A 58 7.55 2.26 -6.09
N SER A 59 8.68 1.70 -6.51
CA SER A 59 9.83 2.49 -6.93
C SER A 59 9.75 2.78 -8.44
N ASN A 60 9.20 1.82 -9.19
CA ASN A 60 9.14 1.84 -10.67
C ASN A 60 7.72 2.14 -11.14
N ASP A 61 7.59 2.95 -12.23
CA ASP A 61 6.28 3.19 -12.90
C ASP A 61 5.77 1.93 -13.60
N GLU A 62 6.72 1.04 -13.93
CA GLU A 62 6.44 -0.32 -14.39
C GLU A 62 5.56 -1.06 -13.36
N GLU A 63 6.03 -1.03 -12.10
CA GLU A 63 5.35 -1.66 -10.96
C GLU A 63 4.11 -0.87 -10.50
N LEU A 64 4.09 0.45 -10.75
CA LEU A 64 2.91 1.31 -10.51
C LEU A 64 1.70 0.75 -11.28
N ASP A 65 1.88 0.62 -12.61
CA ASP A 65 0.86 0.06 -13.52
C ASP A 65 0.55 -1.40 -13.14
N LYS A 66 1.61 -2.16 -12.83
CA LYS A 66 1.53 -3.60 -12.51
C LYS A 66 0.59 -3.85 -11.33
N ALA A 67 0.88 -3.13 -10.23
CA ALA A 67 0.17 -3.26 -8.95
C ALA A 67 -1.29 -2.80 -9.05
N LYS A 68 -1.54 -1.75 -9.87
CA LYS A 68 -2.91 -1.25 -10.11
C LYS A 68 -3.74 -2.27 -10.90
N GLU A 69 -3.12 -2.97 -11.86
CA GLU A 69 -3.79 -4.05 -12.63
C GLU A 69 -4.21 -5.19 -11.70
N LEU A 70 -3.29 -5.61 -10.83
CA LEU A 70 -3.49 -6.71 -9.88
C LEU A 70 -4.61 -6.37 -8.86
N ALA A 71 -4.59 -5.11 -8.41
CA ALA A 71 -5.64 -4.54 -7.54
C ALA A 71 -7.04 -4.63 -8.17
N GLN A 72 -7.12 -4.29 -9.47
CA GLN A 72 -8.37 -4.35 -10.25
C GLN A 72 -8.85 -5.82 -10.43
N LYS A 73 -7.89 -6.74 -10.65
CA LYS A 73 -8.18 -8.19 -10.78
C LYS A 73 -8.79 -8.75 -9.49
N MET A 74 -8.36 -8.20 -8.35
CA MET A 74 -8.86 -8.58 -7.03
C MET A 74 -10.08 -7.73 -6.61
N GLU A 75 -10.31 -6.62 -7.36
CA GLU A 75 -11.39 -5.63 -7.10
C GLU A 75 -11.29 -4.95 -5.70
N ILE A 76 -10.09 -4.96 -5.11
CA ILE A 76 -9.84 -4.33 -3.79
C ILE A 76 -9.57 -2.83 -3.99
N ASP A 77 -10.11 -1.98 -3.09
CA ASP A 77 -9.85 -0.53 -3.10
C ASP A 77 -8.38 -0.29 -2.65
N VAL A 78 -7.56 0.14 -3.62
CA VAL A 78 -6.12 0.33 -3.45
C VAL A 78 -5.69 1.72 -3.98
N ARG A 79 -4.75 2.36 -3.26
CA ARG A 79 -4.12 3.62 -3.67
C ARG A 79 -2.66 3.30 -3.94
N THR A 80 -2.19 3.51 -5.16
CA THR A 80 -0.85 3.12 -5.59
C THR A 80 -0.07 4.38 -6.00
N ARG A 81 1.07 4.62 -5.31
CA ARG A 81 1.88 5.83 -5.47
C ARG A 81 3.33 5.41 -5.81
N LYS A 82 3.92 6.06 -6.84
CA LYS A 82 5.32 5.83 -7.20
C LYS A 82 6.22 6.83 -6.46
N VAL A 83 7.16 6.31 -5.69
CA VAL A 83 8.14 7.09 -4.95
C VAL A 83 9.56 6.82 -5.50
N THR A 84 10.31 7.90 -5.72
CA THR A 84 11.72 7.84 -6.15
C THR A 84 12.64 8.11 -4.95
N SER A 85 12.05 8.71 -3.89
CA SER A 85 12.73 9.04 -2.64
C SER A 85 12.03 8.33 -1.48
N PRO A 86 12.79 7.78 -0.48
CA PRO A 86 12.22 7.18 0.76
C PRO A 86 11.35 8.16 1.57
N ASP A 87 11.70 9.46 1.56
CA ASP A 87 10.96 10.53 2.27
C ASP A 87 9.49 10.63 1.77
N GLU A 88 9.32 10.42 0.44
CA GLU A 88 8.01 10.42 -0.22
C GLU A 88 7.17 9.22 0.25
N ALA A 89 7.83 8.04 0.37
CA ALA A 89 7.18 6.78 0.82
C ALA A 89 6.66 6.93 2.25
N LYS A 90 7.45 7.64 3.08
CA LYS A 90 7.11 7.96 4.47
C LYS A 90 5.86 8.87 4.54
N ARG A 91 5.84 9.88 3.64
CA ARG A 91 4.72 10.84 3.58
C ARG A 91 3.38 10.13 3.37
N TRP A 92 3.31 9.28 2.31
CA TRP A 92 2.06 8.59 1.94
C TRP A 92 1.53 7.66 3.04
N ILE A 93 2.41 7.16 3.91
CA ILE A 93 2.02 6.33 5.07
C ILE A 93 1.33 7.22 6.13
N LYS A 94 1.91 8.40 6.38
CA LYS A 94 1.31 9.44 7.23
C LYS A 94 -0.08 9.91 6.67
N GLU A 95 -0.19 9.98 5.32
CA GLU A 95 -1.46 10.30 4.66
C GLU A 95 -2.50 9.19 4.94
N PHE A 96 -2.08 7.95 4.63
CA PHE A 96 -2.94 6.75 4.60
C PHE A 96 -3.54 6.41 5.97
N SER A 97 -2.76 6.63 7.04
CA SER A 97 -3.23 6.44 8.42
C SER A 97 -4.44 7.35 8.73
N GLU A 98 -4.33 8.63 8.32
CA GLU A 98 -5.34 9.66 8.56
C GLU A 98 -6.50 9.60 7.54
N GLU A 99 -6.24 8.99 6.37
CA GLU A 99 -7.27 8.74 5.34
C GLU A 99 -8.14 7.54 5.74
N GLY A 100 -7.52 6.57 6.43
CA GLY A 100 -8.23 5.42 6.98
C GLY A 100 -8.92 5.72 8.30
N GLY A 101 -8.43 6.74 9.01
CA GLY A 101 -9.02 7.20 10.26
C GLY A 101 -8.29 8.41 10.80
N SER A 102 -9.00 9.55 10.96
CA SER A 102 -8.40 10.84 11.38
C SER A 102 -7.75 10.72 12.78
N LEU A 103 -8.37 9.88 13.65
CA LEU A 103 -7.89 9.60 15.02
C LEU A 103 -7.75 10.88 15.85
N GLU A 104 -8.63 11.85 15.54
CA GLU A 104 -8.60 13.22 16.07
C GLU A 104 -8.78 13.28 17.61
N HIS A 105 -9.70 12.44 18.13
CA HIS A 105 -9.99 12.38 19.57
C HIS A 105 -9.18 11.24 20.23
N HIS A 106 -8.59 10.37 19.40
CA HIS A 106 -7.66 9.33 19.87
C HIS A 106 -6.31 9.98 20.28
N HIS A 107 -5.58 9.33 21.20
CA HIS A 107 -4.27 9.80 21.66
C HIS A 107 -3.20 9.64 20.56
N HIS A 108 -3.05 10.69 19.74
CA HIS A 108 -1.90 10.82 18.81
C HIS A 108 -0.73 11.36 19.64
N HIS A 109 0.27 10.49 19.87
CA HIS A 109 1.40 10.80 20.75
C HIS A 109 2.33 11.81 20.09
N HIS A 110 2.55 12.94 20.79
CA HIS A 110 3.44 14.00 20.33
C HIS A 110 4.91 13.52 20.40
N MET A 1 -11.78 -0.02 9.97
CA MET A 1 -11.24 -0.21 8.61
C MET A 1 -9.81 -0.78 8.67
N LEU A 2 -9.57 -1.86 7.90
CA LEU A 2 -8.28 -2.55 7.85
C LEU A 2 -7.33 -1.75 6.93
N LEU A 3 -6.24 -1.19 7.48
CA LEU A 3 -5.29 -0.35 6.73
C LEU A 3 -3.93 -1.08 6.62
N TYR A 4 -3.55 -1.46 5.37
CA TYR A 4 -2.31 -2.19 5.09
C TYR A 4 -1.43 -1.40 4.12
N VAL A 5 -0.11 -1.53 4.29
CA VAL A 5 0.90 -0.92 3.42
C VAL A 5 1.72 -2.03 2.75
N LEU A 6 1.78 -2.02 1.41
CA LEU A 6 2.71 -2.83 0.61
C LEU A 6 3.79 -1.90 0.05
N ILE A 7 5.02 -2.40 -0.10
CA ILE A 7 6.10 -1.59 -0.69
C ILE A 7 6.95 -2.45 -1.65
N ILE A 8 7.08 -1.96 -2.88
CA ILE A 8 7.93 -2.58 -3.90
C ILE A 8 9.11 -1.63 -4.17
N SER A 9 10.30 -1.98 -3.67
CA SER A 9 11.53 -1.21 -3.91
C SER A 9 12.75 -2.13 -3.84
N ASN A 10 13.80 -1.78 -4.59
CA ASN A 10 15.09 -2.50 -4.55
C ASN A 10 15.98 -1.89 -3.45
N ASP A 11 15.79 -0.59 -3.17
CA ASP A 11 16.55 0.15 -2.15
C ASP A 11 15.97 -0.20 -0.77
N LYS A 12 16.67 -1.11 -0.09
CA LYS A 12 16.24 -1.67 1.20
C LYS A 12 16.23 -0.63 2.33
N LYS A 13 17.08 0.42 2.20
CA LYS A 13 17.14 1.52 3.18
C LYS A 13 15.87 2.41 3.09
N LEU A 14 15.37 2.56 1.85
CA LEU A 14 14.07 3.23 1.56
C LEU A 14 12.93 2.44 2.23
N ILE A 15 12.98 1.09 2.06
CA ILE A 15 12.00 0.15 2.64
C ILE A 15 12.02 0.22 4.18
N GLU A 16 13.24 0.38 4.75
CA GLU A 16 13.44 0.49 6.22
C GLU A 16 12.80 1.79 6.78
N GLU A 17 12.97 2.92 6.06
CA GLU A 17 12.36 4.22 6.47
C GLU A 17 10.83 4.15 6.44
N ALA A 18 10.31 3.49 5.40
CA ALA A 18 8.88 3.23 5.23
C ALA A 18 8.35 2.29 6.34
N ARG A 19 9.17 1.27 6.67
CA ARG A 19 8.87 0.28 7.72
C ARG A 19 8.69 0.97 9.09
N LYS A 20 9.65 1.86 9.42
CA LYS A 20 9.64 2.57 10.71
C LYS A 20 8.41 3.48 10.82
N MET A 21 8.06 4.14 9.70
CA MET A 21 6.86 5.01 9.61
C MET A 21 5.57 4.21 9.79
N ALA A 22 5.54 3.00 9.22
CA ALA A 22 4.39 2.09 9.34
C ALA A 22 4.21 1.62 10.79
N GLU A 23 5.33 1.33 11.48
CA GLU A 23 5.33 0.90 12.89
C GLU A 23 4.82 2.03 13.82
N LYS A 24 5.29 3.26 13.54
CA LYS A 24 4.88 4.47 14.28
C LYS A 24 3.38 4.75 14.10
N ALA A 25 2.93 4.63 12.84
CA ALA A 25 1.52 4.86 12.46
C ALA A 25 0.62 3.69 12.88
N ASN A 26 1.24 2.54 13.25
CA ASN A 26 0.57 1.24 13.45
C ASN A 26 -0.23 0.84 12.19
N LEU A 27 0.54 0.39 11.20
CA LEU A 27 0.07 -0.10 9.89
C LEU A 27 0.94 -1.31 9.55
N GLU A 28 0.31 -2.42 9.10
CA GLU A 28 1.05 -3.64 8.76
C GLU A 28 1.73 -3.45 7.39
N LEU A 29 3.07 -3.45 7.39
CA LEU A 29 3.85 -3.27 6.16
C LEU A 29 4.37 -4.64 5.71
N ARG A 30 4.07 -4.99 4.46
CA ARG A 30 4.48 -6.25 3.84
C ARG A 30 5.42 -5.92 2.66
N THR A 31 6.66 -6.40 2.73
CA THR A 31 7.70 -6.10 1.74
C THR A 31 7.51 -6.98 0.49
N VAL A 32 7.19 -6.33 -0.64
CA VAL A 32 6.90 -6.99 -1.92
C VAL A 32 8.20 -7.12 -2.75
N LYS A 33 8.33 -8.25 -3.47
CA LYS A 33 9.58 -8.67 -4.12
C LYS A 33 9.34 -8.78 -5.65
N THR A 34 8.25 -9.49 -6.00
CA THR A 34 7.75 -9.63 -7.39
C THR A 34 6.26 -9.25 -7.43
N GLU A 35 5.67 -9.21 -8.64
CA GLU A 35 4.23 -8.91 -8.80
C GLU A 35 3.37 -10.07 -8.24
N ASP A 36 3.95 -11.29 -8.20
CA ASP A 36 3.27 -12.48 -7.66
C ASP A 36 3.27 -12.45 -6.11
N GLU A 37 4.25 -11.76 -5.51
CA GLU A 37 4.24 -11.45 -4.07
C GLU A 37 3.17 -10.39 -3.77
N LEU A 38 3.04 -9.42 -4.70
CA LEU A 38 1.99 -8.37 -4.64
C LEU A 38 0.60 -9.04 -4.66
N LYS A 39 0.47 -10.06 -5.51
CA LYS A 39 -0.73 -10.91 -5.61
C LYS A 39 -1.01 -11.64 -4.29
N LYS A 40 0.04 -12.29 -3.72
CA LYS A 40 -0.10 -13.16 -2.52
C LYS A 40 -0.65 -12.36 -1.33
N TYR A 41 -0.16 -11.11 -1.20
CA TYR A 41 -0.59 -10.20 -0.12
C TYR A 41 -2.03 -9.77 -0.31
N LEU A 42 -2.40 -9.39 -1.55
CA LEU A 42 -3.78 -9.02 -1.91
C LEU A 42 -4.75 -10.21 -1.72
N GLU A 43 -4.29 -11.45 -1.95
CA GLU A 43 -5.07 -12.69 -1.66
C GLU A 43 -5.41 -12.80 -0.16
N GLU A 44 -4.41 -12.52 0.69
CA GLU A 44 -4.57 -12.48 2.16
C GLU A 44 -5.52 -11.32 2.56
N PHE A 45 -5.59 -10.29 1.72
CA PHE A 45 -6.51 -9.14 1.91
C PHE A 45 -7.92 -9.37 1.29
N ARG A 46 -8.04 -10.35 0.36
CA ARG A 46 -9.34 -10.67 -0.32
C ARG A 46 -10.36 -11.26 0.69
N LYS A 47 -9.90 -12.26 1.45
CA LYS A 47 -10.70 -12.95 2.48
C LYS A 47 -11.27 -11.99 3.54
N GLU A 48 -10.58 -10.86 3.72
CA GLU A 48 -10.95 -9.82 4.69
C GLU A 48 -11.05 -8.46 4.00
N SER A 49 -11.58 -8.47 2.76
CA SER A 49 -11.78 -7.24 1.95
C SER A 49 -13.00 -6.40 2.42
N GLN A 50 -13.55 -6.76 3.59
CA GLN A 50 -14.58 -5.97 4.29
C GLN A 50 -13.98 -4.68 4.89
N ASN A 51 -14.24 -3.53 4.20
CA ASN A 51 -13.78 -2.19 4.63
C ASN A 51 -12.25 -2.16 4.79
N ILE A 52 -11.56 -2.46 3.69
CA ILE A 52 -10.09 -2.54 3.65
C ILE A 52 -9.55 -1.53 2.64
N LYS A 53 -8.36 -0.99 2.94
CA LYS A 53 -7.61 -0.12 2.05
C LYS A 53 -6.15 -0.52 2.12
N VAL A 54 -5.52 -0.62 0.94
CA VAL A 54 -4.10 -0.98 0.80
C VAL A 54 -3.35 0.17 0.09
N LEU A 55 -2.18 0.53 0.60
CA LEU A 55 -1.31 1.56 0.02
C LEU A 55 -0.03 0.90 -0.50
N ILE A 56 0.15 0.88 -1.82
CA ILE A 56 1.31 0.23 -2.45
C ILE A 56 2.30 1.30 -2.96
N LEU A 57 3.48 1.39 -2.31
CA LEU A 57 4.53 2.36 -2.67
C LEU A 57 5.54 1.66 -3.57
N VAL A 58 5.60 2.07 -4.83
CA VAL A 58 6.44 1.41 -5.84
C VAL A 58 7.60 2.34 -6.24
N SER A 59 8.79 1.77 -6.38
CA SER A 59 9.99 2.52 -6.81
C SER A 59 10.14 2.47 -8.34
N ASN A 60 9.29 1.65 -9.00
CA ASN A 60 9.36 1.38 -10.44
C ASN A 60 7.97 1.62 -11.07
N ASP A 61 7.95 2.30 -12.24
CA ASP A 61 6.70 2.64 -12.96
C ASP A 61 5.96 1.40 -13.51
N GLU A 62 6.71 0.31 -13.79
CA GLU A 62 6.11 -0.97 -14.23
C GLU A 62 5.36 -1.61 -13.05
N GLU A 63 5.94 -1.46 -11.85
CA GLU A 63 5.31 -1.94 -10.60
C GLU A 63 4.08 -1.10 -10.22
N LEU A 64 4.09 0.19 -10.62
CA LEU A 64 2.91 1.07 -10.53
C LEU A 64 1.74 0.45 -11.31
N ASP A 65 2.03 0.04 -12.56
CA ASP A 65 1.05 -0.56 -13.47
C ASP A 65 0.55 -1.90 -12.93
N LYS A 66 1.51 -2.74 -12.46
CA LYS A 66 1.22 -4.09 -11.93
C LYS A 66 0.26 -3.98 -10.74
N ALA A 67 0.65 -3.16 -9.76
CA ALA A 67 -0.07 -3.02 -8.48
C ALA A 67 -1.51 -2.51 -8.66
N LYS A 68 -1.70 -1.53 -9.60
CA LYS A 68 -3.05 -1.01 -9.94
C LYS A 68 -3.94 -2.13 -10.51
N GLU A 69 -3.47 -2.76 -11.60
CA GLU A 69 -4.26 -3.72 -12.40
C GLU A 69 -4.67 -4.94 -11.55
N LEU A 70 -3.70 -5.45 -10.76
CA LEU A 70 -3.90 -6.58 -9.84
C LEU A 70 -4.97 -6.21 -8.78
N ALA A 71 -4.83 -5.01 -8.17
CA ALA A 71 -5.75 -4.48 -7.14
C ALA A 71 -7.23 -4.46 -7.61
N GLN A 72 -7.42 -4.04 -8.87
CA GLN A 72 -8.75 -3.96 -9.50
C GLN A 72 -9.33 -5.37 -9.70
N LYS A 73 -8.45 -6.31 -10.12
CA LYS A 73 -8.82 -7.73 -10.34
C LYS A 73 -9.10 -8.46 -9.01
N MET A 74 -8.64 -7.88 -7.89
CA MET A 74 -8.88 -8.39 -6.53
C MET A 74 -10.14 -7.77 -5.89
N GLU A 75 -10.79 -6.83 -6.61
CA GLU A 75 -11.96 -6.05 -6.12
C GLU A 75 -11.66 -5.22 -4.84
N ILE A 76 -10.37 -5.05 -4.48
CA ILE A 76 -9.94 -4.39 -3.23
C ILE A 76 -9.73 -2.88 -3.49
N ASP A 77 -10.16 -2.02 -2.53
CA ASP A 77 -9.92 -0.57 -2.60
C ASP A 77 -8.44 -0.30 -2.27
N VAL A 78 -7.66 0.11 -3.28
CA VAL A 78 -6.20 0.32 -3.16
C VAL A 78 -5.79 1.69 -3.74
N ARG A 79 -4.84 2.35 -3.07
CA ARG A 79 -4.15 3.55 -3.55
C ARG A 79 -2.69 3.17 -3.86
N THR A 80 -2.31 3.24 -5.13
CA THR A 80 -0.97 2.88 -5.60
C THR A 80 -0.21 4.18 -5.91
N ARG A 81 0.83 4.47 -5.12
CA ARG A 81 1.62 5.72 -5.23
C ARG A 81 3.07 5.39 -5.58
N LYS A 82 3.61 6.05 -6.62
CA LYS A 82 4.97 5.79 -7.10
C LYS A 82 5.95 6.79 -6.47
N VAL A 83 6.92 6.25 -5.74
CA VAL A 83 7.93 7.03 -5.01
C VAL A 83 9.34 6.73 -5.57
N THR A 84 10.16 7.77 -5.74
CA THR A 84 11.57 7.64 -6.16
C THR A 84 12.50 8.06 -5.01
N SER A 85 11.92 8.73 -3.99
CA SER A 85 12.62 9.18 -2.78
C SER A 85 11.99 8.50 -1.55
N PRO A 86 12.81 8.11 -0.51
CA PRO A 86 12.29 7.54 0.76
C PRO A 86 11.23 8.42 1.45
N ASP A 87 11.47 9.76 1.45
CA ASP A 87 10.57 10.73 2.14
C ASP A 87 9.18 10.81 1.48
N GLU A 88 9.09 10.50 0.18
CA GLU A 88 7.80 10.39 -0.54
C GLU A 88 7.00 9.20 0.01
N ALA A 89 7.70 8.04 0.16
CA ALA A 89 7.09 6.78 0.65
C ALA A 89 6.57 6.96 2.08
N LYS A 90 7.41 7.59 2.91
CA LYS A 90 7.11 7.88 4.32
C LYS A 90 5.88 8.78 4.45
N ARG A 91 5.81 9.83 3.59
CA ARG A 91 4.70 10.80 3.62
C ARG A 91 3.38 10.10 3.34
N TRP A 92 3.30 9.33 2.24
CA TRP A 92 2.04 8.65 1.85
C TRP A 92 1.53 7.68 2.94
N ILE A 93 2.46 7.07 3.71
CA ILE A 93 2.11 6.19 4.85
C ILE A 93 1.44 7.02 5.96
N LYS A 94 1.99 8.22 6.21
CA LYS A 94 1.38 9.21 7.11
C LYS A 94 -0.03 9.60 6.60
N GLU A 95 -0.14 9.97 5.31
CA GLU A 95 -1.41 10.45 4.69
C GLU A 95 -2.50 9.36 4.77
N PHE A 96 -2.06 8.12 4.59
CA PHE A 96 -2.92 6.92 4.58
C PHE A 96 -3.38 6.57 6.01
N SER A 97 -2.58 6.96 7.00
CA SER A 97 -2.91 6.79 8.42
C SER A 97 -3.76 7.97 8.96
N GLU A 98 -3.52 9.19 8.41
CA GLU A 98 -4.23 10.42 8.83
C GLU A 98 -5.68 10.37 8.31
N GLU A 99 -5.79 10.25 6.98
CA GLU A 99 -7.06 10.16 6.27
C GLU A 99 -7.68 8.77 6.45
N GLY A 100 -6.88 7.73 6.13
CA GLY A 100 -7.42 6.38 5.90
C GLY A 100 -8.16 6.35 4.58
N GLY A 101 -9.36 6.92 4.62
CA GLY A 101 -10.13 7.26 3.44
C GLY A 101 -10.92 8.53 3.71
N SER A 102 -10.34 9.70 3.36
CA SER A 102 -10.98 11.02 3.60
C SER A 102 -12.33 11.17 2.85
N LEU A 103 -12.53 10.33 1.82
CA LEU A 103 -13.72 10.31 0.96
C LEU A 103 -13.77 11.64 0.16
N GLU A 104 -12.91 11.71 -0.86
CA GLU A 104 -12.89 12.82 -1.84
C GLU A 104 -14.13 12.77 -2.74
N HIS A 105 -14.47 13.92 -3.34
CA HIS A 105 -15.58 14.03 -4.29
C HIS A 105 -15.14 13.50 -5.66
N HIS A 106 -15.01 12.16 -5.73
CA HIS A 106 -14.60 11.40 -6.92
C HIS A 106 -14.62 9.89 -6.57
N HIS A 107 -15.84 9.37 -6.33
CA HIS A 107 -16.05 7.95 -5.98
C HIS A 107 -17.33 7.43 -6.66
N HIS A 108 -17.13 6.71 -7.77
CA HIS A 108 -18.18 5.97 -8.48
C HIS A 108 -17.51 4.78 -9.19
N HIS A 109 -17.83 3.56 -8.74
CA HIS A 109 -17.24 2.32 -9.29
C HIS A 109 -17.65 2.16 -10.77
N HIS A 110 -16.64 2.17 -11.67
CA HIS A 110 -16.85 2.15 -13.13
C HIS A 110 -15.97 1.08 -13.80
N MET A 1 -10.83 0.19 10.94
CA MET A 1 -10.67 0.11 9.47
C MET A 1 -9.36 -0.64 9.16
N LEU A 2 -9.44 -1.63 8.25
CA LEU A 2 -8.27 -2.43 7.86
C LEU A 2 -7.35 -1.61 6.95
N LEU A 3 -6.22 -1.14 7.50
CA LEU A 3 -5.23 -0.33 6.75
C LEU A 3 -3.91 -1.13 6.61
N TYR A 4 -3.58 -1.50 5.35
CA TYR A 4 -2.35 -2.25 5.04
C TYR A 4 -1.49 -1.47 4.04
N VAL A 5 -0.18 -1.67 4.13
CA VAL A 5 0.81 -1.02 3.27
C VAL A 5 1.69 -2.10 2.60
N LEU A 6 1.74 -2.11 1.24
CA LEU A 6 2.57 -3.06 0.46
C LEU A 6 3.63 -2.25 -0.30
N ILE A 7 4.93 -2.54 -0.11
CA ILE A 7 6.01 -1.73 -0.70
C ILE A 7 6.89 -2.56 -1.68
N ILE A 8 6.84 -2.16 -2.97
CA ILE A 8 7.67 -2.74 -4.04
C ILE A 8 8.87 -1.82 -4.28
N SER A 9 10.05 -2.19 -3.78
CA SER A 9 11.28 -1.39 -3.95
C SER A 9 12.53 -2.27 -3.86
N ASN A 10 13.58 -1.84 -4.57
CA ASN A 10 14.90 -2.48 -4.57
C ASN A 10 15.67 -2.05 -3.32
N ASP A 11 15.59 -0.74 -3.00
CA ASP A 11 16.26 -0.14 -1.84
C ASP A 11 15.60 -0.60 -0.55
N LYS A 12 16.26 -1.55 0.13
CA LYS A 12 15.83 -2.03 1.44
C LYS A 12 15.89 -0.90 2.48
N LYS A 13 16.78 0.10 2.24
CA LYS A 13 16.90 1.30 3.09
C LYS A 13 15.64 2.19 2.97
N LEU A 14 15.14 2.34 1.73
CA LEU A 14 13.88 3.07 1.44
C LEU A 14 12.69 2.37 2.11
N ILE A 15 12.70 1.02 2.06
CA ILE A 15 11.69 0.17 2.68
C ILE A 15 11.75 0.28 4.22
N GLU A 16 12.98 0.31 4.77
CA GLU A 16 13.21 0.39 6.24
C GLU A 16 12.67 1.70 6.79
N GLU A 17 13.09 2.84 6.19
CA GLU A 17 12.65 4.19 6.61
C GLU A 17 11.12 4.36 6.51
N ALA A 18 10.53 3.76 5.45
CA ALA A 18 9.07 3.76 5.24
C ALA A 18 8.37 2.94 6.35
N ARG A 19 8.91 1.73 6.59
CA ARG A 19 8.37 0.76 7.55
C ARG A 19 8.41 1.29 8.99
N LYS A 20 9.45 2.08 9.30
CA LYS A 20 9.61 2.74 10.61
C LYS A 20 8.43 3.71 10.86
N MET A 21 8.02 4.44 9.80
CA MET A 21 6.85 5.32 9.84
C MET A 21 5.55 4.52 9.95
N ALA A 22 5.49 3.36 9.30
CA ALA A 22 4.32 2.45 9.36
C ALA A 22 4.10 1.91 10.78
N GLU A 23 5.20 1.58 11.47
CA GLU A 23 5.17 1.10 12.86
C GLU A 23 4.66 2.19 13.82
N LYS A 24 5.15 3.43 13.61
CA LYS A 24 4.74 4.60 14.41
C LYS A 24 3.29 5.00 14.08
N ALA A 25 2.84 4.67 12.85
CA ALA A 25 1.47 4.95 12.37
C ALA A 25 0.51 3.77 12.67
N ASN A 26 1.04 2.66 13.24
CA ASN A 26 0.25 1.47 13.67
C ASN A 26 -0.41 0.76 12.45
N LEU A 27 0.25 0.89 11.28
CA LEU A 27 -0.15 0.23 10.02
C LEU A 27 0.74 -0.99 9.77
N GLU A 28 0.14 -2.08 9.23
CA GLU A 28 0.87 -3.32 8.91
C GLU A 28 1.51 -3.18 7.52
N LEU A 29 2.86 -3.19 7.46
CA LEU A 29 3.62 -3.10 6.20
C LEU A 29 4.15 -4.49 5.83
N ARG A 30 4.03 -4.84 4.54
CA ARG A 30 4.49 -6.12 3.98
C ARG A 30 5.45 -5.81 2.82
N THR A 31 6.64 -6.44 2.84
CA THR A 31 7.70 -6.18 1.86
C THR A 31 7.48 -7.06 0.61
N VAL A 32 7.18 -6.41 -0.52
CA VAL A 32 6.93 -7.07 -1.78
C VAL A 32 8.27 -7.34 -2.47
N LYS A 33 8.67 -8.62 -2.50
CA LYS A 33 9.95 -9.08 -3.06
C LYS A 33 9.86 -9.19 -4.58
N THR A 34 8.80 -9.87 -5.02
CA THR A 34 8.45 -10.04 -6.45
C THR A 34 7.01 -9.58 -6.66
N GLU A 35 6.58 -9.48 -7.93
CA GLU A 35 5.18 -9.18 -8.31
C GLU A 35 4.21 -10.23 -7.72
N ASP A 36 4.69 -11.47 -7.59
CA ASP A 36 3.91 -12.60 -7.02
C ASP A 36 3.70 -12.46 -5.51
N GLU A 37 4.60 -11.72 -4.81
CA GLU A 37 4.39 -11.34 -3.40
C GLU A 37 3.20 -10.38 -3.30
N LEU A 38 3.11 -9.42 -4.25
CA LEU A 38 2.05 -8.40 -4.29
C LEU A 38 0.68 -9.10 -4.45
N LYS A 39 0.63 -10.03 -5.43
CA LYS A 39 -0.54 -10.88 -5.70
C LYS A 39 -0.93 -11.72 -4.47
N LYS A 40 0.11 -12.35 -3.85
CA LYS A 40 -0.03 -13.20 -2.65
C LYS A 40 -0.70 -12.43 -1.49
N TYR A 41 -0.30 -11.15 -1.34
CA TYR A 41 -0.82 -10.27 -0.30
C TYR A 41 -2.29 -9.93 -0.56
N LEU A 42 -2.61 -9.63 -1.85
CA LEU A 42 -3.99 -9.30 -2.26
C LEU A 42 -4.95 -10.50 -2.09
N GLU A 43 -4.49 -11.72 -2.45
CA GLU A 43 -5.27 -12.97 -2.29
C GLU A 43 -5.53 -13.25 -0.80
N GLU A 44 -4.51 -12.92 0.03
CA GLU A 44 -4.61 -12.97 1.49
C GLU A 44 -5.65 -11.95 2.01
N PHE A 45 -5.66 -10.76 1.35
CA PHE A 45 -6.56 -9.64 1.70
C PHE A 45 -7.98 -9.80 1.12
N ARG A 46 -8.18 -10.79 0.23
CA ARG A 46 -9.50 -11.05 -0.38
C ARG A 46 -10.51 -11.58 0.67
N LYS A 47 -10.06 -12.56 1.48
CA LYS A 47 -10.91 -13.24 2.48
C LYS A 47 -11.38 -12.27 3.58
N GLU A 48 -10.63 -11.15 3.74
CA GLU A 48 -10.84 -10.13 4.77
C GLU A 48 -11.08 -8.77 4.11
N SER A 49 -11.62 -8.78 2.86
CA SER A 49 -11.87 -7.55 2.09
C SER A 49 -13.05 -6.71 2.65
N GLN A 50 -13.65 -7.21 3.76
CA GLN A 50 -14.66 -6.48 4.56
C GLN A 50 -14.06 -5.15 5.12
N ASN A 51 -14.22 -4.08 4.31
CA ASN A 51 -13.77 -2.71 4.64
C ASN A 51 -12.24 -2.65 4.81
N ILE A 52 -11.53 -2.82 3.69
CA ILE A 52 -10.06 -2.85 3.63
C ILE A 52 -9.54 -1.75 2.69
N LYS A 53 -8.39 -1.15 3.06
CA LYS A 53 -7.73 -0.08 2.29
C LYS A 53 -6.23 -0.37 2.29
N VAL A 54 -5.67 -0.58 1.11
CA VAL A 54 -4.26 -0.92 0.91
C VAL A 54 -3.55 0.25 0.19
N LEU A 55 -2.34 0.59 0.63
CA LEU A 55 -1.49 1.60 -0.01
C LEU A 55 -0.23 0.91 -0.54
N ILE A 56 -0.08 0.85 -1.88
CA ILE A 56 1.06 0.19 -2.53
C ILE A 56 2.07 1.26 -3.00
N LEU A 57 3.30 1.22 -2.43
CA LEU A 57 4.38 2.16 -2.77
C LEU A 57 5.38 1.43 -3.66
N VAL A 58 5.47 1.84 -4.93
CA VAL A 58 6.39 1.26 -5.92
C VAL A 58 7.52 2.25 -6.21
N SER A 59 8.60 1.78 -6.84
CA SER A 59 9.69 2.66 -7.31
C SER A 59 9.79 2.66 -8.86
N ASN A 60 8.75 2.09 -9.51
CA ASN A 60 8.69 1.93 -10.99
C ASN A 60 7.28 2.27 -11.50
N ASP A 61 7.20 3.03 -12.62
CA ASP A 61 5.92 3.34 -13.31
C ASP A 61 5.26 2.08 -13.89
N GLU A 62 6.09 1.10 -14.27
CA GLU A 62 5.63 -0.19 -14.80
C GLU A 62 4.94 -0.99 -13.68
N GLU A 63 5.58 -0.99 -12.49
CA GLU A 63 5.04 -1.63 -11.27
C GLU A 63 3.85 -0.85 -10.67
N LEU A 64 3.81 0.48 -10.92
CA LEU A 64 2.65 1.32 -10.58
C LEU A 64 1.38 0.77 -11.27
N ASP A 65 1.43 0.71 -12.61
CA ASP A 65 0.31 0.22 -13.44
C ASP A 65 0.04 -1.28 -13.20
N LYS A 66 1.13 -2.02 -12.90
CA LYS A 66 1.10 -3.45 -12.55
C LYS A 66 0.18 -3.68 -11.34
N ALA A 67 0.45 -2.92 -10.27
CA ALA A 67 -0.25 -3.03 -8.99
C ALA A 67 -1.70 -2.55 -9.11
N LYS A 68 -1.95 -1.58 -10.03
CA LYS A 68 -3.32 -1.11 -10.35
C LYS A 68 -4.15 -2.24 -10.99
N GLU A 69 -3.52 -2.97 -11.96
CA GLU A 69 -4.17 -4.12 -12.64
C GLU A 69 -4.57 -5.19 -11.62
N LEU A 70 -3.56 -5.58 -10.80
CA LEU A 70 -3.68 -6.67 -9.80
C LEU A 70 -4.75 -6.36 -8.75
N ALA A 71 -4.78 -5.07 -8.30
CA ALA A 71 -5.78 -4.55 -7.36
C ALA A 71 -7.20 -4.73 -7.90
N GLN A 72 -7.39 -4.37 -9.19
CA GLN A 72 -8.69 -4.48 -9.87
C GLN A 72 -9.10 -5.94 -10.07
N LYS A 73 -8.11 -6.86 -10.26
CA LYS A 73 -8.38 -8.31 -10.43
C LYS A 73 -9.05 -8.89 -9.17
N MET A 74 -8.79 -8.27 -8.02
CA MET A 74 -9.33 -8.68 -6.72
C MET A 74 -10.51 -7.76 -6.29
N GLU A 75 -10.61 -6.59 -6.98
CA GLU A 75 -11.50 -5.47 -6.61
C GLU A 75 -11.31 -5.01 -5.14
N ILE A 76 -10.07 -5.05 -4.66
CA ILE A 76 -9.69 -4.54 -3.32
C ILE A 76 -9.43 -3.02 -3.45
N ASP A 77 -9.89 -2.24 -2.45
CA ASP A 77 -9.66 -0.80 -2.40
C ASP A 77 -8.17 -0.53 -2.18
N VAL A 78 -7.47 -0.11 -3.24
CA VAL A 78 -6.03 0.17 -3.22
C VAL A 78 -5.77 1.59 -3.77
N ARG A 79 -4.85 2.31 -3.10
CA ARG A 79 -4.27 3.56 -3.57
C ARG A 79 -2.83 3.23 -3.99
N THR A 80 -2.56 3.32 -5.29
CA THR A 80 -1.28 2.92 -5.85
C THR A 80 -0.42 4.18 -6.10
N ARG A 81 0.64 4.33 -5.29
CA ARG A 81 1.55 5.49 -5.30
C ARG A 81 2.95 5.04 -5.71
N LYS A 82 3.61 5.83 -6.58
CA LYS A 82 5.03 5.64 -6.91
C LYS A 82 5.87 6.61 -6.08
N VAL A 83 6.78 6.06 -5.28
CA VAL A 83 7.77 6.83 -4.52
C VAL A 83 9.10 6.84 -5.28
N THR A 84 9.75 8.00 -5.31
CA THR A 84 11.07 8.19 -5.94
C THR A 84 12.13 8.34 -4.84
N SER A 85 11.84 9.25 -3.90
CA SER A 85 12.66 9.46 -2.70
C SER A 85 12.14 8.56 -1.56
N PRO A 86 13.01 8.12 -0.59
CA PRO A 86 12.55 7.47 0.66
C PRO A 86 11.66 8.42 1.47
N ASP A 87 11.89 9.73 1.29
CA ASP A 87 11.06 10.82 1.83
C ASP A 87 9.59 10.62 1.45
N GLU A 88 9.36 10.28 0.16
CA GLU A 88 8.02 10.02 -0.38
C GLU A 88 7.42 8.73 0.22
N ALA A 89 8.27 7.70 0.40
CA ALA A 89 7.86 6.39 0.95
C ALA A 89 7.30 6.54 2.38
N LYS A 90 8.00 7.33 3.19
CA LYS A 90 7.61 7.64 4.58
C LYS A 90 6.37 8.56 4.60
N ARG A 91 6.38 9.53 3.66
CA ARG A 91 5.35 10.59 3.53
C ARG A 91 3.96 10.00 3.31
N TRP A 92 3.79 9.17 2.25
CA TRP A 92 2.48 8.64 1.87
C TRP A 92 1.86 7.74 2.96
N ILE A 93 2.71 7.09 3.77
CA ILE A 93 2.26 6.24 4.89
C ILE A 93 1.74 7.12 6.04
N LYS A 94 2.56 8.14 6.39
CA LYS A 94 2.22 9.20 7.36
C LYS A 94 0.84 9.81 7.04
N GLU A 95 0.68 10.25 5.79
CA GLU A 95 -0.54 10.94 5.32
C GLU A 95 -1.74 9.97 5.22
N PHE A 96 -1.48 8.67 4.90
CA PHE A 96 -2.53 7.62 4.82
C PHE A 96 -3.19 7.37 6.19
N SER A 97 -2.38 7.49 7.27
CA SER A 97 -2.86 7.34 8.65
C SER A 97 -3.49 8.65 9.16
N GLU A 98 -3.03 9.81 8.62
CA GLU A 98 -3.68 11.12 8.88
C GLU A 98 -5.08 11.20 8.20
N GLU A 99 -5.26 10.36 7.16
CA GLU A 99 -6.54 10.16 6.48
C GLU A 99 -7.43 9.17 7.24
N GLY A 100 -6.84 8.44 8.22
CA GLY A 100 -7.52 7.31 8.90
C GLY A 100 -8.02 6.28 7.88
N GLY A 101 -7.30 6.19 6.75
CA GLY A 101 -7.78 5.49 5.57
C GLY A 101 -8.73 6.38 4.76
N SER A 102 -9.95 6.59 5.30
CA SER A 102 -11.01 7.40 4.65
C SER A 102 -11.63 8.43 5.64
N LEU A 103 -11.08 9.64 5.64
CA LEU A 103 -11.73 10.85 6.18
C LEU A 103 -12.26 11.67 5.00
N GLU A 104 -11.39 11.86 4.00
CA GLU A 104 -11.69 12.61 2.76
C GLU A 104 -12.57 11.77 1.81
N HIS A 105 -13.04 12.42 0.74
CA HIS A 105 -14.06 11.90 -0.17
C HIS A 105 -13.50 10.76 -1.05
N HIS A 106 -13.81 9.52 -0.66
CA HIS A 106 -13.48 8.31 -1.44
C HIS A 106 -14.39 8.24 -2.68
N HIS A 107 -13.84 8.63 -3.84
CA HIS A 107 -14.58 8.77 -5.10
C HIS A 107 -14.73 7.41 -5.81
N HIS A 108 -15.73 6.64 -5.35
CA HIS A 108 -16.15 5.38 -5.96
C HIS A 108 -17.68 5.37 -6.02
N HIS A 109 -18.24 5.24 -7.23
CA HIS A 109 -19.70 5.27 -7.47
C HIS A 109 -20.37 4.01 -6.89
N HIS A 110 -21.72 4.06 -6.83
CA HIS A 110 -22.58 2.97 -6.34
C HIS A 110 -22.24 1.63 -7.07
N MET A 1 -11.54 0.10 10.34
CA MET A 1 -10.91 0.45 9.07
C MET A 1 -9.57 -0.31 8.93
N LEU A 2 -9.66 -1.50 8.30
CA LEU A 2 -8.47 -2.32 7.99
C LEU A 2 -7.56 -1.58 6.98
N LEU A 3 -6.39 -1.10 7.45
CA LEU A 3 -5.39 -0.42 6.59
C LEU A 3 -4.15 -1.31 6.44
N TYR A 4 -3.53 -1.28 5.25
CA TYR A 4 -2.29 -2.02 4.95
C TYR A 4 -1.38 -1.18 4.07
N VAL A 5 -0.08 -1.49 4.10
CA VAL A 5 0.95 -0.88 3.25
C VAL A 5 1.80 -2.00 2.62
N LEU A 6 1.84 -2.05 1.28
CA LEU A 6 2.74 -2.96 0.52
C LEU A 6 3.84 -2.11 -0.10
N ILE A 7 5.12 -2.47 0.10
CA ILE A 7 6.25 -1.70 -0.45
C ILE A 7 7.09 -2.54 -1.43
N ILE A 8 7.02 -2.15 -2.72
CA ILE A 8 7.89 -2.68 -3.78
C ILE A 8 9.10 -1.72 -3.93
N SER A 9 10.26 -2.11 -3.37
CA SER A 9 11.49 -1.32 -3.42
C SER A 9 12.70 -2.24 -3.36
N ASN A 10 13.65 -2.07 -4.30
CA ASN A 10 14.93 -2.78 -4.32
C ASN A 10 15.90 -2.20 -3.28
N ASP A 11 15.60 -0.98 -2.79
CA ASP A 11 16.42 -0.27 -1.81
C ASP A 11 16.01 -0.68 -0.40
N LYS A 12 16.90 -1.43 0.26
CA LYS A 12 16.71 -1.98 1.62
C LYS A 12 16.55 -0.85 2.66
N LYS A 13 17.26 0.27 2.43
CA LYS A 13 17.22 1.47 3.29
C LYS A 13 15.85 2.17 3.17
N LEU A 14 15.33 2.26 1.92
CA LEU A 14 14.01 2.85 1.61
C LEU A 14 12.89 2.04 2.31
N ILE A 15 13.05 0.70 2.29
CA ILE A 15 12.15 -0.25 2.95
C ILE A 15 12.11 0.00 4.49
N GLU A 16 13.31 0.17 5.08
CA GLU A 16 13.47 0.45 6.53
C GLU A 16 12.84 1.80 6.90
N GLU A 17 13.09 2.81 6.05
CA GLU A 17 12.58 4.18 6.24
C GLU A 17 11.04 4.22 6.29
N ALA A 18 10.41 3.55 5.32
CA ALA A 18 8.95 3.46 5.21
C ALA A 18 8.36 2.62 6.36
N ARG A 19 9.05 1.50 6.69
CA ARG A 19 8.62 0.56 7.74
C ARG A 19 8.60 1.24 9.12
N LYS A 20 9.56 2.16 9.36
CA LYS A 20 9.61 2.95 10.60
C LYS A 20 8.32 3.78 10.77
N MET A 21 7.92 4.48 9.69
CA MET A 21 6.70 5.31 9.66
C MET A 21 5.43 4.47 9.84
N ALA A 22 5.43 3.26 9.26
CA ALA A 22 4.32 2.31 9.41
C ALA A 22 4.18 1.79 10.85
N GLU A 23 5.33 1.55 11.51
CA GLU A 23 5.37 1.12 12.94
C GLU A 23 4.83 2.24 13.86
N LYS A 24 5.25 3.49 13.57
CA LYS A 24 4.81 4.71 14.30
C LYS A 24 3.28 4.90 14.15
N ALA A 25 2.80 4.73 12.90
CA ALA A 25 1.38 4.87 12.53
C ALA A 25 0.58 3.60 12.90
N ASN A 26 1.32 2.56 13.35
CA ASN A 26 0.78 1.24 13.81
C ASN A 26 0.13 0.46 12.63
N LEU A 27 0.45 0.88 11.39
CA LEU A 27 0.01 0.21 10.15
C LEU A 27 0.83 -1.06 9.88
N GLU A 28 0.20 -2.07 9.28
CA GLU A 28 0.87 -3.33 8.89
C GLU A 28 1.53 -3.16 7.51
N LEU A 29 2.87 -3.13 7.49
CA LEU A 29 3.67 -3.00 6.26
C LEU A 29 4.27 -4.36 5.92
N ARG A 30 4.00 -4.83 4.71
CA ARG A 30 4.51 -6.09 4.19
C ARG A 30 5.47 -5.75 3.03
N THR A 31 6.68 -6.32 3.06
CA THR A 31 7.70 -6.05 2.05
C THR A 31 7.46 -6.93 0.82
N VAL A 32 7.17 -6.30 -0.31
CA VAL A 32 6.91 -6.97 -1.59
C VAL A 32 8.13 -6.84 -2.51
N LYS A 33 8.54 -7.97 -3.13
CA LYS A 33 9.63 -7.98 -4.11
C LYS A 33 9.04 -8.09 -5.53
N THR A 34 8.50 -9.26 -5.85
CA THR A 34 7.91 -9.54 -7.18
C THR A 34 6.39 -9.26 -7.19
N GLU A 35 5.79 -9.29 -8.39
CA GLU A 35 4.33 -9.20 -8.55
C GLU A 35 3.64 -10.45 -7.96
N ASP A 36 4.40 -11.57 -7.88
CA ASP A 36 3.98 -12.81 -7.21
C ASP A 36 3.69 -12.56 -5.72
N GLU A 37 4.58 -11.77 -5.08
CA GLU A 37 4.42 -11.36 -3.68
C GLU A 37 3.25 -10.40 -3.52
N LEU A 38 3.11 -9.47 -4.49
CA LEU A 38 2.06 -8.43 -4.50
C LEU A 38 0.66 -9.09 -4.51
N LYS A 39 0.49 -10.04 -5.44
CA LYS A 39 -0.76 -10.81 -5.61
C LYS A 39 -1.05 -11.68 -4.38
N LYS A 40 0.02 -12.30 -3.82
CA LYS A 40 -0.05 -13.18 -2.64
C LYS A 40 -0.70 -12.45 -1.44
N TYR A 41 -0.23 -11.21 -1.20
CA TYR A 41 -0.73 -10.36 -0.11
C TYR A 41 -2.16 -9.91 -0.40
N LEU A 42 -2.48 -9.61 -1.68
CA LEU A 42 -3.85 -9.25 -2.10
C LEU A 42 -4.86 -10.40 -1.83
N GLU A 43 -4.44 -11.66 -2.02
CA GLU A 43 -5.27 -12.86 -1.73
C GLU A 43 -5.59 -12.96 -0.21
N GLU A 44 -4.59 -12.58 0.61
CA GLU A 44 -4.74 -12.46 2.07
C GLU A 44 -5.70 -11.32 2.44
N PHE A 45 -5.70 -10.25 1.63
CA PHE A 45 -6.64 -9.12 1.77
C PHE A 45 -8.05 -9.45 1.23
N ARG A 46 -8.14 -10.43 0.29
CA ARG A 46 -9.43 -10.83 -0.32
C ARG A 46 -10.29 -11.61 0.69
N LYS A 47 -9.65 -12.55 1.42
CA LYS A 47 -10.35 -13.41 2.40
C LYS A 47 -10.95 -12.59 3.56
N GLU A 48 -10.46 -11.35 3.73
CA GLU A 48 -10.89 -10.42 4.77
C GLU A 48 -11.23 -9.05 4.17
N SER A 49 -11.71 -9.03 2.90
CA SER A 49 -12.09 -7.78 2.21
C SER A 49 -13.44 -7.25 2.76
N GLN A 50 -13.35 -6.63 3.94
CA GLN A 50 -14.49 -6.09 4.69
C GLN A 50 -14.08 -4.71 5.25
N ASN A 51 -14.18 -3.69 4.38
CA ASN A 51 -13.64 -2.34 4.61
C ASN A 51 -12.11 -2.43 4.84
N ILE A 52 -11.40 -2.77 3.75
CA ILE A 52 -9.93 -2.91 3.73
C ILE A 52 -9.33 -2.01 2.63
N LYS A 53 -8.23 -1.30 2.95
CA LYS A 53 -7.58 -0.35 2.05
C LYS A 53 -6.07 -0.53 2.15
N VAL A 54 -5.44 -0.69 0.97
CA VAL A 54 -4.01 -1.03 0.86
C VAL A 54 -3.25 0.11 0.14
N LEU A 55 -2.09 0.49 0.67
CA LEU A 55 -1.23 1.54 0.11
C LEU A 55 0.03 0.89 -0.48
N ILE A 56 0.10 0.82 -1.82
CA ILE A 56 1.23 0.16 -2.50
C ILE A 56 2.23 1.21 -3.00
N LEU A 57 3.41 1.31 -2.35
CA LEU A 57 4.48 2.22 -2.77
C LEU A 57 5.39 1.42 -3.69
N VAL A 58 5.41 1.78 -4.97
CA VAL A 58 6.14 1.04 -6.00
C VAL A 58 7.45 1.76 -6.34
N SER A 59 8.34 1.04 -7.04
CA SER A 59 9.63 1.58 -7.47
C SER A 59 9.46 2.49 -8.70
N ASN A 60 8.89 1.96 -9.80
CA ASN A 60 8.79 2.70 -11.09
C ASN A 60 7.37 2.61 -11.68
N ASP A 61 7.22 3.22 -12.87
CA ASP A 61 5.93 3.34 -13.61
C ASP A 61 5.30 1.98 -13.97
N GLU A 62 6.15 0.97 -14.29
CA GLU A 62 5.64 -0.37 -14.67
C GLU A 62 5.01 -1.05 -13.45
N GLU A 63 5.72 -0.97 -12.31
CA GLU A 63 5.26 -1.55 -11.04
C GLU A 63 3.97 -0.85 -10.56
N LEU A 64 3.87 0.47 -10.83
CA LEU A 64 2.67 1.29 -10.55
C LEU A 64 1.45 0.72 -11.26
N ASP A 65 1.52 0.70 -12.61
CA ASP A 65 0.42 0.29 -13.48
C ASP A 65 0.01 -1.17 -13.23
N LYS A 66 1.02 -2.04 -13.02
CA LYS A 66 0.83 -3.48 -12.83
C LYS A 66 0.14 -3.77 -11.49
N ALA A 67 0.60 -3.12 -10.40
CA ALA A 67 0.04 -3.32 -9.05
C ALA A 67 -1.44 -2.84 -9.00
N LYS A 68 -1.75 -1.80 -9.80
CA LYS A 68 -3.12 -1.31 -9.98
C LYS A 68 -3.98 -2.34 -10.77
N GLU A 69 -3.40 -2.95 -11.83
CA GLU A 69 -4.10 -3.99 -12.63
C GLU A 69 -4.55 -5.16 -11.74
N LEU A 70 -3.61 -5.62 -10.90
CA LEU A 70 -3.81 -6.71 -9.93
C LEU A 70 -4.92 -6.32 -8.93
N ALA A 71 -4.80 -5.09 -8.36
CA ALA A 71 -5.77 -4.53 -7.40
C ALA A 71 -7.21 -4.47 -7.94
N GLN A 72 -7.34 -4.09 -9.22
CA GLN A 72 -8.65 -4.00 -9.91
C GLN A 72 -9.28 -5.39 -10.05
N LYS A 73 -8.46 -6.38 -10.45
CA LYS A 73 -8.94 -7.76 -10.67
C LYS A 73 -9.22 -8.48 -9.32
N MET A 74 -8.59 -7.99 -8.24
CA MET A 74 -8.82 -8.48 -6.86
C MET A 74 -10.02 -7.77 -6.22
N GLU A 75 -10.47 -6.65 -6.86
CA GLU A 75 -11.61 -5.82 -6.39
C GLU A 75 -11.40 -5.22 -4.97
N ILE A 76 -10.13 -4.97 -4.59
CA ILE A 76 -9.77 -4.40 -3.26
C ILE A 76 -9.53 -2.89 -3.41
N ASP A 77 -9.96 -2.10 -2.40
CA ASP A 77 -9.76 -0.63 -2.37
C ASP A 77 -8.27 -0.33 -2.15
N VAL A 78 -7.55 -0.02 -3.23
CA VAL A 78 -6.09 0.18 -3.20
C VAL A 78 -5.70 1.59 -3.71
N ARG A 79 -4.76 2.21 -2.99
CA ARG A 79 -4.14 3.49 -3.31
C ARG A 79 -2.66 3.20 -3.66
N THR A 80 -2.29 3.27 -4.95
CA THR A 80 -0.95 2.88 -5.43
C THR A 80 -0.17 4.13 -5.86
N ARG A 81 0.97 4.40 -5.19
CA ARG A 81 1.79 5.61 -5.42
C ARG A 81 3.20 5.20 -5.89
N LYS A 82 3.70 5.86 -6.96
CA LYS A 82 5.09 5.69 -7.41
C LYS A 82 6.01 6.61 -6.61
N VAL A 83 7.04 6.02 -5.98
CA VAL A 83 8.04 6.77 -5.23
C VAL A 83 9.45 6.40 -5.73
N THR A 84 10.28 7.43 -5.90
CA THR A 84 11.69 7.29 -6.28
C THR A 84 12.58 7.89 -5.17
N SER A 85 11.97 8.14 -3.99
CA SER A 85 12.61 8.75 -2.83
C SER A 85 11.97 8.21 -1.54
N PRO A 86 12.79 7.88 -0.47
CA PRO A 86 12.29 7.27 0.78
C PRO A 86 11.25 8.14 1.52
N ASP A 87 11.53 9.46 1.61
CA ASP A 87 10.69 10.40 2.39
C ASP A 87 9.34 10.64 1.71
N GLU A 88 9.27 10.45 0.37
CA GLU A 88 8.00 10.46 -0.38
C GLU A 88 7.11 9.28 0.07
N ALA A 89 7.74 8.09 0.17
CA ALA A 89 7.07 6.85 0.59
C ALA A 89 6.60 6.94 2.05
N LYS A 90 7.47 7.52 2.90
CA LYS A 90 7.20 7.76 4.32
C LYS A 90 6.02 8.72 4.51
N ARG A 91 5.99 9.78 3.67
CA ARG A 91 4.92 10.77 3.72
C ARG A 91 3.58 10.13 3.38
N TRP A 92 3.50 9.38 2.26
CA TRP A 92 2.24 8.71 1.85
C TRP A 92 1.66 7.78 2.95
N ILE A 93 2.53 7.15 3.75
CA ILE A 93 2.11 6.29 4.87
C ILE A 93 1.47 7.15 5.99
N LYS A 94 2.14 8.29 6.30
CA LYS A 94 1.65 9.30 7.25
C LYS A 94 0.27 9.84 6.80
N GLU A 95 0.16 10.17 5.48
CA GLU A 95 -1.08 10.70 4.88
C GLU A 95 -2.23 9.68 5.05
N PHE A 96 -1.97 8.44 4.61
CA PHE A 96 -2.92 7.31 4.60
C PHE A 96 -3.47 7.00 6.02
N SER A 97 -2.63 7.26 7.04
CA SER A 97 -2.96 7.03 8.45
C SER A 97 -3.81 8.19 9.02
N GLU A 98 -3.44 9.45 8.69
CA GLU A 98 -4.17 10.67 9.13
C GLU A 98 -5.57 10.73 8.49
N GLU A 99 -5.64 10.29 7.24
CA GLU A 99 -6.89 10.18 6.48
C GLU A 99 -7.76 9.02 7.03
N GLY A 100 -7.09 7.99 7.58
CA GLY A 100 -7.75 6.75 7.98
C GLY A 100 -8.40 6.06 6.79
N GLY A 101 -7.67 6.06 5.66
CA GLY A 101 -8.22 5.66 4.36
C GLY A 101 -9.14 6.75 3.77
N SER A 102 -9.22 6.80 2.43
CA SER A 102 -10.13 7.74 1.73
C SER A 102 -11.59 7.24 1.84
N LEU A 103 -12.23 7.59 2.98
CA LEU A 103 -13.59 7.12 3.36
C LEU A 103 -14.67 7.73 2.43
N GLU A 104 -15.12 8.96 2.71
CA GLU A 104 -16.20 9.62 1.96
C GLU A 104 -15.75 10.04 0.55
N HIS A 105 -14.43 10.18 0.35
CA HIS A 105 -13.83 10.56 -0.94
C HIS A 105 -13.90 9.44 -2.01
N HIS A 106 -14.42 8.26 -1.61
CA HIS A 106 -14.76 7.17 -2.56
C HIS A 106 -16.12 7.45 -3.24
N HIS A 107 -17.07 7.99 -2.46
CA HIS A 107 -18.41 8.42 -2.95
C HIS A 107 -18.36 9.82 -3.58
N HIS A 108 -17.22 10.52 -3.42
CA HIS A 108 -16.98 11.85 -4.06
C HIS A 108 -17.01 11.79 -5.61
N HIS A 109 -16.90 10.56 -6.15
CA HIS A 109 -16.60 10.27 -7.57
C HIS A 109 -15.11 10.52 -7.85
N HIS A 110 -14.40 9.44 -8.19
CA HIS A 110 -12.95 9.44 -8.43
C HIS A 110 -12.66 8.90 -9.85
N MET A 1 -10.11 0.49 11.33
CA MET A 1 -10.14 0.48 9.84
C MET A 1 -8.92 -0.28 9.33
N LEU A 2 -9.15 -1.36 8.54
CA LEU A 2 -8.05 -2.18 8.01
C LEU A 2 -7.22 -1.33 7.01
N LEU A 3 -6.05 -0.87 7.46
CA LEU A 3 -5.11 -0.07 6.65
C LEU A 3 -3.79 -0.84 6.51
N TYR A 4 -3.48 -1.29 5.30
CA TYR A 4 -2.26 -2.08 5.01
C TYR A 4 -1.39 -1.32 4.01
N VAL A 5 -0.07 -1.47 4.16
CA VAL A 5 0.92 -0.84 3.29
C VAL A 5 1.81 -1.91 2.64
N LEU A 6 1.89 -1.93 1.30
CA LEU A 6 2.78 -2.83 0.55
C LEU A 6 3.95 -2.02 -0.03
N ILE A 7 5.18 -2.31 0.40
CA ILE A 7 6.37 -1.57 -0.08
C ILE A 7 7.09 -2.39 -1.18
N ILE A 8 7.22 -1.80 -2.37
CA ILE A 8 7.96 -2.38 -3.50
C ILE A 8 9.22 -1.53 -3.70
N SER A 9 10.36 -2.05 -3.27
CA SER A 9 11.66 -1.40 -3.43
C SER A 9 12.76 -2.46 -3.33
N ASN A 10 13.78 -2.33 -4.19
CA ASN A 10 15.01 -3.11 -4.10
C ASN A 10 15.97 -2.44 -3.09
N ASP A 11 15.77 -1.12 -2.87
CA ASP A 11 16.59 -0.32 -1.93
C ASP A 11 16.11 -0.57 -0.49
N LYS A 12 16.93 -1.32 0.26
CA LYS A 12 16.66 -1.73 1.66
C LYS A 12 16.46 -0.52 2.59
N LYS A 13 17.14 0.60 2.27
CA LYS A 13 17.07 1.83 3.06
C LYS A 13 15.65 2.42 2.97
N LEU A 14 15.11 2.50 1.73
CA LEU A 14 13.76 3.03 1.46
C LEU A 14 12.68 2.10 2.07
N ILE A 15 12.95 0.77 2.07
CA ILE A 15 12.06 -0.23 2.70
C ILE A 15 11.96 0.01 4.22
N GLU A 16 13.13 0.19 4.86
CA GLU A 16 13.25 0.44 6.31
C GLU A 16 12.56 1.75 6.69
N GLU A 17 12.84 2.82 5.91
CA GLU A 17 12.26 4.17 6.14
C GLU A 17 10.71 4.15 6.10
N ALA A 18 10.16 3.39 5.13
CA ALA A 18 8.71 3.21 4.95
C ALA A 18 8.13 2.38 6.13
N ARG A 19 8.80 1.26 6.42
CA ARG A 19 8.40 0.33 7.50
C ARG A 19 8.39 1.02 8.86
N LYS A 20 9.37 1.91 9.11
CA LYS A 20 9.48 2.67 10.37
C LYS A 20 8.25 3.57 10.57
N MET A 21 7.78 4.18 9.46
CA MET A 21 6.55 5.00 9.47
C MET A 21 5.32 4.15 9.78
N ALA A 22 5.27 2.95 9.21
CA ALA A 22 4.14 2.03 9.39
C ALA A 22 4.08 1.47 10.83
N GLU A 23 5.26 1.26 11.45
CA GLU A 23 5.38 0.78 12.84
C GLU A 23 4.93 1.86 13.84
N LYS A 24 5.31 3.13 13.54
CA LYS A 24 4.92 4.29 14.37
C LYS A 24 3.43 4.65 14.14
N ALA A 25 2.93 4.37 12.93
CA ALA A 25 1.51 4.58 12.58
C ALA A 25 0.64 3.37 12.96
N ASN A 26 1.31 2.30 13.48
CA ASN A 26 0.67 1.05 13.96
C ASN A 26 -0.07 0.29 12.82
N LEU A 27 0.27 0.63 11.57
CA LEU A 27 -0.28 -0.03 10.36
C LEU A 27 0.59 -1.24 9.99
N GLU A 28 -0.03 -2.26 9.38
CA GLU A 28 0.66 -3.50 9.00
C GLU A 28 1.26 -3.37 7.59
N LEU A 29 2.59 -3.38 7.52
CA LEU A 29 3.36 -3.24 6.27
C LEU A 29 3.96 -4.61 5.89
N ARG A 30 3.86 -4.96 4.60
CA ARG A 30 4.44 -6.19 4.05
C ARG A 30 5.42 -5.81 2.93
N THR A 31 6.59 -6.45 2.94
CA THR A 31 7.66 -6.18 1.98
C THR A 31 7.48 -7.03 0.72
N VAL A 32 7.19 -6.36 -0.39
CA VAL A 32 6.95 -6.97 -1.69
C VAL A 32 8.27 -7.05 -2.48
N LYS A 33 8.61 -8.27 -2.92
CA LYS A 33 9.87 -8.56 -3.64
C LYS A 33 9.62 -8.48 -5.15
N THR A 34 8.55 -9.16 -5.61
CA THR A 34 8.15 -9.26 -7.02
C THR A 34 6.63 -9.04 -7.16
N GLU A 35 6.15 -9.04 -8.41
CA GLU A 35 4.71 -8.92 -8.73
C GLU A 35 3.91 -10.11 -8.15
N ASP A 36 4.53 -11.31 -8.11
CA ASP A 36 3.92 -12.53 -7.56
C ASP A 36 3.67 -12.40 -6.04
N GLU A 37 4.58 -11.66 -5.37
CA GLU A 37 4.42 -11.31 -3.96
C GLU A 37 3.26 -10.34 -3.76
N LEU A 38 3.13 -9.36 -4.68
CA LEU A 38 2.08 -8.33 -4.67
C LEU A 38 0.69 -9.02 -4.71
N LYS A 39 0.57 -9.98 -5.65
CA LYS A 39 -0.64 -10.82 -5.84
C LYS A 39 -0.97 -11.63 -4.57
N LYS A 40 0.10 -12.20 -3.96
CA LYS A 40 0.01 -13.05 -2.76
C LYS A 40 -0.60 -12.30 -1.58
N TYR A 41 -0.13 -11.07 -1.36
CA TYR A 41 -0.58 -10.21 -0.25
C TYR A 41 -2.04 -9.78 -0.48
N LEU A 42 -2.39 -9.52 -1.74
CA LEU A 42 -3.78 -9.21 -2.14
C LEU A 42 -4.75 -10.40 -1.84
N GLU A 43 -4.29 -11.65 -2.05
CA GLU A 43 -5.07 -12.87 -1.72
C GLU A 43 -5.37 -12.94 -0.20
N GLU A 44 -4.39 -12.50 0.61
CA GLU A 44 -4.57 -12.36 2.07
C GLU A 44 -5.63 -11.29 2.37
N PHE A 45 -5.58 -10.17 1.65
CA PHE A 45 -6.52 -9.04 1.81
C PHE A 45 -7.93 -9.34 1.25
N ARG A 46 -8.05 -10.40 0.43
CA ARG A 46 -9.35 -10.87 -0.12
C ARG A 46 -10.22 -11.48 0.99
N LYS A 47 -9.66 -12.46 1.73
CA LYS A 47 -10.40 -13.22 2.76
C LYS A 47 -10.82 -12.36 3.98
N GLU A 48 -10.33 -11.10 4.00
CA GLU A 48 -10.59 -10.15 5.08
C GLU A 48 -10.94 -8.77 4.47
N SER A 49 -11.56 -8.76 3.27
CA SER A 49 -11.95 -7.50 2.58
C SER A 49 -13.21 -6.85 3.23
N GLN A 50 -13.08 -6.51 4.52
CA GLN A 50 -14.18 -6.00 5.36
C GLN A 50 -13.80 -4.58 5.84
N ASN A 51 -14.10 -3.58 4.97
CA ASN A 51 -13.62 -2.19 5.12
C ASN A 51 -12.08 -2.17 5.18
N ILE A 52 -11.47 -2.41 4.02
CA ILE A 52 -10.01 -2.49 3.88
C ILE A 52 -9.52 -1.53 2.78
N LYS A 53 -8.36 -0.92 3.01
CA LYS A 53 -7.64 -0.12 2.03
C LYS A 53 -6.17 -0.49 2.10
N VAL A 54 -5.56 -0.64 0.92
CA VAL A 54 -4.12 -0.95 0.80
C VAL A 54 -3.40 0.20 0.08
N LEU A 55 -2.19 0.52 0.53
CA LEU A 55 -1.33 1.55 -0.08
C LEU A 55 -0.03 0.89 -0.56
N ILE A 56 0.12 0.78 -1.89
CA ILE A 56 1.26 0.12 -2.51
C ILE A 56 2.24 1.21 -3.01
N LEU A 57 3.39 1.36 -2.33
CA LEU A 57 4.43 2.32 -2.74
C LEU A 57 5.39 1.56 -3.66
N VAL A 58 5.42 1.90 -4.95
CA VAL A 58 6.22 1.19 -5.95
C VAL A 58 7.50 1.95 -6.30
N SER A 59 8.53 1.20 -6.68
CA SER A 59 9.79 1.77 -7.16
C SER A 59 9.61 2.25 -8.63
N ASN A 60 9.12 1.32 -9.48
CA ASN A 60 9.06 1.49 -10.94
C ASN A 60 7.67 1.98 -11.39
N ASP A 61 7.65 2.82 -12.45
CA ASP A 61 6.41 3.28 -13.12
C ASP A 61 5.63 2.12 -13.75
N GLU A 62 6.36 1.05 -14.13
CA GLU A 62 5.76 -0.20 -14.64
C GLU A 62 4.98 -0.90 -13.51
N GLU A 63 5.58 -0.91 -12.29
CA GLU A 63 4.96 -1.51 -11.09
C GLU A 63 3.75 -0.71 -10.60
N LEU A 64 3.75 0.62 -10.85
CA LEU A 64 2.59 1.50 -10.55
C LEU A 64 1.31 0.96 -11.21
N ASP A 65 1.36 0.88 -12.55
CA ASP A 65 0.25 0.39 -13.38
C ASP A 65 -0.03 -1.09 -13.07
N LYS A 66 1.04 -1.89 -12.90
CA LYS A 66 0.96 -3.35 -12.70
C LYS A 66 0.19 -3.69 -11.41
N ALA A 67 0.57 -3.03 -10.30
CA ALA A 67 -0.01 -3.25 -8.97
C ALA A 67 -1.46 -2.75 -8.90
N LYS A 68 -1.77 -1.65 -9.65
CA LYS A 68 -3.16 -1.16 -9.79
C LYS A 68 -4.05 -2.20 -10.49
N GLU A 69 -3.55 -2.73 -11.63
CA GLU A 69 -4.27 -3.73 -12.45
C GLU A 69 -4.65 -4.96 -11.60
N LEU A 70 -3.63 -5.48 -10.87
CA LEU A 70 -3.77 -6.66 -9.99
C LEU A 70 -4.82 -6.41 -8.89
N ALA A 71 -4.73 -5.23 -8.25
CA ALA A 71 -5.65 -4.81 -7.16
C ALA A 71 -7.11 -4.71 -7.63
N GLN A 72 -7.29 -4.28 -8.89
CA GLN A 72 -8.61 -4.12 -9.53
C GLN A 72 -9.20 -5.49 -9.93
N LYS A 73 -8.32 -6.45 -10.33
CA LYS A 73 -8.73 -7.85 -10.61
C LYS A 73 -9.18 -8.52 -9.30
N MET A 74 -8.52 -8.12 -8.19
CA MET A 74 -8.83 -8.58 -6.83
C MET A 74 -10.02 -7.81 -6.22
N GLU A 75 -10.47 -6.74 -6.92
CA GLU A 75 -11.59 -5.84 -6.50
C GLU A 75 -11.36 -5.16 -5.13
N ILE A 76 -10.13 -5.19 -4.61
CA ILE A 76 -9.78 -4.60 -3.32
C ILE A 76 -9.55 -3.09 -3.51
N ASP A 77 -10.11 -2.28 -2.59
CA ASP A 77 -10.04 -0.81 -2.64
C ASP A 77 -8.61 -0.36 -2.26
N VAL A 78 -7.79 -0.03 -3.29
CA VAL A 78 -6.33 0.18 -3.14
C VAL A 78 -5.88 1.51 -3.82
N ARG A 79 -4.85 2.15 -3.22
CA ARG A 79 -4.10 3.28 -3.81
C ARG A 79 -2.69 2.77 -4.09
N THR A 80 -2.16 3.10 -5.25
CA THR A 80 -0.78 2.77 -5.62
C THR A 80 -0.06 4.08 -5.99
N ARG A 81 1.04 4.38 -5.28
CA ARG A 81 1.82 5.63 -5.44
C ARG A 81 3.25 5.28 -5.89
N LYS A 82 3.74 5.96 -6.95
CA LYS A 82 5.10 5.75 -7.48
C LYS A 82 6.11 6.62 -6.71
N VAL A 83 6.98 5.97 -5.94
CA VAL A 83 8.02 6.61 -5.11
C VAL A 83 9.42 6.28 -5.64
N THR A 84 10.31 7.29 -5.66
CA THR A 84 11.73 7.11 -6.03
C THR A 84 12.63 7.54 -4.86
N SER A 85 12.18 8.58 -4.12
CA SER A 85 12.85 9.06 -2.90
C SER A 85 12.18 8.41 -1.65
N PRO A 86 12.97 8.14 -0.54
CA PRO A 86 12.42 7.55 0.70
C PRO A 86 11.36 8.46 1.36
N ASP A 87 11.56 9.79 1.17
CA ASP A 87 10.66 10.85 1.66
C ASP A 87 9.21 10.63 1.23
N GLU A 88 9.06 10.18 -0.03
CA GLU A 88 7.76 9.95 -0.67
C GLU A 88 7.05 8.75 -0.02
N ALA A 89 7.81 7.65 0.12
CA ALA A 89 7.29 6.38 0.64
C ALA A 89 6.80 6.56 2.09
N LYS A 90 7.55 7.34 2.88
CA LYS A 90 7.23 7.65 4.28
C LYS A 90 5.98 8.56 4.38
N ARG A 91 5.97 9.64 3.55
CA ARG A 91 4.91 10.66 3.59
C ARG A 91 3.55 10.02 3.37
N TRP A 92 3.41 9.27 2.26
CA TRP A 92 2.13 8.66 1.85
C TRP A 92 1.53 7.75 2.94
N ILE A 93 2.40 7.12 3.76
CA ILE A 93 1.96 6.25 4.88
C ILE A 93 1.35 7.12 6.00
N LYS A 94 2.03 8.25 6.33
CA LYS A 94 1.49 9.23 7.30
C LYS A 94 0.14 9.79 6.83
N GLU A 95 0.05 10.16 5.53
CA GLU A 95 -1.18 10.69 4.91
C GLU A 95 -2.34 9.67 5.05
N PHE A 96 -2.01 8.41 4.68
CA PHE A 96 -2.94 7.26 4.67
C PHE A 96 -3.53 6.96 6.06
N SER A 97 -2.78 7.37 7.11
CA SER A 97 -3.23 7.27 8.50
C SER A 97 -4.16 8.45 8.85
N GLU A 98 -3.66 9.70 8.63
CA GLU A 98 -4.34 10.93 9.12
C GLU A 98 -5.72 11.14 8.45
N GLU A 99 -5.81 10.83 7.16
CA GLU A 99 -7.07 10.89 6.40
C GLU A 99 -8.04 9.80 6.90
N GLY A 100 -7.48 8.62 7.26
CA GLY A 100 -8.25 7.49 7.77
C GLY A 100 -9.06 6.81 6.68
N GLY A 101 -10.21 7.42 6.32
CA GLY A 101 -11.04 6.98 5.21
C GLY A 101 -11.69 5.62 5.44
N SER A 102 -12.92 5.62 5.99
CA SER A 102 -13.69 4.41 6.30
C SER A 102 -14.50 3.95 5.07
N LEU A 103 -13.79 3.81 3.92
CA LEU A 103 -14.38 3.60 2.58
C LEU A 103 -15.32 4.78 2.23
N GLU A 104 -14.75 5.87 1.69
CA GLU A 104 -15.48 7.13 1.48
C GLU A 104 -16.44 7.06 0.27
N HIS A 105 -17.64 6.57 0.57
CA HIS A 105 -18.80 6.46 -0.33
C HIS A 105 -20.03 6.15 0.54
N HIS A 106 -21.24 6.14 -0.04
CA HIS A 106 -22.44 5.71 0.70
C HIS A 106 -22.31 4.20 1.01
N HIS A 107 -22.07 3.89 2.29
CA HIS A 107 -21.91 2.51 2.78
C HIS A 107 -23.20 1.71 2.55
N HIS A 108 -23.10 0.70 1.67
CA HIS A 108 -24.11 -0.35 1.50
C HIS A 108 -23.77 -1.52 2.44
N HIS A 109 -24.81 -2.25 2.86
CA HIS A 109 -24.66 -3.39 3.79
C HIS A 109 -24.07 -4.60 3.03
N HIS A 110 -22.73 -4.63 2.97
CA HIS A 110 -21.96 -5.66 2.24
C HIS A 110 -21.23 -6.55 3.28
N MET A 1 -10.47 0.38 11.60
CA MET A 1 -10.34 0.30 10.12
C MET A 1 -9.11 -0.57 9.78
N LEU A 2 -9.31 -1.63 8.98
CA LEU A 2 -8.24 -2.55 8.57
C LEU A 2 -7.27 -1.82 7.61
N LEU A 3 -6.04 -1.50 8.08
CA LEU A 3 -5.07 -0.74 7.27
C LEU A 3 -3.80 -1.58 7.00
N TYR A 4 -3.49 -1.78 5.72
CA TYR A 4 -2.30 -2.52 5.27
C TYR A 4 -1.50 -1.69 4.26
N VAL A 5 -0.17 -1.79 4.38
CA VAL A 5 0.80 -1.17 3.45
C VAL A 5 1.62 -2.26 2.76
N LEU A 6 1.87 -2.07 1.48
CA LEU A 6 2.71 -2.93 0.64
C LEU A 6 3.78 -2.03 0.03
N ILE A 7 5.01 -2.53 -0.16
CA ILE A 7 6.08 -1.75 -0.79
C ILE A 7 6.86 -2.59 -1.80
N ILE A 8 6.80 -2.17 -3.08
CA ILE A 8 7.58 -2.76 -4.17
C ILE A 8 8.79 -1.85 -4.41
N SER A 9 9.95 -2.26 -3.88
CA SER A 9 11.19 -1.49 -3.95
C SER A 9 12.39 -2.43 -3.81
N ASN A 10 13.39 -2.24 -4.68
CA ASN A 10 14.70 -2.90 -4.54
C ASN A 10 15.60 -2.09 -3.58
N ASP A 11 15.21 -0.82 -3.36
CA ASP A 11 15.91 0.13 -2.47
C ASP A 11 15.66 -0.30 -1.02
N LYS A 12 16.58 -1.10 -0.46
CA LYS A 12 16.46 -1.69 0.88
C LYS A 12 16.34 -0.62 1.98
N LYS A 13 17.05 0.51 1.79
CA LYS A 13 17.07 1.63 2.75
C LYS A 13 15.73 2.41 2.71
N LEU A 14 15.13 2.50 1.52
CA LEU A 14 13.79 3.12 1.31
C LEU A 14 12.71 2.24 1.99
N ILE A 15 12.91 0.90 1.94
CA ILE A 15 12.04 -0.08 2.64
C ILE A 15 12.15 0.10 4.17
N GLU A 16 13.39 0.32 4.65
CA GLU A 16 13.68 0.57 6.08
C GLU A 16 12.96 1.84 6.55
N GLU A 17 13.00 2.90 5.71
CA GLU A 17 12.32 4.17 5.98
C GLU A 17 10.79 3.99 6.08
N ALA A 18 10.25 3.20 5.15
CA ALA A 18 8.81 2.92 5.07
C ALA A 18 8.32 2.09 6.28
N ARG A 19 9.12 1.07 6.64
CA ARG A 19 8.79 0.13 7.74
C ARG A 19 8.75 0.86 9.10
N LYS A 20 9.77 1.72 9.34
CA LYS A 20 9.88 2.49 10.60
C LYS A 20 8.71 3.47 10.75
N MET A 21 8.20 3.98 9.61
CA MET A 21 6.97 4.79 9.56
C MET A 21 5.74 3.95 9.92
N ALA A 22 5.66 2.74 9.34
CA ALA A 22 4.52 1.84 9.53
C ALA A 22 4.36 1.37 11.00
N GLU A 23 5.51 1.25 11.72
CA GLU A 23 5.53 0.95 13.18
C GLU A 23 4.74 2.01 13.96
N LYS A 24 5.11 3.26 13.69
CA LYS A 24 4.59 4.45 14.37
C LYS A 24 3.15 4.77 13.92
N ALA A 25 2.84 4.43 12.66
CA ALA A 25 1.53 4.64 12.06
C ALA A 25 0.55 3.47 12.37
N ASN A 26 1.09 2.39 12.98
CA ASN A 26 0.31 1.18 13.43
C ASN A 26 -0.20 0.34 12.23
N LEU A 27 0.39 0.55 11.04
CA LEU A 27 -0.01 -0.14 9.80
C LEU A 27 0.84 -1.40 9.60
N GLU A 28 0.23 -2.52 9.16
CA GLU A 28 0.97 -3.77 8.88
C GLU A 28 1.59 -3.68 7.47
N LEU A 29 2.93 -3.75 7.40
CA LEU A 29 3.68 -3.55 6.15
C LEU A 29 4.23 -4.89 5.67
N ARG A 30 3.91 -5.24 4.41
CA ARG A 30 4.39 -6.45 3.74
C ARG A 30 5.37 -6.00 2.64
N THR A 31 6.62 -6.48 2.69
CA THR A 31 7.65 -6.16 1.67
C THR A 31 7.50 -7.07 0.46
N VAL A 32 7.17 -6.47 -0.68
CA VAL A 32 6.89 -7.19 -1.94
C VAL A 32 8.19 -7.50 -2.68
N LYS A 33 8.49 -8.80 -2.80
CA LYS A 33 9.76 -9.32 -3.32
C LYS A 33 9.64 -9.65 -4.82
N THR A 34 8.50 -10.27 -5.18
CA THR A 34 8.11 -10.61 -6.57
C THR A 34 6.66 -10.13 -6.81
N GLU A 35 6.16 -10.25 -8.06
CA GLU A 35 4.75 -9.97 -8.40
C GLU A 35 3.81 -10.93 -7.64
N ASP A 36 4.27 -12.21 -7.51
CA ASP A 36 3.53 -13.28 -6.82
C ASP A 36 3.32 -12.96 -5.33
N GLU A 37 4.29 -12.23 -4.74
CA GLU A 37 4.18 -11.74 -3.36
C GLU A 37 3.04 -10.69 -3.27
N LEU A 38 3.02 -9.72 -4.21
CA LEU A 38 2.00 -8.64 -4.26
C LEU A 38 0.58 -9.28 -4.33
N LYS A 39 0.47 -10.26 -5.24
CA LYS A 39 -0.77 -11.01 -5.49
C LYS A 39 -1.26 -11.77 -4.25
N LYS A 40 -0.35 -12.55 -3.61
CA LYS A 40 -0.70 -13.38 -2.43
C LYS A 40 -1.13 -12.51 -1.24
N TYR A 41 -0.52 -11.30 -1.10
CA TYR A 41 -0.89 -10.32 -0.05
C TYR A 41 -2.32 -9.84 -0.27
N LEU A 42 -2.64 -9.50 -1.53
CA LEU A 42 -4.00 -9.07 -1.91
C LEU A 42 -5.04 -10.17 -1.65
N GLU A 43 -4.70 -11.45 -1.95
CA GLU A 43 -5.57 -12.63 -1.67
C GLU A 43 -5.87 -12.75 -0.16
N GLU A 44 -4.82 -12.49 0.64
CA GLU A 44 -4.88 -12.45 2.10
C GLU A 44 -5.83 -11.32 2.59
N PHE A 45 -5.87 -10.22 1.82
CA PHE A 45 -6.76 -9.06 2.10
C PHE A 45 -8.19 -9.26 1.52
N ARG A 46 -8.34 -10.17 0.54
CA ARG A 46 -9.65 -10.40 -0.15
C ARG A 46 -10.70 -10.97 0.80
N LYS A 47 -10.27 -11.92 1.65
CA LYS A 47 -11.14 -12.59 2.64
C LYS A 47 -11.77 -11.58 3.63
N GLU A 48 -11.12 -10.41 3.78
CA GLU A 48 -11.60 -9.30 4.64
C GLU A 48 -11.51 -7.97 3.86
N SER A 49 -11.93 -8.02 2.57
CA SER A 49 -11.92 -6.84 1.66
C SER A 49 -12.98 -5.78 2.03
N GLN A 50 -13.73 -6.01 3.13
CA GLN A 50 -14.61 -4.99 3.75
C GLN A 50 -13.82 -4.24 4.84
N ASN A 51 -14.12 -2.92 4.98
CA ASN A 51 -13.53 -2.03 6.01
C ASN A 51 -11.99 -1.98 5.94
N ILE A 52 -11.44 -2.33 4.77
CA ILE A 52 -9.99 -2.37 4.55
C ILE A 52 -9.58 -1.26 3.58
N LYS A 53 -8.35 -0.79 3.71
CA LYS A 53 -7.68 0.02 2.70
C LYS A 53 -6.28 -0.54 2.54
N VAL A 54 -5.82 -0.67 1.29
CA VAL A 54 -4.46 -1.12 0.98
C VAL A 54 -3.68 0.05 0.34
N LEU A 55 -2.45 0.26 0.79
CA LEU A 55 -1.50 1.22 0.22
C LEU A 55 -0.37 0.42 -0.45
N ILE A 56 0.08 0.86 -1.64
CA ILE A 56 1.25 0.28 -2.33
C ILE A 56 2.21 1.42 -2.73
N LEU A 57 3.47 1.37 -2.24
CA LEU A 57 4.54 2.31 -2.63
C LEU A 57 5.48 1.58 -3.59
N VAL A 58 5.53 2.03 -4.84
CA VAL A 58 6.40 1.47 -5.87
C VAL A 58 7.52 2.45 -6.19
N SER A 59 8.72 1.94 -6.48
CA SER A 59 9.87 2.76 -6.88
C SER A 59 10.02 2.80 -8.42
N ASN A 60 9.10 2.13 -9.15
CA ASN A 60 9.13 2.07 -10.64
C ASN A 60 7.74 2.45 -11.23
N ASP A 61 7.75 3.16 -12.37
CA ASP A 61 6.51 3.60 -13.09
C ASP A 61 5.75 2.43 -13.76
N GLU A 62 6.47 1.39 -14.20
CA GLU A 62 5.85 0.17 -14.74
C GLU A 62 5.23 -0.67 -13.60
N GLU A 63 5.87 -0.61 -12.43
CA GLU A 63 5.40 -1.26 -11.19
C GLU A 63 4.19 -0.53 -10.60
N LEU A 64 4.09 0.79 -10.86
CA LEU A 64 2.88 1.57 -10.60
C LEU A 64 1.69 0.92 -11.32
N ASP A 65 1.85 0.70 -12.64
CA ASP A 65 0.85 0.04 -13.48
C ASP A 65 0.63 -1.42 -13.09
N LYS A 66 1.72 -2.11 -12.70
CA LYS A 66 1.72 -3.54 -12.34
C LYS A 66 0.82 -3.80 -11.12
N ALA A 67 1.08 -3.03 -10.06
CA ALA A 67 0.37 -3.11 -8.78
C ALA A 67 -1.09 -2.66 -8.93
N LYS A 68 -1.34 -1.68 -9.84
CA LYS A 68 -2.70 -1.24 -10.17
C LYS A 68 -3.49 -2.37 -10.86
N GLU A 69 -2.87 -3.06 -11.85
CA GLU A 69 -3.50 -4.18 -12.60
C GLU A 69 -3.95 -5.29 -11.63
N LEU A 70 -3.00 -5.70 -10.76
CA LEU A 70 -3.20 -6.78 -9.77
C LEU A 70 -4.30 -6.41 -8.76
N ALA A 71 -4.34 -5.12 -8.36
CA ALA A 71 -5.41 -4.54 -7.51
C ALA A 71 -6.79 -4.65 -8.19
N GLN A 72 -6.83 -4.39 -9.51
CA GLN A 72 -8.06 -4.47 -10.34
C GLN A 72 -8.58 -5.92 -10.39
N LYS A 73 -7.64 -6.89 -10.53
CA LYS A 73 -7.95 -8.33 -10.59
C LYS A 73 -8.64 -8.82 -9.30
N MET A 74 -8.32 -8.16 -8.17
CA MET A 74 -8.89 -8.48 -6.85
C MET A 74 -10.08 -7.55 -6.53
N GLU A 75 -10.19 -6.43 -7.29
CA GLU A 75 -11.19 -5.36 -7.10
C GLU A 75 -11.13 -4.70 -5.69
N ILE A 76 -9.95 -4.78 -5.01
CA ILE A 76 -9.74 -4.17 -3.67
C ILE A 76 -9.45 -2.65 -3.84
N ASP A 77 -9.90 -1.83 -2.88
CA ASP A 77 -9.66 -0.38 -2.87
C ASP A 77 -8.20 -0.10 -2.40
N VAL A 78 -7.36 0.21 -3.39
CA VAL A 78 -5.90 0.35 -3.22
C VAL A 78 -5.45 1.76 -3.65
N ARG A 79 -4.53 2.35 -2.87
CA ARG A 79 -3.86 3.62 -3.20
C ARG A 79 -2.45 3.27 -3.67
N THR A 80 -2.18 3.36 -4.98
CA THR A 80 -0.90 2.96 -5.54
C THR A 80 -0.13 4.23 -5.92
N ARG A 81 0.90 4.56 -5.12
CA ARG A 81 1.70 5.78 -5.25
C ARG A 81 3.12 5.42 -5.70
N LYS A 82 3.63 6.10 -6.73
CA LYS A 82 5.02 5.96 -7.17
C LYS A 82 5.88 7.00 -6.44
N VAL A 83 6.93 6.52 -5.77
CA VAL A 83 7.81 7.35 -4.94
C VAL A 83 9.13 7.62 -5.69
N THR A 84 9.55 8.88 -5.67
CA THR A 84 10.80 9.34 -6.29
C THR A 84 11.92 9.38 -5.24
N SER A 85 11.55 9.85 -4.05
CA SER A 85 12.40 9.92 -2.86
C SER A 85 11.88 8.93 -1.78
N PRO A 86 12.74 8.52 -0.78
CA PRO A 86 12.27 7.79 0.43
C PRO A 86 11.27 8.65 1.23
N ASP A 87 11.49 9.98 1.16
CA ASP A 87 10.64 11.02 1.75
C ASP A 87 9.17 10.89 1.30
N GLU A 88 8.99 10.54 0.01
CA GLU A 88 7.65 10.37 -0.59
C GLU A 88 6.95 9.14 0.01
N ALA A 89 7.70 8.02 0.11
CA ALA A 89 7.17 6.73 0.63
C ALA A 89 6.66 6.88 2.05
N LYS A 90 7.48 7.55 2.88
CA LYS A 90 7.18 7.84 4.29
C LYS A 90 5.96 8.75 4.44
N ARG A 91 5.89 9.77 3.55
CA ARG A 91 4.80 10.75 3.55
C ARG A 91 3.47 10.08 3.28
N TRP A 92 3.37 9.29 2.18
CA TRP A 92 2.13 8.60 1.78
C TRP A 92 1.62 7.60 2.85
N ILE A 93 2.54 7.06 3.67
CA ILE A 93 2.18 6.21 4.82
C ILE A 93 1.51 7.05 5.92
N LYS A 94 2.09 8.24 6.19
CA LYS A 94 1.50 9.22 7.13
C LYS A 94 0.12 9.68 6.64
N GLU A 95 0.01 9.98 5.32
CA GLU A 95 -1.23 10.46 4.68
C GLU A 95 -2.36 9.42 4.85
N PHE A 96 -1.99 8.14 4.61
CA PHE A 96 -2.87 6.96 4.67
C PHE A 96 -3.47 6.77 6.07
N SER A 97 -2.67 7.11 7.10
CA SER A 97 -3.08 7.04 8.52
C SER A 97 -4.01 8.21 8.88
N GLU A 98 -3.69 9.43 8.36
CA GLU A 98 -4.46 10.67 8.62
C GLU A 98 -5.82 10.66 7.90
N GLU A 99 -5.91 9.84 6.82
CA GLU A 99 -7.19 9.49 6.19
C GLU A 99 -8.06 8.71 7.20
N GLY A 100 -7.42 7.71 7.84
CA GLY A 100 -8.08 6.78 8.75
C GLY A 100 -8.83 5.70 7.99
N GLY A 101 -9.96 6.08 7.40
CA GLY A 101 -10.79 5.17 6.61
C GLY A 101 -12.19 5.72 6.38
N SER A 102 -12.35 6.50 5.29
CA SER A 102 -13.62 7.13 4.84
C SER A 102 -13.99 8.40 5.66
N LEU A 103 -13.64 8.43 6.98
CA LEU A 103 -14.08 9.44 7.99
C LEU A 103 -15.55 9.17 8.38
N GLU A 104 -16.40 9.23 7.36
CA GLU A 104 -17.85 8.99 7.48
C GLU A 104 -18.16 7.51 7.17
N HIS A 105 -17.38 6.60 7.80
CA HIS A 105 -17.44 5.12 7.56
C HIS A 105 -18.73 4.46 8.10
N HIS A 106 -19.74 5.28 8.47
CA HIS A 106 -21.14 4.84 8.56
C HIS A 106 -21.60 4.30 7.18
N HIS A 107 -21.18 4.99 6.08
CA HIS A 107 -21.42 4.49 4.70
C HIS A 107 -20.32 3.47 4.33
N HIS A 108 -20.76 2.22 4.09
CA HIS A 108 -19.90 1.08 3.67
C HIS A 108 -20.82 -0.12 3.43
N HIS A 109 -20.51 -0.96 2.43
CA HIS A 109 -21.33 -2.14 2.09
C HIS A 109 -20.46 -3.40 1.98
N HIS A 110 -21.00 -4.51 2.50
CA HIS A 110 -20.39 -5.83 2.43
C HIS A 110 -21.50 -6.86 2.18
#